data_4BNF
#
_entry.id   4BNF
#
_cell.length_a   90.050
_cell.length_b   94.890
_cell.length_c   94.830
_cell.angle_alpha   98.08
_cell.angle_beta   97.29
_cell.angle_gamma   112.29
#
_symmetry.space_group_name_H-M   'P 1'
#
loop_
_entity.id
_entity.type
_entity.pdbx_description
1 polymer 'ENOYL-[ACYL-CARRIER-PROTEIN] REDUCTASE [NADPH]'
2 non-polymer 'GLUTAMIC ACID'
3 non-polymer 'NADP NICOTINAMIDE-ADENINE-DINUCLEOTIDE PHOSPHATE'
4 non-polymer 2-phenoxy-5-propyl-phenol
5 water water
#
_entity_poly.entity_id   1
_entity_poly.type   'polypeptide(L)'
_entity_poly.pdbx_seq_one_letter_code
;MKHHHHHHPMSDYDIPTTENLYFQGAMVNLENKTYVIMGIANKRSIAFGVAKVLDQLGAKLVFTYRKERSRKELEKLLEQ
LNQPEAHLYQIDVQSDEEVINGFEQIGKDVGNIDGVYHSIAFANMEDLRGRFSETSREGFLLAQDISSYSLTIVAHEAKK
LMPEGGSIVATTYLGGEFAVQNYNVMGVAKASLEANVKYLALDLGPDNIRVNAISAGPIRTLSAKGVGGFNTILKEIEER
APLKRNVDQVEVGKTAAYLLSDLSSGVTGENIHVDSGFHAIK
;
_entity_poly.pdbx_strand_id   A,B,C,D,E,F,G,H
#
loop_
_chem_comp.id
_chem_comp.type
_chem_comp.name
_chem_comp.formula
NAP non-polymer 'NADP NICOTINAMIDE-ADENINE-DINUCLEOTIDE PHOSPHATE' 'C21 H28 N7 O17 P3'
PV4 non-polymer 2-phenoxy-5-propyl-phenol 'C15 H16 O2'
#
# COMPACT_ATOMS: atom_id res chain seq x y z
N ASN A 29 -35.46 -13.07 8.49
CA ASN A 29 -35.16 -14.16 7.53
C ASN A 29 -35.11 -13.75 6.05
N LEU A 30 -33.99 -14.01 5.36
CA LEU A 30 -33.85 -13.62 3.96
C LEU A 30 -34.00 -14.73 2.90
N GLU A 31 -34.66 -15.83 3.24
CA GLU A 31 -34.89 -16.85 2.23
C GLU A 31 -35.82 -16.32 1.16
N ASN A 32 -35.64 -16.81 -0.06
CA ASN A 32 -36.44 -16.32 -1.17
C ASN A 32 -36.14 -14.89 -1.56
N LYS A 33 -35.11 -14.30 -0.92
CA LYS A 33 -34.55 -13.03 -1.33
C LYS A 33 -33.26 -13.20 -2.13
N THR A 34 -33.06 -12.33 -3.11
CA THR A 34 -31.83 -12.31 -3.88
C THR A 34 -31.18 -10.94 -3.79
N TYR A 35 -29.88 -10.91 -3.50
CA TYR A 35 -29.10 -9.67 -3.40
C TYR A 35 -27.83 -9.75 -4.26
N VAL A 36 -27.50 -8.68 -4.95
CA VAL A 36 -26.24 -8.58 -5.69
C VAL A 36 -25.18 -7.91 -4.82
N ILE A 37 -24.02 -8.54 -4.63
CA ILE A 37 -22.97 -7.98 -3.82
C ILE A 37 -21.81 -7.59 -4.73
N MET A 38 -21.47 -6.32 -4.75
CA MET A 38 -20.48 -5.83 -5.68
C MET A 38 -19.24 -5.50 -4.87
N GLY A 39 -18.08 -5.93 -5.35
CA GLY A 39 -16.81 -5.49 -4.79
C GLY A 39 -16.16 -6.45 -3.80
N ILE A 40 -16.39 -7.76 -3.93
CA ILE A 40 -15.49 -8.71 -3.24
C ILE A 40 -14.12 -8.89 -3.94
N ALA A 41 -13.02 -8.63 -3.26
CA ALA A 41 -11.69 -8.93 -3.83
C ALA A 41 -10.99 -10.10 -3.16
N ASN A 42 -11.16 -10.22 -1.84
CA ASN A 42 -10.63 -11.36 -1.12
C ASN A 42 -11.35 -11.59 0.19
N LYS A 43 -10.78 -12.42 1.05
CA LYS A 43 -11.48 -12.81 2.28
C LYS A 43 -11.60 -11.63 3.24
N ARG A 44 -10.76 -10.63 3.09
CA ARG A 44 -10.77 -9.46 3.97
CA ARG A 44 -10.82 -9.47 3.99
C ARG A 44 -11.74 -8.35 3.50
N SER A 45 -12.14 -8.35 2.23
CA SER A 45 -13.15 -7.37 1.76
C SER A 45 -14.33 -7.17 2.70
N ILE A 46 -14.81 -5.94 2.81
CA ILE A 46 -16.03 -5.69 3.55
C ILE A 46 -17.22 -6.42 2.90
N ALA A 47 -17.25 -6.43 1.56
CA ALA A 47 -18.33 -7.17 0.89
C ALA A 47 -18.38 -8.67 1.22
N PHE A 48 -17.25 -9.30 1.54
CA PHE A 48 -17.27 -10.70 1.96
C PHE A 48 -17.88 -10.90 3.35
N GLY A 49 -17.71 -9.91 4.22
CA GLY A 49 -18.47 -9.80 5.47
C GLY A 49 -19.97 -9.75 5.28
N VAL A 50 -20.40 -8.82 4.42
CA VAL A 50 -21.79 -8.76 3.97
C VAL A 50 -22.23 -10.12 3.41
N ALA A 51 -21.45 -10.69 2.50
CA ALA A 51 -21.79 -11.99 1.93
C ALA A 51 -22.02 -13.10 3.00
N LYS A 52 -21.06 -13.35 3.89
CA LYS A 52 -21.25 -14.35 4.95
C LYS A 52 -22.52 -14.10 5.73
N VAL A 53 -22.84 -12.85 6.03
CA VAL A 53 -24.05 -12.61 6.83
C VAL A 53 -25.34 -12.91 6.05
N LEU A 54 -25.45 -12.38 4.83
CA LEU A 54 -26.63 -12.62 4.01
C LEU A 54 -26.71 -14.11 3.72
N ASP A 55 -25.59 -14.73 3.35
CA ASP A 55 -25.62 -16.16 3.04
C ASP A 55 -26.10 -16.96 4.24
N GLN A 56 -25.59 -16.64 5.42
CA GLN A 56 -26.03 -17.26 6.68
C GLN A 56 -27.52 -17.09 6.91
N LEU A 57 -28.10 -16.01 6.38
CA LEU A 57 -29.52 -15.70 6.64
C LEU A 57 -30.43 -16.31 5.57
N GLY A 58 -29.81 -16.85 4.52
CA GLY A 58 -30.50 -17.76 3.62
C GLY A 58 -30.84 -17.15 2.26
N ALA A 59 -30.25 -16.00 1.98
CA ALA A 59 -30.48 -15.34 0.71
C ALA A 59 -29.70 -16.05 -0.39
N LYS A 60 -30.25 -16.02 -1.60
CA LYS A 60 -29.46 -16.33 -2.78
C LYS A 60 -28.61 -15.10 -3.12
N LEU A 61 -27.32 -15.26 -3.42
CA LEU A 61 -26.43 -14.11 -3.74
C LEU A 61 -25.86 -14.17 -5.16
N VAL A 62 -25.71 -13.01 -5.79
CA VAL A 62 -25.03 -12.87 -7.06
C VAL A 62 -23.82 -12.00 -6.76
N PHE A 63 -22.70 -12.21 -7.45
CA PHE A 63 -21.49 -11.45 -7.14
C PHE A 63 -20.93 -10.76 -8.39
N THR A 64 -20.52 -9.51 -8.26
CA THR A 64 -19.84 -8.90 -9.39
C THR A 64 -18.38 -8.60 -9.03
N TYR A 65 -17.47 -8.65 -10.01
CA TYR A 65 -16.04 -8.36 -9.75
C TYR A 65 -15.51 -7.57 -10.94
N ARG A 66 -14.33 -7.01 -10.79
CA ARG A 66 -13.61 -6.38 -11.89
C ARG A 66 -12.47 -7.29 -12.37
N LYS A 67 -11.51 -7.59 -11.49
CA LYS A 67 -10.27 -8.25 -11.89
C LYS A 67 -10.42 -9.77 -11.93
N GLU A 68 -9.70 -10.42 -12.84
CA GLU A 68 -9.66 -11.88 -12.94
CA GLU A 68 -9.80 -11.88 -12.89
C GLU A 68 -9.32 -12.48 -11.56
N ARG A 69 -8.37 -11.86 -10.89
CA ARG A 69 -7.95 -12.38 -9.60
C ARG A 69 -9.10 -12.42 -8.57
N SER A 70 -10.02 -11.46 -8.66
CA SER A 70 -11.14 -11.40 -7.72
C SER A 70 -12.20 -12.48 -7.97
N ARG A 71 -12.45 -12.76 -9.24
CA ARG A 71 -13.27 -13.92 -9.60
C ARG A 71 -12.63 -15.19 -9.03
N LYS A 72 -11.30 -15.26 -9.07
CA LYS A 72 -10.65 -16.47 -8.59
C LYS A 72 -10.89 -16.56 -7.08
N GLU A 73 -10.75 -15.44 -6.39
CA GLU A 73 -10.97 -15.47 -4.94
C GLU A 73 -12.43 -15.79 -4.64
N LEU A 74 -13.35 -15.25 -5.44
CA LEU A 74 -14.76 -15.52 -5.25
C LEU A 74 -15.07 -16.99 -5.38
N GLU A 75 -14.51 -17.62 -6.41
CA GLU A 75 -14.72 -19.04 -6.66
C GLU A 75 -14.25 -19.86 -5.47
N LYS A 76 -13.14 -19.45 -4.86
CA LYS A 76 -12.57 -20.09 -3.67
C LYS A 76 -13.47 -19.90 -2.42
N LEU A 77 -14.05 -18.71 -2.26
CA LEU A 77 -14.73 -18.33 -1.02
C LEU A 77 -16.14 -18.87 -0.95
N LEU A 78 -16.70 -19.19 -2.12
CA LEU A 78 -18.02 -19.78 -2.22
C LEU A 78 -18.07 -21.16 -1.58
N GLU A 79 -16.92 -21.84 -1.49
CA GLU A 79 -16.82 -23.06 -0.68
C GLU A 79 -17.24 -22.89 0.77
N GLN A 80 -17.08 -21.70 1.34
CA GLN A 80 -17.52 -21.41 2.70
C GLN A 80 -18.98 -21.06 2.81
N LEU A 81 -19.60 -20.73 1.69
CA LEU A 81 -20.98 -20.26 1.78
C LEU A 81 -21.91 -21.41 1.46
N ASN A 82 -23.21 -21.19 1.61
CA ASN A 82 -24.20 -22.19 1.29
C ASN A 82 -24.94 -21.87 -0.01
N GLN A 83 -24.36 -21.04 -0.87
CA GLN A 83 -24.98 -20.80 -2.16
C GLN A 83 -24.86 -22.10 -2.96
N PRO A 84 -25.97 -22.68 -3.46
CA PRO A 84 -25.76 -23.93 -4.19
C PRO A 84 -25.31 -23.69 -5.64
N GLU A 85 -25.38 -22.45 -6.13
CA GLU A 85 -24.69 -22.16 -7.38
C GLU A 85 -23.99 -20.81 -7.34
N ALA A 86 -22.92 -20.74 -8.12
CA ALA A 86 -22.06 -19.57 -8.25
C ALA A 86 -22.61 -18.65 -9.33
N HIS A 87 -23.11 -17.48 -8.95
CA HIS A 87 -23.50 -16.47 -9.94
C HIS A 87 -22.48 -15.33 -9.93
N LEU A 88 -21.56 -15.35 -10.89
CA LEU A 88 -20.44 -14.41 -10.91
C LEU A 88 -20.47 -13.60 -12.19
N TYR A 89 -20.45 -12.28 -12.09
CA TYR A 89 -20.44 -11.44 -13.27
C TYR A 89 -19.32 -10.42 -13.20
N GLN A 90 -18.55 -10.31 -14.28
CA GLN A 90 -17.51 -9.30 -14.33
C GLN A 90 -18.18 -7.97 -14.66
N ILE A 91 -18.16 -7.03 -13.71
CA ILE A 91 -18.61 -5.67 -13.98
C ILE A 91 -17.59 -4.63 -13.52
N ASP A 92 -16.98 -3.97 -14.49
CA ASP A 92 -16.17 -2.80 -14.22
C ASP A 92 -17.09 -1.57 -14.30
N VAL A 93 -17.32 -0.97 -13.13
CA VAL A 93 -18.26 0.14 -13.09
C VAL A 93 -17.77 1.38 -13.84
N GLN A 94 -16.59 1.36 -14.43
CA GLN A 94 -16.21 2.47 -15.32
C GLN A 94 -16.90 2.42 -16.68
N SER A 95 -17.56 1.30 -16.97
CA SER A 95 -18.16 1.08 -18.27
C SER A 95 -19.67 1.04 -18.08
N ASP A 96 -20.35 1.97 -18.71
CA ASP A 96 -21.80 1.91 -18.78
C ASP A 96 -22.22 0.55 -19.31
N GLU A 97 -21.59 0.17 -20.42
CA GLU A 97 -22.00 -1.02 -21.15
CA GLU A 97 -21.96 -1.04 -21.16
C GLU A 97 -21.88 -2.26 -20.26
N GLU A 98 -20.81 -2.36 -19.47
CA GLU A 98 -20.68 -3.52 -18.58
C GLU A 98 -21.72 -3.53 -17.47
N VAL A 99 -22.10 -2.34 -16.96
CA VAL A 99 -23.10 -2.23 -15.90
C VAL A 99 -24.49 -2.56 -16.49
N ILE A 100 -24.76 -1.96 -17.65
CA ILE A 100 -26.03 -2.20 -18.33
C ILE A 100 -26.17 -3.70 -18.61
N ASN A 101 -25.20 -4.28 -19.31
CA ASN A 101 -25.23 -5.68 -19.73
C ASN A 101 -25.12 -6.66 -18.58
N GLY A 102 -24.30 -6.35 -17.58
CA GLY A 102 -24.18 -7.22 -16.40
C GLY A 102 -25.47 -7.40 -15.63
N PHE A 103 -26.20 -6.32 -15.36
CA PHE A 103 -27.50 -6.42 -14.69
C PHE A 103 -28.58 -7.02 -15.58
N GLU A 104 -28.56 -6.67 -16.87
CA GLU A 104 -29.47 -7.34 -17.76
C GLU A 104 -29.20 -8.85 -17.72
N GLN A 105 -27.94 -9.29 -17.76
CA GLN A 105 -27.65 -10.73 -17.62
C GLN A 105 -28.11 -11.32 -16.28
N ILE A 106 -27.85 -10.63 -15.17
CA ILE A 106 -28.29 -11.13 -13.86
C ILE A 106 -29.80 -11.38 -13.85
N GLY A 107 -30.54 -10.39 -14.34
CA GLY A 107 -32.00 -10.54 -14.39
C GLY A 107 -32.45 -11.72 -15.23
N LYS A 108 -31.75 -12.01 -16.33
CA LYS A 108 -32.04 -13.22 -17.11
C LYS A 108 -31.64 -14.51 -16.40
N ASP A 109 -30.55 -14.48 -15.62
CA ASP A 109 -30.14 -15.70 -14.93
C ASP A 109 -30.89 -15.98 -13.63
N VAL A 110 -31.30 -14.94 -12.90
CA VAL A 110 -31.88 -15.15 -11.55
C VAL A 110 -33.24 -14.47 -11.35
N GLY A 111 -33.59 -13.57 -12.25
CA GLY A 111 -34.87 -12.85 -12.19
C GLY A 111 -34.81 -11.54 -11.40
N ASN A 112 -35.92 -11.20 -10.76
CA ASN A 112 -35.98 -9.99 -9.98
C ASN A 112 -35.19 -10.14 -8.69
N ILE A 113 -34.45 -9.08 -8.38
CA ILE A 113 -33.71 -9.00 -7.13
C ILE A 113 -34.35 -8.10 -6.07
N ASP A 114 -33.81 -8.20 -4.87
CA ASP A 114 -34.30 -7.44 -3.73
C ASP A 114 -33.39 -6.31 -3.25
N GLY A 115 -32.13 -6.29 -3.68
CA GLY A 115 -31.22 -5.24 -3.26
C GLY A 115 -29.83 -5.43 -3.83
N VAL A 116 -28.99 -4.43 -3.65
CA VAL A 116 -27.64 -4.39 -4.18
C VAL A 116 -26.82 -3.84 -3.01
N TYR A 117 -25.76 -4.56 -2.61
CA TYR A 117 -24.75 -4.02 -1.70
C TYR A 117 -23.56 -3.50 -2.53
N HIS A 118 -23.24 -2.20 -2.46
CA HIS A 118 -22.16 -1.59 -3.27
C HIS A 118 -20.97 -1.35 -2.34
N SER A 119 -19.80 -1.88 -2.72
CA SER A 119 -18.59 -1.90 -1.91
C SER A 119 -17.39 -1.66 -2.81
N ILE A 120 -17.47 -0.56 -3.55
CA ILE A 120 -16.51 -0.34 -4.62
C ILE A 120 -15.95 1.05 -4.45
N ALA A 121 -14.62 1.19 -4.48
CA ALA A 121 -14.06 2.52 -4.52
C ALA A 121 -12.68 2.41 -5.12
N PHE A 122 -12.12 3.53 -5.52
CA PHE A 122 -10.72 3.48 -5.96
C PHE A 122 -10.17 4.90 -5.99
N ALA A 123 -8.92 5.11 -5.59
CA ALA A 123 -8.13 6.27 -6.04
C ALA A 123 -6.68 5.86 -6.33
N ASN A 124 -5.88 6.66 -7.05
CA ASN A 124 -4.45 6.36 -7.20
C ASN A 124 -3.74 6.62 -5.89
N MET A 125 -2.87 5.69 -5.49
N MET A 125 -2.76 5.77 -5.58
CA MET A 125 -2.14 5.73 -4.23
CA MET A 125 -1.73 6.07 -4.60
C MET A 125 -1.53 7.10 -3.94
C MET A 125 -1.11 7.44 -4.85
N GLU A 126 -0.94 7.73 -4.97
N GLU A 126 -0.82 7.73 -6.12
CA GLU A 126 -0.33 9.04 -4.83
CA GLU A 126 -0.10 8.95 -6.49
C GLU A 126 -1.28 10.08 -4.20
C GLU A 126 -0.80 10.20 -5.97
N ASP A 127 -2.53 9.66 -3.98
N ASP A 127 -2.14 10.13 -5.93
CA ASP A 127 -3.64 10.55 -3.63
CA ASP A 127 -2.96 11.23 -5.41
C ASP A 127 -4.19 10.33 -2.21
C ASP A 127 -3.23 11.11 -3.91
N LEU A 128 -3.59 9.42 -1.43
N LEU A 128 -3.54 9.90 -3.45
CA LEU A 128 -4.08 9.08 -0.08
CA LEU A 128 -3.74 9.61 -2.03
C LEU A 128 -2.99 9.22 0.99
C LEU A 128 -2.53 10.01 -1.17
N ARG A 129 -2.27 10.33 0.87
N ARG A 129 -1.36 9.56 -1.57
CA ARG A 129 -1.11 10.66 1.70
CA ARG A 129 -0.13 9.83 -0.83
C ARG A 129 -0.64 12.03 1.22
C ARG A 129 0.50 11.11 -1.42
N GLY A 130 0.15 12.73 2.04
N GLY A 130 -0.15 12.24 -1.16
CA GLY A 130 0.66 14.02 1.64
CA GLY A 130 0.29 13.55 -1.61
C GLY A 130 -0.46 15.04 1.52
C GLY A 130 -0.59 14.55 -0.89
N ARG A 131 -0.37 15.88 0.48
N ARG A 131 -0.21 15.83 -0.84
CA ARG A 131 -1.18 17.09 0.31
CA ARG A 131 -1.06 16.85 -0.20
C ARG A 131 -2.27 16.95 -0.75
C ARG A 131 -2.37 17.03 -0.99
N PHE A 132 -3.50 17.20 -0.31
CA PHE A 132 -4.71 17.17 -1.07
C PHE A 132 -4.74 18.29 -2.11
N SER A 133 -4.17 19.43 -1.78
CA SER A 133 -4.14 20.56 -2.68
C SER A 133 -3.39 20.22 -3.99
N GLU A 134 -2.70 19.08 -4.02
CA GLU A 134 -1.83 18.75 -5.16
C GLU A 134 -2.44 17.64 -6.02
N THR A 135 -3.61 17.16 -5.62
CA THR A 135 -4.39 16.21 -6.39
C THR A 135 -4.56 16.58 -7.84
N SER A 136 -4.32 15.60 -8.72
CA SER A 136 -4.51 15.78 -10.17
C SER A 136 -6.00 15.74 -10.49
N ARG A 137 -6.37 16.48 -11.53
CA ARG A 137 -7.71 16.41 -12.09
C ARG A 137 -8.04 14.97 -12.44
N GLU A 138 -7.12 14.34 -13.17
CA GLU A 138 -7.25 12.95 -13.59
C GLU A 138 -7.61 12.07 -12.37
N GLY A 139 -6.84 12.21 -11.29
CA GLY A 139 -7.06 11.44 -10.09
C GLY A 139 -8.33 11.78 -9.32
N PHE A 140 -8.69 13.06 -9.29
CA PHE A 140 -9.92 13.50 -8.64
C PHE A 140 -11.08 12.88 -9.37
N LEU A 141 -11.06 12.98 -10.70
CA LEU A 141 -12.21 12.55 -11.48
C LEU A 141 -12.36 11.02 -11.49
N LEU A 142 -11.23 10.29 -11.47
CA LEU A 142 -11.24 8.83 -11.35
C LEU A 142 -11.84 8.34 -10.00
N ALA A 143 -11.47 8.97 -8.88
CA ALA A 143 -12.12 8.61 -7.62
C ALA A 143 -13.63 8.84 -7.68
N GLN A 144 -14.04 9.97 -8.26
CA GLN A 144 -15.45 10.34 -8.33
C GLN A 144 -16.19 9.35 -9.23
N ASP A 145 -15.61 9.06 -10.40
CA ASP A 145 -16.18 8.05 -11.29
C ASP A 145 -16.43 6.69 -10.60
N ILE A 146 -15.38 6.07 -10.06
CA ILE A 146 -15.53 4.71 -9.51
C ILE A 146 -16.29 4.68 -8.18
N SER A 147 -16.11 5.71 -7.36
CA SER A 147 -16.50 5.71 -5.96
C SER A 147 -17.86 6.33 -5.68
N SER A 148 -18.36 7.12 -6.64
CA SER A 148 -19.62 7.83 -6.45
C SER A 148 -20.49 7.62 -7.68
N TYR A 149 -20.02 7.98 -8.86
CA TYR A 149 -20.92 7.90 -10.00
C TYR A 149 -21.40 6.46 -10.19
N SER A 150 -20.52 5.50 -9.90
CA SER A 150 -20.85 4.09 -10.11
C SER A 150 -22.18 3.70 -9.46
N LEU A 151 -22.48 4.24 -8.28
CA LEU A 151 -23.74 3.97 -7.59
C LEU A 151 -24.97 4.49 -8.34
N THR A 152 -24.86 5.65 -8.98
CA THR A 152 -25.99 6.20 -9.72
C THR A 152 -26.42 5.26 -10.83
N ILE A 153 -25.42 4.83 -11.62
CA ILE A 153 -25.70 3.95 -12.75
C ILE A 153 -26.10 2.53 -12.31
N VAL A 154 -25.45 2.00 -11.29
CA VAL A 154 -25.88 0.73 -10.72
C VAL A 154 -27.35 0.78 -10.27
N ALA A 155 -27.73 1.88 -9.62
CA ALA A 155 -29.08 2.06 -9.09
C ALA A 155 -30.04 2.11 -10.27
N HIS A 156 -29.72 2.90 -11.27
CA HIS A 156 -30.55 2.97 -12.48
C HIS A 156 -30.80 1.60 -13.13
N GLU A 157 -29.75 0.80 -13.29
CA GLU A 157 -29.90 -0.51 -13.90
C GLU A 157 -30.59 -1.51 -12.96
N ALA A 158 -30.17 -1.54 -11.70
CA ALA A 158 -30.77 -2.39 -10.68
C ALA A 158 -32.27 -2.14 -10.49
N LYS A 159 -32.72 -0.89 -10.60
CA LYS A 159 -34.14 -0.54 -10.51
C LYS A 159 -34.99 -1.37 -11.48
N LYS A 160 -34.47 -1.65 -12.67
CA LYS A 160 -35.12 -2.52 -13.66
C LYS A 160 -35.48 -3.92 -13.11
N LEU A 161 -34.71 -4.43 -12.14
CA LEU A 161 -34.98 -5.75 -11.56
C LEU A 161 -35.66 -5.60 -10.21
N MET A 162 -36.16 -4.41 -9.90
CA MET A 162 -36.83 -4.26 -8.62
C MET A 162 -38.24 -3.69 -8.74
N PRO A 163 -39.08 -4.32 -9.57
CA PRO A 163 -40.29 -3.57 -9.86
C PRO A 163 -41.21 -3.49 -8.64
N GLU A 164 -41.03 -4.35 -7.64
CA GLU A 164 -41.85 -4.28 -6.41
C GLU A 164 -41.11 -3.54 -5.32
N GLY A 165 -40.02 -2.85 -5.67
CA GLY A 165 -39.26 -2.20 -4.62
C GLY A 165 -38.01 -2.96 -4.25
N GLY A 166 -37.24 -2.42 -3.32
CA GLY A 166 -35.97 -3.00 -2.94
C GLY A 166 -35.05 -2.05 -2.20
N SER A 167 -33.81 -2.50 -2.02
CA SER A 167 -32.92 -1.83 -1.07
C SER A 167 -31.49 -1.73 -1.61
N ILE A 168 -30.93 -0.53 -1.58
CA ILE A 168 -29.57 -0.32 -2.05
C ILE A 168 -28.65 0.31 -0.97
N VAL A 169 -27.52 -0.32 -0.68
CA VAL A 169 -26.68 0.07 0.44
C VAL A 169 -25.29 0.23 -0.11
N ALA A 170 -24.70 1.40 0.11
CA ALA A 170 -23.33 1.72 -0.31
C ALA A 170 -22.46 1.89 0.95
N THR A 171 -21.15 1.73 0.76
CA THR A 171 -20.23 1.74 1.87
C THR A 171 -19.44 3.05 1.86
N THR A 172 -19.47 3.73 3.00
CA THR A 172 -18.78 4.99 3.11
C THR A 172 -17.79 5.07 4.30
N TYR A 173 -17.07 6.18 4.41
CA TYR A 173 -16.17 6.34 5.54
C TYR A 173 -16.37 7.73 6.13
N LEU A 174 -16.09 7.90 7.42
CA LEU A 174 -16.13 9.19 8.12
C LEU A 174 -15.48 10.36 7.42
N GLY A 175 -14.40 10.07 6.68
CA GLY A 175 -13.74 11.07 5.83
C GLY A 175 -14.55 11.81 4.76
N GLY A 176 -15.77 11.36 4.48
CA GLY A 176 -16.66 12.17 3.63
C GLY A 176 -17.48 13.17 4.44
N GLU A 177 -17.43 13.06 5.77
CA GLU A 177 -18.06 14.03 6.67
C GLU A 177 -17.12 15.07 7.27
N PHE A 178 -15.85 14.75 7.43
CA PHE A 178 -14.85 15.60 8.11
C PHE A 178 -13.56 15.40 7.35
N ALA A 179 -12.65 16.36 7.40
CA ALA A 179 -11.34 16.16 6.84
C ALA A 179 -10.54 15.22 7.77
N VAL A 180 -10.18 14.03 7.29
CA VAL A 180 -9.27 13.07 7.95
C VAL A 180 -7.86 13.15 7.34
N GLN A 181 -6.79 13.18 8.13
CA GLN A 181 -5.45 13.15 7.51
C GLN A 181 -5.32 12.01 6.51
N ASN A 182 -4.68 12.31 5.38
CA ASN A 182 -4.29 11.33 4.35
C ASN A 182 -5.41 10.78 3.47
N TYR A 183 -6.66 10.71 3.95
CA TYR A 183 -7.73 10.19 3.13
C TYR A 183 -8.01 11.02 1.88
N ASN A 184 -7.70 12.31 1.96
CA ASN A 184 -7.64 13.22 0.82
C ASN A 184 -8.68 13.03 -0.29
N VAL A 185 -8.26 12.74 -1.52
CA VAL A 185 -9.20 12.69 -2.65
C VAL A 185 -10.37 11.75 -2.34
N MET A 186 -10.18 10.74 -1.51
CA MET A 186 -11.29 9.81 -1.29
C MET A 186 -12.36 10.40 -0.35
N GLY A 187 -11.94 11.34 0.49
CA GLY A 187 -12.87 12.04 1.38
C GLY A 187 -13.93 12.78 0.59
N VAL A 188 -13.48 13.41 -0.50
CA VAL A 188 -14.35 14.22 -1.33
C VAL A 188 -15.18 13.29 -2.17
N ALA A 189 -14.60 12.15 -2.56
CA ALA A 189 -15.39 11.13 -3.25
C ALA A 189 -16.45 10.54 -2.31
N LYS A 190 -16.12 10.44 -1.02
CA LYS A 190 -17.11 9.92 -0.07
C LYS A 190 -18.19 10.98 0.25
N ALA A 191 -17.81 12.26 0.25
CA ALA A 191 -18.84 13.29 0.44
C ALA A 191 -19.83 13.24 -0.74
N SER A 192 -19.26 13.25 -1.93
CA SER A 192 -19.98 12.99 -3.14
C SER A 192 -20.89 11.75 -3.06
N LEU A 193 -20.41 10.60 -2.59
CA LEU A 193 -21.28 9.39 -2.52
C LEU A 193 -22.44 9.54 -1.54
N GLU A 194 -22.14 10.13 -0.38
CA GLU A 194 -23.12 10.28 0.67
C GLU A 194 -24.32 11.12 0.19
N ALA A 195 -24.06 12.20 -0.53
CA ALA A 195 -25.08 12.98 -1.25
C ALA A 195 -25.80 12.16 -2.32
N ASN A 196 -25.09 11.29 -3.01
CA ASN A 196 -25.60 10.51 -4.12
C ASN A 196 -26.66 9.55 -3.52
N VAL A 197 -26.34 9.00 -2.35
CA VAL A 197 -27.29 8.18 -1.60
C VAL A 197 -28.53 9.01 -1.30
N LYS A 198 -28.38 10.27 -0.89
CA LYS A 198 -29.54 11.13 -0.65
C LYS A 198 -30.37 11.47 -1.91
N TYR A 199 -29.75 11.91 -3.01
CA TYR A 199 -30.55 12.18 -4.22
C TYR A 199 -31.24 10.90 -4.78
N LEU A 200 -30.59 9.74 -4.67
CA LEU A 200 -31.18 8.47 -5.10
C LEU A 200 -32.35 8.11 -4.20
N ALA A 201 -32.19 8.33 -2.88
CA ALA A 201 -33.28 8.15 -1.93
C ALA A 201 -34.52 8.93 -2.37
N LEU A 202 -34.30 10.18 -2.71
CA LEU A 202 -35.39 11.07 -3.05
C LEU A 202 -35.96 10.52 -4.35
N ASP A 203 -35.11 10.18 -5.31
CA ASP A 203 -35.62 9.88 -6.65
C ASP A 203 -36.36 8.53 -6.68
N LEU A 204 -35.80 7.54 -6.00
CA LEU A 204 -36.29 6.19 -6.17
C LEU A 204 -37.32 5.82 -5.08
N GLY A 205 -37.47 6.68 -4.07
CA GLY A 205 -38.50 6.47 -3.04
C GLY A 205 -39.90 6.20 -3.55
N PRO A 206 -40.36 6.99 -4.52
CA PRO A 206 -41.71 6.71 -5.00
C PRO A 206 -41.84 5.32 -5.63
N ASP A 207 -40.74 4.74 -6.09
CA ASP A 207 -40.71 3.37 -6.61
C ASP A 207 -40.49 2.31 -5.52
N ASN A 208 -40.57 2.72 -4.25
CA ASN A 208 -40.33 1.81 -3.13
C ASN A 208 -38.92 1.17 -3.07
N ILE A 209 -37.92 1.94 -3.48
CA ILE A 209 -36.54 1.54 -3.46
C ILE A 209 -35.83 2.44 -2.45
N ARG A 210 -35.32 1.84 -1.40
CA ARG A 210 -34.65 2.58 -0.34
C ARG A 210 -33.17 2.59 -0.66
N VAL A 211 -32.50 3.69 -0.32
CA VAL A 211 -31.08 3.88 -0.61
C VAL A 211 -30.40 4.46 0.63
N ASN A 212 -29.37 3.77 1.10
CA ASN A 212 -28.74 4.06 2.39
C ASN A 212 -27.25 3.78 2.28
N ALA A 213 -26.51 4.31 3.24
CA ALA A 213 -25.08 4.05 3.41
C ALA A 213 -24.74 3.42 4.78
N ILE A 214 -23.77 2.52 4.80
CA ILE A 214 -23.08 2.20 6.06
C ILE A 214 -21.74 2.94 6.09
N SER A 215 -21.49 3.70 7.16
CA SER A 215 -20.16 4.31 7.41
C SER A 215 -19.36 3.41 8.32
N ALA A 216 -18.50 2.60 7.69
CA ALA A 216 -17.75 1.61 8.42
C ALA A 216 -16.51 2.27 9.01
N GLY A 217 -16.20 1.82 10.23
CA GLY A 217 -14.92 2.19 10.86
C GLY A 217 -13.77 1.52 10.14
N PRO A 218 -12.53 1.91 10.45
CA PRO A 218 -11.37 1.36 9.70
C PRO A 218 -11.24 -0.16 9.88
N ILE A 219 -10.89 -0.88 8.82
CA ILE A 219 -10.76 -2.31 8.83
C ILE A 219 -9.63 -2.74 7.91
N ARG A 220 -8.79 -3.69 8.33
CA ARG A 220 -7.67 -4.12 7.49
C ARG A 220 -8.16 -4.80 6.20
N THR A 221 -8.04 -4.12 5.06
CA THR A 221 -8.38 -4.73 3.79
C THR A 221 -7.29 -4.40 2.75
N LEU A 222 -7.32 -5.03 1.58
CA LEU A 222 -6.43 -4.62 0.51
C LEU A 222 -6.43 -3.10 0.24
N SER A 223 -7.60 -2.48 0.16
CA SER A 223 -7.66 -1.06 -0.16
C SER A 223 -7.11 -0.16 0.96
N ALA A 224 -7.25 -0.61 2.21
CA ALA A 224 -6.73 0.19 3.33
C ALA A 224 -5.22 0.33 3.23
N LYS A 225 -4.52 -0.54 2.51
CA LYS A 225 -3.08 -0.36 2.37
C LYS A 225 -2.70 0.91 1.61
N GLY A 226 -3.65 1.55 0.92
CA GLY A 226 -3.33 2.82 0.31
C GLY A 226 -3.62 4.08 1.14
N VAL A 227 -4.11 3.94 2.36
CA VAL A 227 -4.34 5.12 3.18
C VAL A 227 -3.13 5.35 4.10
N GLY A 228 -2.26 6.32 3.81
CA GLY A 228 -1.16 6.65 4.73
C GLY A 228 -1.66 6.58 6.16
N GLY A 229 -0.86 6.07 7.08
CA GLY A 229 -1.18 6.18 8.50
C GLY A 229 -2.36 5.34 8.94
N PHE A 230 -2.75 4.36 8.14
CA PHE A 230 -3.80 3.41 8.55
C PHE A 230 -3.68 2.82 9.99
N ASN A 231 -2.56 2.20 10.36
CA ASN A 231 -2.39 1.72 11.72
C ASN A 231 -2.61 2.76 12.81
N THR A 232 -2.00 3.95 12.67
CA THR A 232 -2.30 5.06 13.57
C THR A 232 -3.82 5.19 13.82
N ILE A 233 -4.62 5.06 12.76
CA ILE A 233 -6.06 5.33 12.85
C ILE A 233 -6.71 4.16 13.60
N LEU A 234 -6.26 2.95 13.31
CA LEU A 234 -6.74 1.78 14.02
C LEU A 234 -6.55 1.98 15.52
N LYS A 235 -5.35 2.43 15.88
CA LYS A 235 -5.06 2.53 17.29
C LYS A 235 -5.91 3.64 17.93
N GLU A 236 -6.10 4.73 17.22
CA GLU A 236 -6.86 5.82 17.81
C GLU A 236 -8.34 5.39 18.03
N ILE A 237 -8.88 4.53 17.18
CA ILE A 237 -10.18 3.97 17.45
C ILE A 237 -10.18 3.19 18.76
N GLU A 238 -9.17 2.36 19.02
CA GLU A 238 -9.19 1.54 20.23
C GLU A 238 -9.11 2.43 21.45
N GLU A 239 -8.30 3.49 21.32
CA GLU A 239 -8.05 4.34 22.47
C GLU A 239 -9.21 5.29 22.80
N ARG A 240 -9.91 5.77 21.77
CA ARG A 240 -10.88 6.85 21.89
C ARG A 240 -12.35 6.53 21.58
N ALA A 241 -12.66 5.67 20.63
CA ALA A 241 -14.07 5.41 20.30
C ALA A 241 -14.73 4.85 21.54
N PRO A 242 -16.03 5.15 21.75
CA PRO A 242 -16.83 4.65 22.88
C PRO A 242 -16.72 3.14 23.25
N LEU A 243 -16.62 2.27 22.26
CA LEU A 243 -16.58 0.83 22.54
C LEU A 243 -15.13 0.42 22.71
N LYS A 244 -14.19 1.35 22.49
CA LYS A 244 -12.77 1.07 22.72
C LYS A 244 -12.27 -0.22 22.06
N ARG A 245 -12.72 -0.47 20.82
CA ARG A 245 -12.29 -1.62 20.03
C ARG A 245 -12.57 -1.27 18.56
N ASN A 246 -11.86 -1.88 17.62
CA ASN A 246 -12.28 -1.70 16.25
C ASN A 246 -13.42 -2.63 15.93
N VAL A 247 -14.08 -2.33 14.81
CA VAL A 247 -15.12 -3.20 14.28
C VAL A 247 -14.52 -4.15 13.22
N ASP A 248 -15.34 -5.10 12.78
CA ASP A 248 -14.95 -5.95 11.66
C ASP A 248 -16.03 -6.05 10.58
N GLN A 249 -15.72 -6.82 9.54
CA GLN A 249 -16.55 -6.95 8.36
C GLN A 249 -17.90 -7.57 8.69
N VAL A 250 -17.91 -8.54 9.59
CA VAL A 250 -19.17 -9.18 9.99
C VAL A 250 -20.12 -8.17 10.62
N GLU A 251 -19.59 -7.19 11.36
CA GLU A 251 -20.44 -6.14 11.94
C GLU A 251 -21.00 -5.24 10.84
N VAL A 252 -20.24 -4.92 9.79
CA VAL A 252 -20.81 -4.24 8.62
C VAL A 252 -21.91 -5.08 7.97
N GLY A 253 -21.72 -6.39 7.91
CA GLY A 253 -22.69 -7.26 7.26
C GLY A 253 -23.98 -7.40 8.05
N LYS A 254 -23.88 -7.42 9.37
CA LYS A 254 -25.07 -7.41 10.22
C LYS A 254 -25.92 -6.17 10.03
N THR A 255 -25.32 -4.99 9.95
CA THR A 255 -26.11 -3.81 9.62
C THR A 255 -26.64 -3.82 8.18
N ALA A 256 -25.80 -4.15 7.20
CA ALA A 256 -26.28 -4.39 5.86
C ALA A 256 -27.50 -5.35 5.83
N ALA A 257 -27.44 -6.42 6.61
CA ALA A 257 -28.64 -7.27 6.61
C ALA A 257 -29.85 -6.45 7.06
N TYR A 258 -29.64 -5.57 8.03
CA TYR A 258 -30.72 -4.75 8.51
C TYR A 258 -31.23 -3.81 7.40
N LEU A 259 -30.32 -3.12 6.71
CA LEU A 259 -30.71 -2.17 5.70
C LEU A 259 -31.35 -2.88 4.50
N LEU A 260 -30.80 -4.04 4.16
CA LEU A 260 -31.27 -4.77 2.99
C LEU A 260 -32.61 -5.47 3.26
N SER A 261 -32.99 -5.65 4.51
CA SER A 261 -34.16 -6.47 4.78
C SER A 261 -35.31 -5.52 5.03
N ASP A 262 -36.43 -6.08 5.43
CA ASP A 262 -37.62 -5.30 5.69
C ASP A 262 -37.59 -4.72 7.11
N LEU A 263 -36.63 -5.12 7.95
CA LEU A 263 -36.58 -4.59 9.32
C LEU A 263 -36.44 -3.08 9.28
N SER A 264 -35.90 -2.56 8.18
CA SER A 264 -35.59 -1.16 8.06
C SER A 264 -36.51 -0.45 7.05
N SER A 265 -37.75 -0.92 6.94
N SER A 265 -37.78 -0.84 7.02
CA SER A 265 -38.76 -0.15 6.24
CA SER A 265 -38.69 -0.46 5.92
C SER A 265 -38.89 1.14 7.02
C SER A 265 -39.00 1.03 5.87
N GLY A 266 -39.10 2.23 6.31
N GLY A 266 -38.66 1.72 6.95
CA GLY A 266 -39.08 3.53 6.95
CA GLY A 266 -39.00 3.14 7.13
C GLY A 266 -37.73 4.20 6.87
C GLY A 266 -37.81 4.05 6.89
N VAL A 267 -36.66 3.43 6.68
CA VAL A 267 -35.34 4.07 6.68
C VAL A 267 -34.84 4.20 5.26
N THR A 268 -34.73 5.44 4.82
CA THR A 268 -34.04 5.69 3.56
C THR A 268 -33.28 7.01 3.61
N GLY A 269 -32.29 7.18 2.73
CA GLY A 269 -31.42 8.33 2.73
C GLY A 269 -30.58 8.52 3.98
N GLU A 270 -30.26 7.43 4.67
CA GLU A 270 -29.68 7.52 5.99
C GLU A 270 -28.25 6.97 5.92
N ASN A 271 -27.46 7.35 6.92
CA ASN A 271 -26.08 6.89 6.94
C ASN A 271 -25.82 6.28 8.32
N ILE A 272 -25.65 4.97 8.38
CA ILE A 272 -25.50 4.33 9.68
C ILE A 272 -24.07 4.03 10.02
N HIS A 273 -23.59 4.59 11.12
CA HIS A 273 -22.18 4.44 11.46
C HIS A 273 -21.95 3.15 12.24
N VAL A 274 -21.09 2.30 11.66
CA VAL A 274 -20.73 1.02 12.27
C VAL A 274 -19.24 1.17 12.49
N ASP A 275 -18.91 1.87 13.59
CA ASP A 275 -17.58 2.37 13.83
C ASP A 275 -17.29 2.50 15.32
N SER A 276 -17.99 1.76 16.17
CA SER A 276 -17.68 1.82 17.60
C SER A 276 -18.06 3.12 18.30
N GLY A 277 -18.91 3.97 17.70
CA GLY A 277 -19.24 5.28 18.26
C GLY A 277 -18.30 6.41 17.85
N PHE A 278 -17.22 6.14 17.13
CA PHE A 278 -16.21 7.18 16.87
C PHE A 278 -16.82 8.46 16.30
N HIS A 279 -17.79 8.37 15.37
CA HIS A 279 -18.44 9.55 14.77
C HIS A 279 -19.04 10.53 15.79
N ALA A 280 -19.45 10.00 16.95
CA ALA A 280 -20.21 10.76 17.94
C ALA A 280 -19.27 11.52 18.83
N ILE A 281 -17.98 11.27 18.72
CA ILE A 281 -17.14 11.91 19.71
C ILE A 281 -16.18 12.86 19.02
N LYS A 282 -15.49 13.63 19.86
CA LYS A 282 -14.48 14.56 19.40
C LYS A 282 -13.54 14.86 20.58
N VAL B 28 -15.75 46.76 7.25
CA VAL B 28 -14.45 46.34 7.87
C VAL B 28 -13.27 47.33 7.61
N ASN B 29 -12.21 46.87 6.92
CA ASN B 29 -11.27 47.73 6.15
C ASN B 29 -10.25 46.97 5.27
N LEU B 30 -10.40 47.08 3.96
CA LEU B 30 -9.59 46.27 3.03
C LEU B 30 -8.71 47.08 2.09
N GLU B 31 -8.30 48.28 2.48
CA GLU B 31 -7.35 49.03 1.68
C GLU B 31 -6.01 48.31 1.68
N ASN B 32 -5.32 48.31 0.55
CA ASN B 32 -4.03 47.59 0.43
C ASN B 32 -4.18 46.07 0.41
N LYS B 33 -5.41 45.59 0.27
CA LYS B 33 -5.65 44.19 0.03
C LYS B 33 -6.01 43.98 -1.43
N THR B 34 -5.74 42.77 -1.91
CA THR B 34 -6.03 42.37 -3.28
C THR B 34 -6.74 41.02 -3.24
N TYR B 35 -7.95 40.97 -3.84
CA TYR B 35 -8.71 39.74 -3.99
C TYR B 35 -8.97 39.34 -5.44
N VAL B 36 -8.87 38.04 -5.71
CA VAL B 36 -9.25 37.51 -7.01
C VAL B 36 -10.73 37.05 -6.99
N ILE B 37 -11.56 37.61 -7.87
CA ILE B 37 -12.97 37.24 -7.88
C ILE B 37 -13.26 36.45 -9.16
N MET B 38 -13.60 35.18 -9.02
CA MET B 38 -13.83 34.33 -10.18
C MET B 38 -15.32 34.03 -10.37
N GLY B 39 -15.89 34.32 -11.55
CA GLY B 39 -17.28 33.96 -11.84
C GLY B 39 -18.35 35.05 -12.02
N ILE B 40 -17.94 36.27 -12.37
CA ILE B 40 -18.92 37.22 -12.87
C ILE B 40 -19.31 36.99 -14.35
N ALA B 41 -20.59 36.74 -14.58
CA ALA B 41 -21.17 36.71 -15.93
C ALA B 41 -21.89 38.01 -16.27
N ASN B 42 -22.60 38.58 -15.29
CA ASN B 42 -23.40 39.78 -15.50
C ASN B 42 -23.80 40.38 -14.18
N LYS B 43 -24.61 41.43 -14.22
CA LYS B 43 -24.86 42.29 -13.06
C LYS B 43 -25.56 41.54 -11.90
N ARG B 44 -26.12 40.36 -12.19
CA ARG B 44 -26.87 39.55 -11.20
C ARG B 44 -26.01 38.44 -10.61
N SER B 45 -24.82 38.26 -11.16
CA SER B 45 -23.94 37.24 -10.63
C SER B 45 -23.74 37.52 -9.15
N ILE B 46 -23.98 36.54 -8.30
CA ILE B 46 -23.50 36.56 -6.94
C ILE B 46 -22.12 37.20 -6.80
N ALA B 47 -21.18 36.80 -7.65
CA ALA B 47 -19.82 37.35 -7.59
C ALA B 47 -19.78 38.88 -7.79
N PHE B 48 -20.79 39.42 -8.45
CA PHE B 48 -20.80 40.86 -8.62
C PHE B 48 -21.16 41.53 -7.29
N GLY B 49 -22.04 40.92 -6.51
CA GLY B 49 -22.33 41.35 -5.14
C GLY B 49 -21.14 41.29 -4.18
N VAL B 50 -20.39 40.19 -4.22
CA VAL B 50 -19.05 40.21 -3.67
C VAL B 50 -18.25 41.43 -4.14
N ALA B 51 -18.19 41.68 -5.44
CA ALA B 51 -17.31 42.75 -5.92
C ALA B 51 -17.67 44.14 -5.36
N LYS B 52 -18.96 44.49 -5.42
CA LYS B 52 -19.45 45.75 -4.84
C LYS B 52 -19.11 45.91 -3.36
N VAL B 53 -19.25 44.86 -2.57
CA VAL B 53 -18.98 45.03 -1.15
C VAL B 53 -17.49 45.22 -0.94
N LEU B 54 -16.66 44.42 -1.59
CA LEU B 54 -15.21 44.54 -1.44
C LEU B 54 -14.63 45.85 -1.98
N ASP B 55 -15.14 46.28 -3.12
CA ASP B 55 -14.62 47.43 -3.82
C ASP B 55 -14.94 48.62 -2.94
N GLN B 56 -16.09 48.53 -2.31
CA GLN B 56 -16.61 49.63 -1.55
C GLN B 56 -15.86 49.65 -0.23
N LEU B 57 -15.14 48.57 0.06
CA LEU B 57 -14.30 48.52 1.27
C LEU B 57 -12.84 48.91 1.02
N GLY B 58 -12.56 49.38 -0.19
CA GLY B 58 -11.22 49.80 -0.56
C GLY B 58 -10.31 48.72 -1.13
N ALA B 59 -10.82 47.51 -1.31
CA ALA B 59 -10.01 46.42 -1.87
C ALA B 59 -9.60 46.70 -3.32
N LYS B 60 -8.43 46.18 -3.69
CA LYS B 60 -8.10 45.97 -5.09
C LYS B 60 -8.70 44.66 -5.55
N LEU B 61 -9.23 44.68 -6.78
CA LEU B 61 -10.01 43.56 -7.33
C LEU B 61 -9.51 43.12 -8.70
N VAL B 62 -9.32 41.81 -8.80
CA VAL B 62 -8.84 41.15 -10.00
C VAL B 62 -9.94 40.16 -10.37
N PHE B 63 -10.25 40.12 -11.66
CA PHE B 63 -11.45 39.47 -12.13
C PHE B 63 -11.11 38.39 -13.15
N THR B 64 -11.60 37.18 -12.94
CA THR B 64 -11.43 36.13 -13.95
C THR B 64 -12.76 35.73 -14.59
N TYR B 65 -12.73 35.31 -15.86
CA TYR B 65 -13.96 35.01 -16.58
C TYR B 65 -13.72 33.90 -17.60
N ARG B 66 -14.82 33.32 -18.09
CA ARG B 66 -14.70 32.30 -19.13
C ARG B 66 -15.14 32.79 -20.53
N LYS B 67 -16.36 33.29 -20.69
CA LYS B 67 -16.85 33.65 -22.03
C LYS B 67 -16.41 35.07 -22.42
N GLU B 68 -16.10 35.26 -23.70
CA GLU B 68 -15.88 36.62 -24.17
CA GLU B 68 -15.98 36.59 -24.32
C GLU B 68 -17.01 37.55 -23.72
N ARG B 69 -18.22 37.06 -23.60
CA ARG B 69 -19.34 37.93 -23.21
C ARG B 69 -19.28 38.34 -21.74
N SER B 70 -18.94 37.42 -20.83
CA SER B 70 -18.63 37.78 -19.45
C SER B 70 -17.58 38.90 -19.37
N ARG B 71 -16.55 38.86 -20.21
CA ARG B 71 -15.54 39.89 -20.09
C ARG B 71 -16.20 41.25 -20.45
N LYS B 72 -17.04 41.25 -21.48
CA LYS B 72 -17.73 42.47 -21.89
C LYS B 72 -18.69 43.00 -20.81
N GLU B 73 -19.35 42.10 -20.09
CA GLU B 73 -20.24 42.52 -19.02
C GLU B 73 -19.41 43.18 -17.90
N LEU B 74 -18.25 42.59 -17.62
CA LEU B 74 -17.33 43.08 -16.63
C LEU B 74 -16.85 44.47 -17.01
N GLU B 75 -16.51 44.64 -18.28
CA GLU B 75 -16.05 45.95 -18.72
C GLU B 75 -17.07 47.04 -18.41
N LYS B 76 -18.33 46.76 -18.73
CA LYS B 76 -19.47 47.63 -18.41
C LYS B 76 -19.68 47.75 -16.89
N LEU B 77 -19.61 46.64 -16.17
CA LEU B 77 -19.88 46.64 -14.73
C LEU B 77 -18.82 47.34 -13.91
N LEU B 78 -17.57 47.31 -14.39
CA LEU B 78 -16.47 48.05 -13.77
C LEU B 78 -16.70 49.56 -13.60
N GLU B 79 -17.47 50.16 -14.49
CA GLU B 79 -17.70 51.60 -14.41
C GLU B 79 -18.35 52.01 -13.08
N GLN B 80 -19.18 51.15 -12.52
CA GLN B 80 -19.75 51.36 -11.17
C GLN B 80 -18.83 51.10 -9.98
N LEU B 81 -17.67 50.46 -10.20
CA LEU B 81 -16.71 50.23 -9.12
C LEU B 81 -15.75 51.40 -8.97
N ASN B 82 -14.94 51.40 -7.92
CA ASN B 82 -13.96 52.48 -7.81
C ASN B 82 -12.62 51.98 -8.27
N GLN B 83 -12.58 50.81 -8.91
CA GLN B 83 -11.30 50.27 -9.37
C GLN B 83 -10.68 51.21 -10.37
N PRO B 84 -9.49 51.75 -10.05
CA PRO B 84 -8.85 52.57 -11.07
C PRO B 84 -8.24 51.77 -12.24
N GLU B 85 -8.07 50.46 -12.08
CA GLU B 85 -7.60 49.61 -13.18
C GLU B 85 -8.50 48.38 -13.32
N ALA B 86 -8.86 48.07 -14.56
CA ALA B 86 -9.49 46.81 -14.87
C ALA B 86 -8.38 45.75 -14.95
N HIS B 87 -8.45 44.75 -14.07
CA HIS B 87 -7.60 43.57 -14.17
C HIS B 87 -8.40 42.33 -14.56
N LEU B 88 -8.44 42.02 -15.86
CA LEU B 88 -9.29 40.93 -16.38
C LEU B 88 -8.50 39.76 -16.93
N TYR B 89 -8.84 38.55 -16.52
CA TYR B 89 -8.10 37.38 -16.97
C TYR B 89 -9.07 36.30 -17.41
N GLN B 90 -8.77 35.71 -18.56
CA GLN B 90 -9.58 34.61 -19.05
C GLN B 90 -9.08 33.33 -18.43
N ILE B 91 -9.92 32.69 -17.62
CA ILE B 91 -9.57 31.41 -17.06
C ILE B 91 -10.79 30.53 -17.11
N ASP B 92 -10.76 29.54 -18.01
CA ASP B 92 -11.64 28.36 -17.97
C ASP B 92 -11.08 27.29 -17.04
N VAL B 93 -11.74 27.02 -15.92
CA VAL B 93 -11.16 26.12 -14.92
C VAL B 93 -11.24 24.64 -15.29
N GLN B 94 -11.63 24.36 -16.53
CA GLN B 94 -11.51 23.03 -17.07
C GLN B 94 -10.07 22.79 -17.53
N SER B 95 -9.29 23.85 -17.55
CA SER B 95 -7.95 23.74 -18.13
C SER B 95 -6.90 24.05 -17.08
N ASP B 96 -6.08 23.06 -16.72
CA ASP B 96 -5.00 23.29 -15.77
C ASP B 96 -4.09 24.45 -16.19
N GLU B 97 -3.77 24.47 -17.48
CA GLU B 97 -2.80 25.43 -17.96
CA GLU B 97 -2.86 25.43 -18.08
C GLU B 97 -3.37 26.85 -17.92
N GLU B 98 -4.69 27.00 -18.03
CA GLU B 98 -5.30 28.33 -17.96
C GLU B 98 -5.33 28.86 -16.52
N VAL B 99 -5.60 27.98 -15.56
CA VAL B 99 -5.44 28.32 -14.14
C VAL B 99 -3.98 28.57 -13.73
N ILE B 100 -3.07 27.74 -14.20
CA ILE B 100 -1.67 27.92 -13.87
C ILE B 100 -1.16 29.24 -14.46
N ASN B 101 -1.35 29.43 -15.76
CA ASN B 101 -0.88 30.63 -16.44
C ASN B 101 -1.58 31.92 -15.99
N GLY B 102 -2.88 31.85 -15.76
CA GLY B 102 -3.62 33.03 -15.29
C GLY B 102 -3.14 33.54 -13.94
N PHE B 103 -2.99 32.62 -12.98
CA PHE B 103 -2.57 33.04 -11.65
C PHE B 103 -1.13 33.50 -11.64
N GLU B 104 -0.31 32.91 -12.50
CA GLU B 104 1.09 33.33 -12.59
C GLU B 104 1.19 34.73 -13.22
N GLN B 105 0.31 35.00 -14.18
CA GLN B 105 0.13 36.34 -14.71
C GLN B 105 -0.39 37.29 -13.63
N ILE B 106 -1.38 36.84 -12.86
CA ILE B 106 -2.02 37.73 -11.92
C ILE B 106 -0.95 38.24 -10.96
N GLY B 107 -0.19 37.29 -10.42
CA GLY B 107 1.07 37.56 -9.72
C GLY B 107 2.01 38.54 -10.37
N LYS B 108 2.29 38.40 -11.67
CA LYS B 108 3.26 39.28 -12.30
C LYS B 108 2.69 40.68 -12.51
N ASP B 109 1.37 40.81 -12.43
CA ASP B 109 0.70 42.09 -12.66
C ASP B 109 0.31 42.82 -11.38
N VAL B 110 -0.33 42.17 -10.41
CA VAL B 110 -0.61 42.87 -9.14
C VAL B 110 0.31 42.47 -7.97
N GLY B 111 1.14 41.46 -8.15
CA GLY B 111 1.91 40.91 -7.02
C GLY B 111 1.14 39.92 -6.17
N ASN B 112 1.58 39.71 -4.93
CA ASN B 112 0.85 38.88 -3.98
C ASN B 112 -0.57 39.31 -3.69
N ILE B 113 -1.45 38.35 -3.44
CA ILE B 113 -2.85 38.61 -3.17
C ILE B 113 -3.20 38.13 -1.76
N ASP B 114 -4.45 38.35 -1.37
CA ASP B 114 -4.87 38.17 0.01
C ASP B 114 -5.96 37.14 0.09
N GLY B 115 -6.56 36.82 -1.05
CA GLY B 115 -7.65 35.83 -1.04
C GLY B 115 -8.34 35.66 -2.38
N VAL B 116 -9.22 34.66 -2.44
CA VAL B 116 -9.88 34.27 -3.69
C VAL B 116 -11.35 34.03 -3.36
N TYR B 117 -12.24 34.65 -4.14
CA TYR B 117 -13.66 34.33 -4.14
C TYR B 117 -13.99 33.44 -5.36
N HIS B 118 -14.40 32.20 -5.06
CA HIS B 118 -14.76 31.25 -6.11
C HIS B 118 -16.28 31.18 -6.18
N SER B 119 -16.80 31.51 -7.36
CA SER B 119 -18.22 31.57 -7.59
C SER B 119 -18.55 30.89 -8.92
N ILE B 120 -18.05 29.65 -9.10
CA ILE B 120 -18.04 28.96 -10.39
C ILE B 120 -18.69 27.57 -10.28
N ALA B 121 -19.68 27.34 -11.14
CA ALA B 121 -20.34 26.04 -11.19
C ALA B 121 -20.97 25.83 -12.56
N PHE B 122 -21.16 24.57 -12.94
CA PHE B 122 -21.86 24.23 -14.17
C PHE B 122 -22.39 22.79 -14.13
N ALA B 123 -23.56 22.59 -14.75
CA ALA B 123 -24.08 21.29 -15.11
C ALA B 123 -24.90 21.48 -16.38
N ASN B 124 -24.99 20.50 -17.27
CA ASN B 124 -25.94 20.61 -18.38
C ASN B 124 -27.37 20.67 -17.86
N MET B 125 -28.21 21.41 -18.57
N MET B 125 -28.24 21.48 -18.47
CA MET B 125 -29.67 21.29 -18.56
CA MET B 125 -29.59 21.76 -17.95
C MET B 125 -30.14 19.85 -18.68
C MET B 125 -30.44 20.53 -17.63
N GLU B 126 -29.54 19.10 -19.61
N GLU B 126 -30.37 19.55 -18.52
CA GLU B 126 -30.07 17.80 -19.97
CA GLU B 126 -31.13 18.32 -18.37
C GLU B 126 -29.91 16.83 -18.78
C GLU B 126 -30.71 17.61 -17.10
N ASP B 127 -28.87 17.06 -17.99
N ASP B 127 -29.64 18.10 -16.51
CA ASP B 127 -28.71 16.27 -16.76
CA ASP B 127 -29.16 17.57 -15.24
C ASP B 127 -29.47 16.88 -15.56
C ASP B 127 -29.61 18.44 -14.05
N LEU B 128 -29.48 18.19 -15.42
N LEU B 128 -30.68 19.21 -14.22
CA LEU B 128 -30.27 18.81 -14.34
CA LEU B 128 -31.21 20.10 -13.17
C LEU B 128 -31.78 18.50 -14.40
C LEU B 128 -32.75 20.14 -13.00
N ARG B 129 -32.34 18.47 -15.60
N ARG B 129 -33.40 19.09 -13.48
CA ARG B 129 -33.78 18.27 -15.78
CA ARG B 129 -34.81 18.84 -13.22
C ARG B 129 -34.07 16.89 -16.36
C ARG B 129 -34.95 17.37 -13.48
N GLY B 130 -33.69 15.90 -15.57
N GLY B 130 -36.17 16.85 -13.48
CA GLY B 130 -34.19 14.54 -15.63
CA GLY B 130 -36.39 15.44 -13.73
C GLY B 130 -34.14 13.95 -14.23
C GLY B 130 -35.58 14.56 -12.79
N ARG B 131 -34.69 12.75 -14.03
N ARG B 131 -35.21 13.38 -13.27
CA ARG B 131 -34.60 12.11 -12.72
CA ARG B 131 -34.79 12.28 -12.39
C ARG B 131 -33.13 12.05 -12.37
C ARG B 131 -33.29 12.12 -12.31
N PHE B 132 -32.79 12.17 -11.09
CA PHE B 132 -31.38 11.99 -10.73
C PHE B 132 -30.75 10.68 -11.18
N SER B 133 -31.49 9.58 -11.01
CA SER B 133 -30.94 8.26 -11.34
C SER B 133 -30.62 8.13 -12.83
N GLU B 134 -31.10 9.08 -13.63
CA GLU B 134 -30.85 9.11 -15.06
C GLU B 134 -29.64 9.93 -15.50
N THR B 135 -28.96 10.61 -14.58
CA THR B 135 -27.76 11.39 -14.88
C THR B 135 -26.70 10.61 -15.68
N SER B 136 -26.18 11.18 -16.76
CA SER B 136 -25.13 10.51 -17.52
C SER B 136 -23.82 10.65 -16.75
N ARG B 137 -22.92 9.70 -16.99
CA ARG B 137 -21.53 9.76 -16.49
C ARG B 137 -20.87 11.07 -16.89
N GLU B 138 -20.96 11.41 -18.17
CA GLU B 138 -20.20 12.58 -18.61
C GLU B 138 -20.75 13.86 -17.93
N GLY B 139 -22.05 13.88 -17.69
CA GLY B 139 -22.71 15.03 -17.09
C GLY B 139 -22.35 15.11 -15.62
N PHE B 140 -22.30 13.96 -14.95
CA PHE B 140 -21.89 13.91 -13.56
C PHE B 140 -20.47 14.40 -13.38
N LEU B 141 -19.56 13.98 -14.26
CA LEU B 141 -18.15 14.33 -14.12
C LEU B 141 -17.88 15.77 -14.57
N LEU B 142 -18.59 16.23 -15.60
CA LEU B 142 -18.54 17.64 -15.98
C LEU B 142 -18.89 18.54 -14.79
N ALA B 143 -19.94 18.21 -14.04
CA ALA B 143 -20.31 19.02 -12.92
C ALA B 143 -19.26 18.96 -11.78
N GLN B 144 -18.67 17.80 -11.51
CA GLN B 144 -17.62 17.67 -10.49
C GLN B 144 -16.37 18.46 -10.87
N ASP B 145 -16.07 18.43 -12.15
CA ASP B 145 -14.82 18.95 -12.65
C ASP B 145 -14.88 20.46 -12.44
N ILE B 146 -15.89 21.12 -13.01
CA ILE B 146 -16.05 22.58 -12.92
C ILE B 146 -16.44 23.04 -11.51
N SER B 147 -17.38 22.36 -10.85
CA SER B 147 -17.97 22.91 -9.64
C SER B 147 -17.23 22.51 -8.35
N SER B 148 -16.32 21.54 -8.42
CA SER B 148 -15.62 21.09 -7.21
C SER B 148 -14.13 20.98 -7.45
N TYR B 149 -13.69 20.27 -8.49
CA TYR B 149 -12.24 20.19 -8.71
C TYR B 149 -11.65 21.56 -8.82
N SER B 150 -12.37 22.46 -9.49
CA SER B 150 -11.73 23.70 -9.88
C SER B 150 -11.23 24.43 -8.64
N LEU B 151 -11.86 24.18 -7.48
CA LEU B 151 -11.43 24.89 -6.26
C LEU B 151 -10.04 24.38 -5.86
N THR B 152 -9.77 23.11 -6.10
CA THR B 152 -8.52 22.51 -5.65
C THR B 152 -7.32 23.04 -6.43
N ILE B 153 -7.45 23.07 -7.74
CA ILE B 153 -6.39 23.64 -8.56
C ILE B 153 -6.22 25.16 -8.39
N VAL B 154 -7.34 25.91 -8.36
CA VAL B 154 -7.34 27.31 -7.99
C VAL B 154 -6.58 27.52 -6.65
N ALA B 155 -6.98 26.80 -5.60
CA ALA B 155 -6.30 26.85 -4.29
C ALA B 155 -4.81 26.62 -4.39
N HIS B 156 -4.43 25.53 -5.08
CA HIS B 156 -3.01 25.23 -5.26
C HIS B 156 -2.25 26.37 -5.93
N GLU B 157 -2.88 27.04 -6.89
CA GLU B 157 -2.17 28.01 -7.71
C GLU B 157 -2.15 29.36 -7.02
N ALA B 158 -3.25 29.67 -6.33
CA ALA B 158 -3.38 30.90 -5.56
C ALA B 158 -2.45 30.94 -4.36
N LYS B 159 -2.13 29.76 -3.81
CA LYS B 159 -1.23 29.68 -2.65
C LYS B 159 0.16 30.24 -2.96
N LYS B 160 0.62 30.03 -4.19
CA LYS B 160 1.86 30.65 -4.62
C LYS B 160 1.92 32.17 -4.43
N LEU B 161 0.79 32.86 -4.41
CA LEU B 161 0.77 34.33 -4.27
C LEU B 161 0.29 34.76 -2.89
N MET B 162 0.31 33.82 -1.95
CA MET B 162 -0.12 34.09 -0.58
C MET B 162 0.96 33.60 0.37
N PRO B 163 2.20 34.10 0.19
CA PRO B 163 3.30 33.60 1.01
C PRO B 163 3.07 33.82 2.50
N GLU B 164 2.39 34.92 2.87
CA GLU B 164 1.89 35.19 4.23
C GLU B 164 0.58 34.52 4.65
N GLY B 165 -0.06 33.76 3.77
CA GLY B 165 -1.42 33.31 4.05
C GLY B 165 -2.42 34.26 3.43
N GLY B 166 -3.68 34.00 3.70
CA GLY B 166 -4.76 34.47 2.85
C GLY B 166 -6.04 33.71 3.17
N SER B 167 -7.05 33.92 2.32
CA SER B 167 -8.38 33.36 2.56
C SER B 167 -9.07 33.03 1.24
N ILE B 168 -9.59 31.82 1.15
CA ILE B 168 -10.28 31.39 -0.04
C ILE B 168 -11.75 31.08 0.29
N VAL B 169 -12.67 31.70 -0.45
CA VAL B 169 -14.08 31.47 -0.23
C VAL B 169 -14.75 30.94 -1.50
N ALA B 170 -15.54 29.89 -1.31
CA ALA B 170 -16.33 29.36 -2.41
C ALA B 170 -17.85 29.34 -2.10
N THR B 171 -18.63 29.19 -3.16
CA THR B 171 -20.06 29.39 -3.06
C THR B 171 -20.83 28.07 -3.17
N THR B 172 -21.63 27.77 -2.16
CA THR B 172 -22.34 26.52 -2.17
C THR B 172 -23.84 26.77 -1.97
N TYR B 173 -24.58 25.68 -1.76
CA TYR B 173 -26.02 25.71 -1.64
C TYR B 173 -26.49 24.50 -0.82
N LEU B 174 -27.39 24.76 0.13
CA LEU B 174 -28.15 23.75 0.88
C LEU B 174 -28.34 22.42 0.17
N GLY B 175 -28.54 22.45 -1.14
CA GLY B 175 -28.59 21.25 -1.98
C GLY B 175 -27.40 20.30 -1.87
N GLY B 176 -26.21 20.79 -1.54
CA GLY B 176 -25.06 19.96 -1.11
C GLY B 176 -25.18 19.17 0.21
N GLU B 177 -26.12 19.58 1.05
CA GLU B 177 -26.31 18.96 2.37
C GLU B 177 -27.58 18.09 2.48
N PHE B 178 -28.60 18.38 1.67
CA PHE B 178 -29.91 17.74 1.72
C PHE B 178 -30.32 17.49 0.29
N ALA B 179 -31.11 16.46 0.03
CA ALA B 179 -31.50 16.28 -1.35
C ALA B 179 -32.70 17.19 -1.56
N VAL B 180 -32.51 18.19 -2.44
CA VAL B 180 -33.48 19.21 -2.80
C VAL B 180 -34.08 18.84 -4.16
N GLN B 181 -35.38 18.98 -4.34
CA GLN B 181 -35.98 18.67 -5.65
C GLN B 181 -35.28 19.42 -6.77
N ASN B 182 -35.00 18.72 -7.87
CA ASN B 182 -34.52 19.25 -9.14
C ASN B 182 -33.06 19.61 -9.21
N TYR B 183 -32.41 19.75 -8.06
CA TYR B 183 -31.05 20.26 -8.01
C TYR B 183 -30.12 19.13 -8.43
N ASN B 184 -30.57 17.90 -8.21
CA ASN B 184 -29.96 16.70 -8.80
C ASN B 184 -28.41 16.68 -8.78
N VAL B 185 -27.79 16.66 -9.95
CA VAL B 185 -26.34 16.45 -10.11
C VAL B 185 -25.56 17.59 -9.47
N MET B 186 -26.17 18.76 -9.33
CA MET B 186 -25.42 19.85 -8.73
C MET B 186 -25.33 19.73 -7.19
N GLY B 187 -26.24 18.97 -6.61
CA GLY B 187 -26.26 18.75 -5.18
C GLY B 187 -25.05 17.90 -4.85
N VAL B 188 -24.77 16.91 -5.71
CA VAL B 188 -23.70 15.96 -5.48
C VAL B 188 -22.39 16.71 -5.75
N ALA B 189 -22.42 17.70 -6.63
CA ALA B 189 -21.22 18.49 -6.89
C ALA B 189 -20.96 19.41 -5.73
N LYS B 190 -22.00 19.91 -5.06
CA LYS B 190 -21.82 20.81 -3.91
C LYS B 190 -21.34 20.05 -2.69
N ALA B 191 -21.83 18.80 -2.53
CA ALA B 191 -21.37 17.96 -1.44
C ALA B 191 -19.85 17.82 -1.60
N SER B 192 -19.43 17.46 -2.81
CA SER B 192 -18.03 17.31 -3.16
C SER B 192 -17.28 18.61 -2.82
N LEU B 193 -17.83 19.73 -3.28
CA LEU B 193 -17.23 21.05 -3.06
C LEU B 193 -17.13 21.37 -1.56
N GLU B 194 -18.15 21.02 -0.80
CA GLU B 194 -18.06 21.36 0.61
C GLU B 194 -17.00 20.48 1.32
N ALA B 195 -16.77 19.27 0.83
CA ALA B 195 -15.74 18.38 1.36
C ALA B 195 -14.37 18.91 0.93
N ASN B 196 -14.33 19.46 -0.29
CA ASN B 196 -13.14 20.07 -0.86
C ASN B 196 -12.66 21.22 0.05
N VAL B 197 -13.58 22.10 0.44
CA VAL B 197 -13.34 23.14 1.44
C VAL B 197 -12.74 22.59 2.74
N LYS B 198 -13.26 21.50 3.25
CA LYS B 198 -12.71 21.05 4.51
C LYS B 198 -11.27 20.51 4.33
N TYR B 199 -11.00 19.84 3.22
CA TYR B 199 -9.77 19.10 3.05
C TYR B 199 -8.69 20.09 2.66
N LEU B 200 -9.11 21.15 1.97
CA LEU B 200 -8.20 22.25 1.69
C LEU B 200 -7.91 23.06 2.94
N ALA B 201 -8.90 23.25 3.80
CA ALA B 201 -8.63 23.93 5.08
C ALA B 201 -7.57 23.21 5.93
N LEU B 202 -7.68 21.90 5.98
CA LEU B 202 -6.73 21.08 6.70
C LEU B 202 -5.35 21.12 6.04
N ASP B 203 -5.27 20.94 4.73
CA ASP B 203 -3.98 20.91 4.05
C ASP B 203 -3.29 22.29 4.12
N LEU B 204 -4.06 23.38 4.03
CA LEU B 204 -3.50 24.73 3.82
C LEU B 204 -3.38 25.60 5.10
N GLY B 205 -4.08 25.22 6.15
CA GLY B 205 -4.00 25.85 7.47
C GLY B 205 -2.60 26.11 8.00
N PRO B 206 -1.71 25.11 7.92
CA PRO B 206 -0.35 25.40 8.39
C PRO B 206 0.31 26.51 7.62
N ASP B 207 -0.16 26.82 6.42
CA ASP B 207 0.41 27.92 5.65
C ASP B 207 -0.37 29.19 5.93
N ASN B 208 -1.33 29.09 6.87
CA ASN B 208 -2.15 30.22 7.26
C ASN B 208 -3.09 30.76 6.17
N ILE B 209 -3.61 29.84 5.38
CA ILE B 209 -4.60 30.13 4.39
C ILE B 209 -5.89 29.51 4.92
N ARG B 210 -6.92 30.33 5.11
CA ARG B 210 -8.17 29.76 5.62
C ARG B 210 -9.03 29.45 4.41
N VAL B 211 -9.91 28.45 4.53
CA VAL B 211 -10.77 28.06 3.42
C VAL B 211 -12.18 27.81 3.92
N ASN B 212 -13.13 28.47 3.29
CA ASN B 212 -14.50 28.50 3.77
C ASN B 212 -15.50 28.55 2.61
N ALA B 213 -16.74 28.17 2.91
CA ALA B 213 -17.86 28.26 2.01
C ALA B 213 -18.96 29.21 2.55
N ILE B 214 -19.69 29.85 1.61
CA ILE B 214 -20.99 30.49 1.94
C ILE B 214 -22.09 29.71 1.22
N SER B 215 -23.11 29.30 1.97
CA SER B 215 -24.29 28.62 1.45
C SER B 215 -25.34 29.70 1.23
N ALA B 216 -25.35 30.17 0.01
CA ALA B 216 -26.23 31.23 -0.40
C ALA B 216 -27.63 30.61 -0.51
N GLY B 217 -28.61 31.33 0.00
CA GLY B 217 -29.99 31.12 -0.40
C GLY B 217 -30.19 31.45 -1.88
N PRO B 218 -31.35 31.06 -2.42
CA PRO B 218 -31.60 31.26 -3.85
C PRO B 218 -31.65 32.75 -4.28
N ILE B 219 -31.09 33.03 -5.45
CA ILE B 219 -31.00 34.37 -5.97
C ILE B 219 -31.23 34.28 -7.47
N ARG B 220 -32.04 35.17 -8.04
CA ARG B 220 -32.28 35.07 -9.47
C ARG B 220 -31.02 35.46 -10.22
N THR B 221 -30.34 34.47 -10.76
CA THR B 221 -29.13 34.67 -11.56
C THR B 221 -29.31 33.94 -12.88
N LEU B 222 -28.34 34.06 -13.77
CA LEU B 222 -28.44 33.41 -15.09
C LEU B 222 -28.39 31.89 -14.90
N SER B 223 -27.47 31.42 -14.06
CA SER B 223 -27.47 30.03 -13.62
C SER B 223 -28.78 29.48 -13.07
N ALA B 224 -29.43 30.19 -12.15
CA ALA B 224 -30.71 29.74 -11.56
C ALA B 224 -31.70 29.27 -12.62
N LYS B 225 -31.58 29.75 -13.85
CA LYS B 225 -32.51 29.32 -14.88
C LYS B 225 -32.25 27.86 -15.25
N GLY B 226 -31.13 27.30 -14.81
CA GLY B 226 -30.91 25.89 -15.07
C GLY B 226 -31.80 25.04 -14.18
N VAL B 227 -32.23 25.58 -13.06
CA VAL B 227 -32.87 24.80 -12.03
C VAL B 227 -34.41 24.78 -12.12
N GLY B 228 -34.97 23.67 -12.59
CA GLY B 228 -36.42 23.52 -12.64
C GLY B 228 -36.95 23.95 -11.29
N GLY B 229 -38.15 24.51 -11.25
CA GLY B 229 -38.82 24.77 -9.97
C GLY B 229 -38.36 25.98 -9.19
N PHE B 230 -37.52 26.82 -9.79
CA PHE B 230 -36.85 27.88 -9.04
C PHE B 230 -37.80 28.85 -8.31
N ASN B 231 -38.85 29.31 -8.99
CA ASN B 231 -39.71 30.30 -8.37
C ASN B 231 -40.41 29.69 -7.17
N THR B 232 -40.72 28.39 -7.21
CA THR B 232 -41.37 27.73 -6.08
C THR B 232 -40.46 27.69 -4.85
N ILE B 233 -39.15 27.71 -5.12
CA ILE B 233 -38.17 27.66 -4.06
C ILE B 233 -38.07 29.03 -3.42
N LEU B 234 -37.81 30.08 -4.22
CA LEU B 234 -38.00 31.46 -3.81
C LEU B 234 -39.25 31.68 -2.92
N LYS B 235 -40.41 31.19 -3.35
CA LYS B 235 -41.64 31.44 -2.61
C LYS B 235 -41.62 30.74 -1.26
N GLU B 236 -41.06 29.53 -1.22
CA GLU B 236 -40.90 28.80 0.03
C GLU B 236 -40.01 29.53 1.04
N ILE B 237 -38.93 30.15 0.56
CA ILE B 237 -38.09 30.88 1.48
C ILE B 237 -38.88 31.99 2.16
N GLU B 238 -39.59 32.76 1.35
CA GLU B 238 -40.43 33.82 1.88
C GLU B 238 -41.47 33.31 2.89
N GLU B 239 -42.16 32.22 2.56
CA GLU B 239 -43.18 31.72 3.47
C GLU B 239 -42.64 31.01 4.71
N ARG B 240 -41.42 30.49 4.65
CA ARG B 240 -40.94 29.58 5.70
C ARG B 240 -39.63 29.91 6.46
N ALA B 241 -38.63 30.45 5.78
CA ALA B 241 -37.34 30.87 6.34
C ALA B 241 -37.56 31.92 7.43
N PRO B 242 -36.79 31.79 8.53
CA PRO B 242 -37.04 32.54 9.75
C PRO B 242 -37.19 34.04 9.48
N LEU B 243 -36.36 34.58 8.57
CA LEU B 243 -36.45 36.01 8.22
C LEU B 243 -37.55 36.25 7.18
N LYS B 244 -38.07 35.19 6.57
CA LYS B 244 -39.35 35.35 5.91
C LYS B 244 -39.16 36.29 4.74
N ARG B 245 -37.96 36.35 4.19
CA ARG B 245 -37.75 36.94 2.86
C ARG B 245 -36.54 36.25 2.24
N ASN B 246 -36.22 36.60 1.00
CA ASN B 246 -35.05 36.01 0.37
C ASN B 246 -33.85 36.91 0.64
N VAL B 247 -32.65 36.43 0.35
CA VAL B 247 -31.48 37.30 0.48
C VAL B 247 -31.09 37.79 -0.89
N ASP B 248 -29.95 38.47 -0.99
CA ASP B 248 -29.49 39.01 -2.25
C ASP B 248 -27.99 38.98 -2.36
N GLN B 249 -27.51 39.30 -3.55
CA GLN B 249 -26.09 39.10 -3.86
C GLN B 249 -25.23 39.87 -2.86
N VAL B 250 -25.67 41.06 -2.46
CA VAL B 250 -24.92 41.99 -1.60
C VAL B 250 -24.77 41.41 -0.19
N GLU B 251 -25.80 40.69 0.23
CA GLU B 251 -25.77 40.08 1.55
C GLU B 251 -24.72 38.98 1.56
N VAL B 252 -24.59 38.32 0.41
CA VAL B 252 -23.56 37.30 0.26
C VAL B 252 -22.19 37.99 0.33
N GLY B 253 -22.09 39.10 -0.41
CA GLY B 253 -20.89 39.93 -0.42
C GLY B 253 -20.44 40.43 0.95
N LYS B 254 -21.39 40.82 1.81
CA LYS B 254 -21.05 41.19 3.18
C LYS B 254 -20.49 40.01 3.98
N THR B 255 -21.05 38.81 3.87
CA THR B 255 -20.47 37.68 4.55
C THR B 255 -19.13 37.31 3.91
N ALA B 256 -19.03 37.46 2.60
CA ALA B 256 -17.76 37.19 1.94
C ALA B 256 -16.68 38.14 2.46
N ALA B 257 -17.04 39.39 2.70
CA ALA B 257 -16.12 40.40 3.23
C ALA B 257 -15.60 39.94 4.59
N TYR B 258 -16.48 39.31 5.36
CA TYR B 258 -16.05 38.93 6.68
C TYR B 258 -15.06 37.79 6.52
N LEU B 259 -15.42 36.80 5.72
CA LEU B 259 -14.58 35.62 5.44
C LEU B 259 -13.24 35.98 4.82
N LEU B 260 -13.18 37.08 4.07
CA LEU B 260 -11.97 37.39 3.35
C LEU B 260 -10.99 38.27 4.15
N SER B 261 -11.42 38.67 5.33
CA SER B 261 -10.69 39.66 6.12
C SER B 261 -10.25 39.02 7.41
N ASP B 262 -9.34 39.67 8.12
CA ASP B 262 -8.98 39.28 9.48
C ASP B 262 -10.17 39.22 10.47
N LEU B 263 -11.38 39.54 10.04
CA LEU B 263 -12.44 39.43 11.02
C LEU B 263 -12.64 37.95 11.35
N SER B 264 -12.35 37.10 10.38
CA SER B 264 -12.73 35.71 10.50
C SER B 264 -11.49 34.85 10.80
N SER B 265 -10.43 35.50 11.27
N SER B 265 -10.51 35.47 11.47
CA SER B 265 -9.26 34.78 11.76
CA SER B 265 -9.16 34.92 11.58
C SER B 265 -9.76 33.86 12.88
C SER B 265 -9.09 33.55 12.24
N GLY B 266 -9.23 32.65 12.93
N GLY B 266 -10.03 33.25 13.14
CA GLY B 266 -9.82 31.58 13.74
CA GLY B 266 -10.09 31.94 13.82
C GLY B 266 -10.84 30.73 12.99
C GLY B 266 -10.91 30.90 13.07
N VAL B 267 -11.33 31.24 11.87
CA VAL B 267 -12.42 30.55 11.18
C VAL B 267 -11.98 29.82 9.93
N THR B 268 -12.15 28.50 9.93
CA THR B 268 -11.74 27.78 8.71
C THR B 268 -12.46 26.45 8.61
N GLY B 269 -12.68 26.01 7.38
CA GLY B 269 -13.33 24.74 7.14
C GLY B 269 -14.81 24.95 7.43
N GLU B 270 -15.23 26.22 7.48
CA GLU B 270 -16.59 26.50 7.91
C GLU B 270 -17.57 26.65 6.74
N ASN B 271 -18.86 26.49 7.03
CA ASN B 271 -19.93 26.70 6.05
C ASN B 271 -20.94 27.71 6.61
N ILE B 272 -20.95 28.93 6.09
CA ILE B 272 -21.79 30.00 6.64
C ILE B 272 -23.00 30.18 5.77
N HIS B 273 -24.18 29.89 6.34
CA HIS B 273 -25.41 29.97 5.56
C HIS B 273 -25.89 31.41 5.48
N VAL B 274 -25.96 31.93 4.26
CA VAL B 274 -26.55 33.26 4.05
C VAL B 274 -27.93 33.15 3.38
N ASP B 275 -28.93 32.70 4.15
CA ASP B 275 -30.13 32.08 3.58
C ASP B 275 -31.38 32.42 4.40
N SER B 276 -31.40 33.56 5.08
CA SER B 276 -32.56 33.87 5.89
C SER B 276 -32.91 32.86 7.00
N GLY B 277 -31.96 31.98 7.34
CA GLY B 277 -32.16 30.95 8.37
C GLY B 277 -32.78 29.63 7.91
N PHE B 278 -32.92 29.45 6.59
CA PHE B 278 -33.70 28.35 6.06
C PHE B 278 -33.04 27.03 6.40
N HIS B 279 -31.72 26.92 6.30
CA HIS B 279 -31.01 25.73 6.79
C HIS B 279 -31.39 25.34 8.24
N ALA B 280 -31.93 26.24 9.04
CA ALA B 280 -32.11 25.88 10.44
C ALA B 280 -33.45 25.21 10.66
N ILE B 281 -34.29 25.18 9.64
CA ILE B 281 -35.66 24.77 9.86
C ILE B 281 -36.05 23.50 9.09
N LYS B 282 -37.01 22.79 9.65
CA LYS B 282 -37.64 21.66 8.97
C LYS B 282 -39.17 21.86 8.95
N VAL C 28 -17.63 47.25 8.94
CA VAL C 28 -18.09 47.17 10.37
C VAL C 28 -17.78 48.46 11.22
N ASN C 29 -18.47 49.56 10.92
CA ASN C 29 -18.55 50.74 11.79
C ASN C 29 -19.78 50.76 12.73
N LEU C 30 -19.55 50.68 14.04
CA LEU C 30 -20.65 50.53 15.01
C LEU C 30 -20.97 51.75 15.87
N GLU C 31 -20.58 52.94 15.42
CA GLU C 31 -21.06 54.17 16.06
C GLU C 31 -22.58 54.21 16.01
N ASN C 32 -23.22 54.68 17.07
CA ASN C 32 -24.68 54.75 17.08
C ASN C 32 -25.37 53.46 17.56
N LYS C 33 -24.57 52.43 17.80
CA LYS C 33 -25.10 51.14 18.24
C LYS C 33 -24.91 50.90 19.75
N THR C 34 -25.81 50.11 20.34
CA THR C 34 -25.71 49.77 21.76
C THR C 34 -25.84 48.26 21.95
N TYR C 35 -24.87 47.64 22.61
CA TYR C 35 -24.90 46.18 22.83
C TYR C 35 -24.85 45.87 24.32
N VAL C 36 -25.74 44.99 24.76
CA VAL C 36 -25.68 44.46 26.10
C VAL C 36 -24.76 43.22 26.11
N ILE C 37 -23.62 43.34 26.81
CA ILE C 37 -22.71 42.20 27.01
C ILE C 37 -22.92 41.56 28.39
N MET C 38 -23.43 40.33 28.39
CA MET C 38 -23.71 39.54 29.58
C MET C 38 -22.61 38.52 29.87
N GLY C 39 -22.05 38.48 31.08
CA GLY C 39 -21.11 37.42 31.46
C GLY C 39 -19.62 37.74 31.49
N ILE C 40 -19.27 38.96 31.89
CA ILE C 40 -17.88 39.24 32.18
C ILE C 40 -17.57 38.98 33.66
N ALA C 41 -16.61 38.10 33.93
CA ALA C 41 -16.09 37.89 35.29
C ALA C 41 -14.72 38.56 35.49
N ASN C 42 -13.87 38.57 34.45
CA ASN C 42 -12.53 39.15 34.58
C ASN C 42 -11.84 39.39 33.22
N LYS C 43 -10.54 39.69 33.22
CA LYS C 43 -9.86 40.05 31.97
C LYS C 43 -9.72 38.90 30.96
N ARG C 44 -9.94 37.67 31.42
CA ARG C 44 -9.81 36.47 30.58
CA ARG C 44 -9.81 36.52 30.52
C ARG C 44 -11.16 36.09 29.94
N SER C 45 -12.25 36.65 30.46
CA SER C 45 -13.56 36.19 29.98
C SER C 45 -13.67 36.36 28.47
N ILE C 46 -14.35 35.41 27.85
CA ILE C 46 -14.66 35.57 26.44
C ILE C 46 -15.44 36.88 26.21
N ALA C 47 -16.43 37.13 27.08
CA ALA C 47 -17.21 38.35 27.02
C ALA C 47 -16.33 39.60 26.97
N PHE C 48 -15.20 39.59 27.67
CA PHE C 48 -14.33 40.78 27.62
C PHE C 48 -13.60 40.94 26.28
N GLY C 49 -13.24 39.86 25.60
CA GLY C 49 -12.72 39.98 24.23
C GLY C 49 -13.72 40.59 23.27
N VAL C 50 -14.96 40.13 23.35
CA VAL C 50 -16.09 40.80 22.74
C VAL C 50 -16.13 42.30 23.04
N ALA C 51 -16.20 42.69 24.30
CA ALA C 51 -16.19 44.09 24.72
C ALA C 51 -15.07 44.91 24.08
N LYS C 52 -13.82 44.48 24.16
CA LYS C 52 -12.72 45.22 23.49
C LYS C 52 -12.98 45.40 21.99
N VAL C 53 -13.61 44.43 21.34
CA VAL C 53 -13.73 44.59 19.90
C VAL C 53 -14.86 45.57 19.60
N LEU C 54 -16.00 45.39 20.25
CA LEU C 54 -17.15 46.23 20.00
C LEU C 54 -16.85 47.70 20.32
N ASP C 55 -16.12 47.90 21.41
CA ASP C 55 -15.89 49.21 21.96
C ASP C 55 -14.91 49.92 21.02
N GLN C 56 -13.93 49.14 20.57
CA GLN C 56 -12.89 49.60 19.69
C GLN C 56 -13.48 49.98 18.33
N LEU C 57 -14.71 49.52 18.11
CA LEU C 57 -15.46 49.79 16.90
C LEU C 57 -16.51 50.88 17.15
N GLY C 58 -16.41 51.56 18.28
CA GLY C 58 -17.28 52.70 18.54
C GLY C 58 -18.68 52.42 19.09
N ALA C 59 -18.98 51.16 19.41
CA ALA C 59 -20.22 50.80 20.08
C ALA C 59 -20.34 51.36 21.49
N LYS C 60 -21.57 51.65 21.89
CA LYS C 60 -21.86 51.93 23.28
C LYS C 60 -22.18 50.56 23.88
N LEU C 61 -21.60 50.29 25.06
CA LEU C 61 -21.73 49.02 25.75
C LEU C 61 -22.38 49.09 27.12
N VAL C 62 -23.12 48.04 27.47
CA VAL C 62 -23.87 47.94 28.72
C VAL C 62 -23.50 46.56 29.20
N PHE C 63 -23.21 46.42 30.48
CA PHE C 63 -22.67 45.18 31.03
C PHE C 63 -23.59 44.65 32.12
N THR C 64 -23.79 43.34 32.12
CA THR C 64 -24.45 42.69 33.24
C THR C 64 -23.57 41.61 33.89
N TYR C 65 -23.65 41.47 35.21
CA TYR C 65 -22.80 40.54 35.94
C TYR C 65 -23.66 39.78 36.95
N ARG C 66 -23.14 38.72 37.60
CA ARG C 66 -23.87 38.11 38.73
C ARG C 66 -23.27 38.43 40.09
N LYS C 67 -21.99 38.10 40.27
CA LYS C 67 -21.28 38.20 41.54
C LYS C 67 -20.72 39.62 41.77
N GLU C 68 -20.86 40.14 42.98
CA GLU C 68 -20.37 41.49 43.23
CA GLU C 68 -20.30 41.42 43.39
C GLU C 68 -18.90 41.59 42.81
N ARG C 69 -18.15 40.51 42.87
CA ARG C 69 -16.76 40.52 42.44
C ARG C 69 -16.58 40.77 40.95
N SER C 70 -17.49 40.25 40.14
CA SER C 70 -17.47 40.54 38.70
C SER C 70 -17.64 42.05 38.42
N ARG C 71 -18.56 42.67 39.15
CA ARG C 71 -18.79 44.10 38.96
C ARG C 71 -17.50 44.85 39.26
N LYS C 72 -16.84 44.50 40.36
CA LYS C 72 -15.59 45.19 40.71
C LYS C 72 -14.56 45.07 39.59
N GLU C 73 -14.46 43.87 39.02
CA GLU C 73 -13.57 43.59 37.89
C GLU C 73 -14.00 44.41 36.65
N LEU C 74 -15.29 44.51 36.40
CA LEU C 74 -15.83 45.36 35.33
C LEU C 74 -15.44 46.82 35.58
N GLU C 75 -15.60 47.30 36.81
CA GLU C 75 -15.31 48.71 37.09
C GLU C 75 -13.88 49.04 36.69
N LYS C 76 -12.96 48.12 36.93
CA LYS C 76 -11.55 48.34 36.62
C LYS C 76 -11.21 48.04 35.15
N LEU C 77 -11.83 47.01 34.57
CA LEU C 77 -11.65 46.72 33.15
C LEU C 77 -12.16 47.84 32.24
N LEU C 78 -13.23 48.50 32.66
CA LEU C 78 -13.73 49.69 31.95
C LEU C 78 -12.70 50.81 31.73
N GLU C 79 -11.77 50.99 32.64
CA GLU C 79 -10.71 51.98 32.47
C GLU C 79 -9.89 51.73 31.19
N GLN C 80 -9.84 50.47 30.77
CA GLN C 80 -9.20 50.04 29.53
C GLN C 80 -9.96 50.40 28.25
N LEU C 81 -11.26 50.69 28.36
CA LEU C 81 -12.15 50.91 27.22
C LEU C 81 -12.44 52.40 27.03
N ASN C 82 -12.79 52.81 25.81
CA ASN C 82 -13.21 54.19 25.57
C ASN C 82 -14.71 54.32 25.80
N GLN C 83 -15.25 53.60 26.77
CA GLN C 83 -16.61 53.86 27.22
C GLN C 83 -16.66 55.08 28.16
N PRO C 84 -17.42 56.12 27.76
CA PRO C 84 -17.63 57.34 28.53
C PRO C 84 -18.27 57.10 29.90
N GLU C 85 -19.26 56.21 29.98
CA GLU C 85 -19.87 55.88 31.28
C GLU C 85 -20.12 54.40 31.49
N ALA C 86 -20.01 54.01 32.76
CA ALA C 86 -20.22 52.65 33.21
C ALA C 86 -21.71 52.36 33.30
N HIS C 87 -22.17 51.47 32.44
CA HIS C 87 -23.53 50.95 32.50
C HIS C 87 -23.57 49.51 33.02
N LEU C 88 -23.66 49.33 34.34
CA LEU C 88 -23.49 48.02 34.97
C LEU C 88 -24.76 47.54 35.66
N TYR C 89 -25.19 46.32 35.38
CA TYR C 89 -26.43 45.82 35.96
C TYR C 89 -26.24 44.41 36.48
N GLN C 90 -26.78 44.16 37.67
CA GLN C 90 -26.72 42.84 38.23
C GLN C 90 -27.93 42.08 37.71
N ILE C 91 -27.65 41.05 36.93
CA ILE C 91 -28.67 40.11 36.50
C ILE C 91 -28.17 38.68 36.76
N ASP C 92 -28.71 38.07 37.80
CA ASP C 92 -28.67 36.61 37.93
C ASP C 92 -29.75 35.95 37.08
N VAL C 93 -29.35 35.29 35.98
CA VAL C 93 -30.31 34.72 35.03
C VAL C 93 -31.19 33.59 35.61
N GLN C 94 -30.86 33.10 36.82
CA GLN C 94 -31.76 32.19 37.53
C GLN C 94 -33.07 32.85 37.98
N SER C 95 -33.10 34.18 38.00
CA SER C 95 -34.26 34.90 38.51
C SER C 95 -35.02 35.59 37.37
N ASP C 96 -36.27 35.18 37.15
CA ASP C 96 -37.14 35.90 36.21
C ASP C 96 -37.18 37.40 36.53
N GLU C 97 -37.32 37.72 37.81
CA GLU C 97 -37.42 39.12 38.23
C GLU C 97 -36.19 39.92 37.85
N GLU C 98 -35.00 39.33 38.00
CA GLU C 98 -33.81 40.11 37.80
C GLU C 98 -33.55 40.31 36.30
N VAL C 99 -33.88 39.31 35.49
CA VAL C 99 -33.78 39.53 34.06
C VAL C 99 -34.83 40.55 33.62
N ILE C 100 -36.08 40.34 34.02
CA ILE C 100 -37.14 41.27 33.65
C ILE C 100 -36.86 42.74 34.03
N ASN C 101 -36.61 43.01 35.32
CA ASN C 101 -36.24 44.35 35.82
C ASN C 101 -34.89 44.89 35.31
N GLY C 102 -33.88 44.05 35.20
CA GLY C 102 -32.63 44.45 34.56
C GLY C 102 -32.81 45.04 33.17
N PHE C 103 -33.47 44.31 32.28
CA PHE C 103 -33.59 44.81 30.91
C PHE C 103 -34.45 46.05 30.85
N GLU C 104 -35.55 46.03 31.59
CA GLU C 104 -36.43 47.19 31.64
C GLU C 104 -35.68 48.41 32.14
N GLN C 105 -34.87 48.20 33.16
CA GLN C 105 -33.98 49.23 33.67
C GLN C 105 -32.94 49.66 32.63
N ILE C 106 -32.41 48.73 31.85
CA ILE C 106 -31.46 49.06 30.80
C ILE C 106 -32.11 49.99 29.77
N GLY C 107 -33.36 49.71 29.43
CA GLY C 107 -34.05 50.44 28.39
C GLY C 107 -34.35 51.88 28.76
N LYS C 108 -34.65 52.12 30.03
CA LYS C 108 -34.88 53.48 30.54
C LYS C 108 -33.60 54.31 30.67
N ASP C 109 -32.49 53.63 30.96
CA ASP C 109 -31.16 54.28 31.06
C ASP C 109 -30.50 54.63 29.72
N VAL C 110 -30.55 53.72 28.75
CA VAL C 110 -29.92 53.94 27.44
C VAL C 110 -30.88 53.94 26.25
N GLY C 111 -32.17 53.69 26.46
CA GLY C 111 -33.09 53.54 25.34
C GLY C 111 -32.99 52.16 24.70
N ASN C 112 -33.57 51.99 23.52
CA ASN C 112 -33.44 50.77 22.70
C ASN C 112 -32.02 50.28 22.44
N ILE C 113 -31.86 48.96 22.29
CA ILE C 113 -30.54 48.43 22.00
C ILE C 113 -30.50 47.77 20.63
N ASP C 114 -29.29 47.43 20.19
CA ASP C 114 -29.12 46.76 18.91
C ASP C 114 -28.92 45.24 18.97
N GLY C 115 -28.60 44.70 20.15
CA GLY C 115 -28.43 43.26 20.27
C GLY C 115 -27.82 42.89 21.61
N VAL C 116 -27.68 41.59 21.86
CA VAL C 116 -27.20 41.07 23.13
C VAL C 116 -26.13 40.02 22.86
N TYR C 117 -24.99 40.11 23.56
CA TYR C 117 -24.02 39.03 23.56
C TYR C 117 -24.10 38.20 24.83
N HIS C 118 -24.48 36.92 24.70
CA HIS C 118 -24.72 36.09 25.88
C HIS C 118 -23.50 35.18 26.08
N SER C 119 -22.83 35.30 27.21
CA SER C 119 -21.56 34.62 27.42
C SER C 119 -21.67 34.06 28.81
N ILE C 120 -22.76 33.31 29.02
CA ILE C 120 -23.05 32.81 30.36
C ILE C 120 -23.21 31.31 30.39
N ALA C 121 -22.51 30.66 31.31
CA ALA C 121 -22.84 29.27 31.65
C ALA C 121 -22.46 28.87 33.06
N PHE C 122 -23.01 27.78 33.57
CA PHE C 122 -22.55 27.25 34.85
C PHE C 122 -22.87 25.77 34.95
N ALA C 123 -22.06 25.00 35.65
CA ALA C 123 -22.44 23.64 36.04
C ALA C 123 -21.61 23.36 37.30
N ASN C 124 -22.02 22.46 38.18
CA ASN C 124 -21.14 22.18 39.32
C ASN C 124 -19.90 21.38 38.92
N MET C 125 -18.82 21.61 39.66
CA MET C 125 -17.60 20.84 39.50
C MET C 125 -17.86 19.36 39.63
N GLU C 126 -18.56 18.98 40.69
CA GLU C 126 -18.96 17.58 40.90
C GLU C 126 -19.63 16.92 39.68
N ASP C 127 -20.05 17.70 38.68
CA ASP C 127 -20.48 17.14 37.40
C ASP C 127 -19.65 17.61 36.18
N LEU C 128 -18.34 17.75 36.26
CA LEU C 128 -17.56 18.15 35.07
C LEU C 128 -16.30 17.29 34.81
N ARG C 129 -16.41 16.03 35.24
CA ARG C 129 -15.30 15.10 35.32
C ARG C 129 -15.90 13.74 35.65
N GLY C 130 -15.12 12.68 35.45
CA GLY C 130 -15.64 11.34 35.67
C GLY C 130 -16.88 11.06 34.84
N ARG C 131 -17.92 10.51 35.45
CA ARG C 131 -18.87 9.68 34.70
C ARG C 131 -20.17 10.43 34.51
N PHE C 132 -20.37 10.88 33.28
CA PHE C 132 -21.62 11.55 32.91
C PHE C 132 -22.88 10.85 33.44
N SER C 133 -22.88 9.51 33.43
CA SER C 133 -24.08 8.75 33.81
C SER C 133 -24.44 8.86 35.30
N GLU C 134 -23.51 9.38 36.08
CA GLU C 134 -23.75 9.68 37.49
C GLU C 134 -24.24 11.11 37.74
N THR C 135 -24.44 11.92 36.69
CA THR C 135 -24.89 13.29 36.90
C THR C 135 -26.16 13.30 37.75
N SER C 136 -26.26 14.28 38.65
CA SER C 136 -27.44 14.45 39.48
C SER C 136 -28.53 15.22 38.73
N ARG C 137 -29.79 14.90 38.99
CA ARG C 137 -30.90 15.74 38.49
C ARG C 137 -30.69 17.24 38.75
N GLU C 138 -30.36 17.63 39.98
CA GLU C 138 -30.30 19.06 40.27
C GLU C 138 -29.14 19.72 39.51
N GLY C 139 -28.03 18.99 39.40
CA GLY C 139 -26.89 19.49 38.63
C GLY C 139 -27.15 19.58 37.13
N PHE C 140 -27.94 18.64 36.62
CA PHE C 140 -28.32 18.63 35.21
C PHE C 140 -29.32 19.77 34.94
N LEU C 141 -30.33 19.88 35.77
CA LEU C 141 -31.31 20.95 35.58
C LEU C 141 -30.69 22.32 35.82
N LEU C 142 -29.76 22.37 36.78
CA LEU C 142 -29.02 23.59 37.07
C LEU C 142 -28.27 24.05 35.83
N ALA C 143 -27.54 23.15 35.17
CA ALA C 143 -26.76 23.58 34.01
C ALA C 143 -27.67 24.09 32.87
N GLN C 144 -28.84 23.47 32.74
CA GLN C 144 -29.80 23.79 31.68
C GLN C 144 -30.40 25.20 31.93
N ASP C 145 -30.77 25.40 33.19
CA ASP C 145 -31.31 26.65 33.69
C ASP C 145 -30.41 27.82 33.24
N ILE C 146 -29.16 27.81 33.70
CA ILE C 146 -28.24 28.93 33.56
C ILE C 146 -27.69 29.07 32.13
N SER C 147 -27.39 27.93 31.53
CA SER C 147 -26.56 27.87 30.35
C SER C 147 -27.43 27.81 29.10
N SER C 148 -28.72 27.52 29.27
CA SER C 148 -29.63 27.38 28.13
C SER C 148 -30.94 28.16 28.31
N TYR C 149 -31.77 27.77 29.26
CA TYR C 149 -32.99 28.57 29.47
C TYR C 149 -32.72 30.08 29.48
N SER C 150 -31.65 30.52 30.14
CA SER C 150 -31.45 31.94 30.30
C SER C 150 -31.41 32.69 28.96
N LEU C 151 -31.04 32.01 27.87
CA LEU C 151 -31.08 32.64 26.54
C LEU C 151 -32.51 33.00 26.18
N THR C 152 -33.43 32.09 26.44
CA THR C 152 -34.82 32.29 26.02
C THR C 152 -35.46 33.49 26.70
N ILE C 153 -35.32 33.56 28.02
CA ILE C 153 -35.92 34.66 28.75
C ILE C 153 -35.20 35.99 28.49
N VAL C 154 -33.87 36.01 28.41
CA VAL C 154 -33.16 37.20 27.94
C VAL C 154 -33.65 37.69 26.56
N ALA C 155 -33.85 36.79 25.60
CA ALA C 155 -34.38 37.23 24.30
C ALA C 155 -35.84 37.71 24.38
N HIS C 156 -36.65 37.11 25.25
CA HIS C 156 -37.98 37.63 25.47
C HIS C 156 -37.92 39.07 25.95
N GLU C 157 -37.10 39.32 26.98
CA GLU C 157 -36.98 40.65 27.57
C GLU C 157 -36.21 41.59 26.64
N ALA C 158 -35.12 41.13 26.05
CA ALA C 158 -34.33 41.97 25.16
C ALA C 158 -35.11 42.41 23.91
N LYS C 159 -36.10 41.62 23.53
CA LYS C 159 -36.86 41.89 22.31
C LYS C 159 -37.68 43.20 22.46
N LYS C 160 -38.03 43.52 23.71
CA LYS C 160 -38.78 44.72 24.04
C LYS C 160 -38.01 46.03 23.74
N LEU C 161 -36.69 45.95 23.67
CA LEU C 161 -35.82 47.09 23.39
C LEU C 161 -35.32 47.04 21.94
N MET C 162 -35.94 46.21 21.12
CA MET C 162 -35.45 46.12 19.76
C MET C 162 -36.61 46.20 18.77
N PRO C 163 -37.48 47.24 18.90
CA PRO C 163 -38.63 47.40 18.00
C PRO C 163 -38.24 47.40 16.52
N GLU C 164 -37.03 47.84 16.23
CA GLU C 164 -36.50 47.95 14.87
C GLU C 164 -35.77 46.67 14.41
N GLY C 165 -35.67 45.67 15.27
CA GLY C 165 -34.85 44.50 14.99
C GLY C 165 -33.51 44.59 15.70
N GLY C 166 -32.74 43.49 15.66
CA GLY C 166 -31.48 43.35 16.38
C GLY C 166 -30.83 42.00 16.18
N SER C 167 -29.77 41.74 16.94
CA SER C 167 -29.02 40.50 16.86
C SER C 167 -28.65 39.94 18.25
N ILE C 168 -29.03 38.70 18.53
CA ILE C 168 -28.56 38.05 19.74
C ILE C 168 -27.52 36.95 19.43
N VAL C 169 -26.41 36.93 20.17
CA VAL C 169 -25.35 35.96 19.95
C VAL C 169 -25.08 35.29 21.27
N ALA C 170 -25.03 33.96 21.24
CA ALA C 170 -24.70 33.21 22.44
C ALA C 170 -23.40 32.43 22.19
N THR C 171 -22.76 32.01 23.28
CA THR C 171 -21.48 31.34 23.15
C THR C 171 -21.59 29.84 23.41
N THR C 172 -21.15 29.00 22.47
CA THR C 172 -21.23 27.56 22.67
C THR C 172 -19.87 26.84 22.48
N TYR C 173 -19.92 25.52 22.55
CA TYR C 173 -18.72 24.70 22.47
C TYR C 173 -19.03 23.41 21.73
N LEU C 174 -18.09 23.03 20.89
CA LEU C 174 -18.16 21.83 20.08
C LEU C 174 -18.70 20.66 20.87
N GLY C 175 -18.51 20.68 22.19
CA GLY C 175 -19.05 19.66 23.12
C GLY C 175 -20.57 19.50 23.09
N GLY C 176 -21.25 20.48 22.52
CA GLY C 176 -22.69 20.40 22.24
C GLY C 176 -23.04 19.57 21.02
N GLU C 177 -22.08 19.35 20.13
CA GLU C 177 -22.32 18.60 18.90
C GLU C 177 -21.81 17.16 18.95
N PHE C 178 -20.85 16.91 19.84
CA PHE C 178 -20.11 15.65 19.96
C PHE C 178 -19.85 15.34 21.42
N ALA C 179 -19.70 14.08 21.80
CA ALA C 179 -19.32 13.79 23.17
C ALA C 179 -17.85 14.09 23.34
N VAL C 180 -17.52 15.15 24.07
CA VAL C 180 -16.13 15.46 24.41
C VAL C 180 -15.88 14.91 25.82
N GLN C 181 -14.78 14.23 26.05
CA GLN C 181 -14.43 13.67 27.36
C GLN C 181 -14.45 14.79 28.41
N ASN C 182 -15.06 14.51 29.55
CA ASN C 182 -15.18 15.37 30.75
C ASN C 182 -16.26 16.46 30.73
N TYR C 183 -16.52 17.04 29.56
CA TYR C 183 -17.44 18.15 29.42
C TYR C 183 -18.83 17.72 29.84
N ASN C 184 -19.15 16.44 29.69
CA ASN C 184 -20.29 15.86 30.42
C ASN C 184 -21.54 16.71 30.43
N VAL C 185 -21.98 17.15 31.60
CA VAL C 185 -23.30 17.76 31.77
C VAL C 185 -23.44 19.09 31.02
N MET C 186 -22.32 19.80 30.83
CA MET C 186 -22.31 20.98 29.97
C MET C 186 -22.55 20.67 28.47
N GLY C 187 -22.10 19.51 28.02
CA GLY C 187 -22.18 19.17 26.61
C GLY C 187 -23.67 19.09 26.29
N VAL C 188 -24.44 18.49 27.20
CA VAL C 188 -25.87 18.44 26.97
C VAL C 188 -26.48 19.82 27.08
N ALA C 189 -26.07 20.60 28.08
CA ALA C 189 -26.54 21.99 28.17
C ALA C 189 -26.21 22.79 26.89
N LYS C 190 -25.08 22.51 26.22
CA LYS C 190 -24.79 23.25 24.98
C LYS C 190 -25.63 22.74 23.81
N ALA C 191 -25.94 21.44 23.82
CA ALA C 191 -26.86 20.96 22.81
C ALA C 191 -28.19 21.71 22.90
N SER C 192 -28.75 21.73 24.10
CA SER C 192 -29.91 22.52 24.46
C SER C 192 -29.83 23.96 23.95
N LEU C 193 -28.74 24.63 24.25
CA LEU C 193 -28.51 26.01 23.83
C LEU C 193 -28.48 26.16 22.31
N GLU C 194 -27.77 25.27 21.65
CA GLU C 194 -27.70 25.38 20.22
C GLU C 194 -29.08 25.27 19.58
N ALA C 195 -29.95 24.40 20.08
CA ALA C 195 -31.31 24.27 19.57
C ALA C 195 -32.17 25.48 19.92
N ASN C 196 -31.92 26.02 21.11
CA ASN C 196 -32.59 27.23 21.64
C ASN C 196 -32.36 28.40 20.67
N VAL C 197 -31.13 28.50 20.20
CA VAL C 197 -30.76 29.49 19.22
C VAL C 197 -31.61 29.25 17.97
N LYS C 198 -31.70 28.00 17.53
CA LYS C 198 -32.48 27.72 16.32
C LYS C 198 -33.95 28.11 16.48
N TYR C 199 -34.54 27.75 17.61
CA TYR C 199 -35.98 27.94 17.83
C TYR C 199 -36.26 29.42 18.06
N LEU C 200 -35.31 30.10 18.69
CA LEU C 200 -35.40 31.55 18.86
C LEU C 200 -35.37 32.24 17.52
N ALA C 201 -34.41 31.87 16.67
CA ALA C 201 -34.28 32.46 15.35
C ALA C 201 -35.57 32.39 14.49
N LEU C 202 -36.23 31.23 14.49
CA LEU C 202 -37.48 31.06 13.75
C LEU C 202 -38.53 31.99 14.36
N ASP C 203 -38.73 31.87 15.67
CA ASP C 203 -39.73 32.68 16.39
C ASP C 203 -39.51 34.20 16.20
N LEU C 204 -38.26 34.65 16.30
CA LEU C 204 -38.00 36.09 16.26
C LEU C 204 -37.63 36.66 14.90
N GLY C 205 -37.26 35.83 13.94
CA GLY C 205 -37.08 36.26 12.54
C GLY C 205 -38.08 37.29 12.01
N PRO C 206 -39.38 37.06 12.21
CA PRO C 206 -40.40 37.98 11.68
C PRO C 206 -40.28 39.38 12.27
N ASP C 207 -39.62 39.44 13.42
CA ASP C 207 -39.38 40.68 14.14
C ASP C 207 -38.04 41.26 13.72
N ASN C 208 -37.46 40.65 12.69
CA ASN C 208 -36.12 40.98 12.24
C ASN C 208 -35.06 40.94 13.34
N ILE C 209 -35.22 40.02 14.29
CA ILE C 209 -34.18 39.84 15.29
C ILE C 209 -33.43 38.58 14.90
N ARG C 210 -32.13 38.70 14.61
CA ARG C 210 -31.37 37.50 14.28
C ARG C 210 -30.82 36.81 15.52
N VAL C 211 -30.72 35.49 15.48
CA VAL C 211 -30.17 34.79 16.63
C VAL C 211 -29.14 33.80 16.15
N ASN C 212 -27.91 33.91 16.69
CA ASN C 212 -26.81 32.99 16.35
C ASN C 212 -25.98 32.51 17.56
N ALA C 213 -25.08 31.57 17.31
CA ALA C 213 -24.11 31.04 18.28
C ALA C 213 -22.69 31.29 17.74
N ILE C 214 -21.70 31.50 18.60
CA ILE C 214 -20.30 31.30 18.23
C ILE C 214 -19.78 30.08 18.99
N SER C 215 -19.14 29.18 18.27
CA SER C 215 -18.58 27.96 18.87
C SER C 215 -17.09 28.17 19.06
N ALA C 216 -16.74 28.60 20.26
CA ALA C 216 -15.38 28.97 20.57
C ALA C 216 -14.50 27.74 20.79
N GLY C 217 -13.30 27.71 20.20
CA GLY C 217 -12.30 26.73 20.62
C GLY C 217 -11.94 26.94 22.09
N PRO C 218 -11.18 26.02 22.69
CA PRO C 218 -10.83 26.18 24.12
C PRO C 218 -9.98 27.43 24.44
N ILE C 219 -10.38 28.18 25.48
CA ILE C 219 -9.66 29.40 25.91
C ILE C 219 -9.44 29.34 27.43
N ARG C 220 -8.25 29.73 27.90
CA ARG C 220 -7.95 29.66 29.32
C ARG C 220 -8.76 30.74 30.00
N THR C 221 -9.81 30.32 30.72
CA THR C 221 -10.66 31.25 31.44
C THR C 221 -10.94 30.69 32.84
N LEU C 222 -11.63 31.47 33.65
CA LEU C 222 -11.99 31.05 34.99
C LEU C 222 -12.90 29.80 34.99
N SER C 223 -13.91 29.79 34.13
CA SER C 223 -14.77 28.63 33.96
C SER C 223 -14.07 27.42 33.36
N ALA C 224 -13.05 27.62 32.53
CA ALA C 224 -12.29 26.47 31.99
C ALA C 224 -11.64 25.66 33.09
N LYS C 225 -11.40 26.29 34.23
CA LYS C 225 -10.71 25.58 35.29
C LYS C 225 -11.54 24.43 35.85
N GLY C 226 -12.85 24.46 35.60
CA GLY C 226 -13.70 23.38 36.08
C GLY C 226 -13.74 22.16 35.18
N VAL C 227 -13.34 22.33 33.92
CA VAL C 227 -13.34 21.22 32.98
C VAL C 227 -12.11 20.33 33.07
N GLY C 228 -12.23 19.14 33.66
CA GLY C 228 -11.13 18.17 33.73
C GLY C 228 -10.39 18.13 32.40
N GLY C 229 -9.09 17.87 32.43
CA GLY C 229 -8.32 17.67 31.21
C GLY C 229 -8.23 18.84 30.25
N PHE C 230 -8.51 20.05 30.73
CA PHE C 230 -8.47 21.22 29.85
C PHE C 230 -7.15 21.41 29.07
N ASN C 231 -6.02 21.32 29.76
CA ASN C 231 -4.74 21.48 29.14
C ASN C 231 -4.51 20.53 27.99
N THR C 232 -4.87 19.26 28.15
CA THR C 232 -4.68 18.28 27.09
C THR C 232 -5.58 18.56 25.88
N ILE C 233 -6.77 19.13 26.10
CA ILE C 233 -7.60 19.69 25.00
C ILE C 233 -6.90 20.79 24.21
N LEU C 234 -6.45 21.86 24.88
CA LEU C 234 -5.69 22.90 24.23
C LEU C 234 -4.55 22.37 23.37
N LYS C 235 -3.76 21.44 23.92
CA LYS C 235 -2.60 20.92 23.24
C LYS C 235 -3.01 20.16 21.98
N GLU C 236 -4.08 19.38 22.07
CA GLU C 236 -4.64 18.73 20.87
C GLU C 236 -5.03 19.72 19.75
N ILE C 237 -5.67 20.82 20.09
CA ILE C 237 -5.98 21.83 19.09
C ILE C 237 -4.71 22.17 18.33
N GLU C 238 -3.61 22.33 19.06
CA GLU C 238 -2.34 22.81 18.50
C GLU C 238 -1.71 21.83 17.53
N GLU C 239 -1.84 20.55 17.88
CA GLU C 239 -1.28 19.47 17.08
C GLU C 239 -2.16 19.08 15.90
N ARG C 240 -3.48 19.16 16.07
CA ARG C 240 -4.42 18.56 15.12
CA ARG C 240 -4.43 18.55 15.13
C ARG C 240 -5.27 19.56 14.32
N ALA C 241 -5.74 20.63 14.96
CA ALA C 241 -6.60 21.61 14.32
C ALA C 241 -5.89 22.22 13.11
N PRO C 242 -6.64 22.50 12.03
CA PRO C 242 -6.02 22.88 10.78
C PRO C 242 -5.08 24.08 10.91
N LEU C 243 -5.41 25.04 11.78
CA LEU C 243 -4.57 26.22 11.95
C LEU C 243 -3.37 25.92 12.85
N LYS C 244 -3.42 24.81 13.57
CA LYS C 244 -2.28 24.41 14.40
C LYS C 244 -1.95 25.44 15.44
N ARG C 245 -2.95 26.11 15.98
CA ARG C 245 -2.84 27.02 17.12
C ARG C 245 -4.21 27.09 17.79
N ASN C 246 -4.21 27.63 19.01
CA ASN C 246 -5.46 27.92 19.68
C ASN C 246 -5.95 29.31 19.31
N VAL C 247 -7.21 29.62 19.58
CA VAL C 247 -7.76 30.94 19.28
C VAL C 247 -7.79 31.71 20.57
N ASP C 248 -8.16 32.99 20.51
CA ASP C 248 -8.33 33.77 21.73
C ASP C 248 -9.65 34.54 21.76
N GLN C 249 -9.90 35.13 22.93
CA GLN C 249 -11.06 35.98 23.18
C GLN C 249 -11.29 37.08 22.14
N VAL C 250 -10.27 37.84 21.75
CA VAL C 250 -10.43 38.83 20.68
C VAL C 250 -10.89 38.18 19.36
N GLU C 251 -10.47 36.94 19.12
CA GLU C 251 -10.93 36.28 17.89
C GLU C 251 -12.43 35.95 17.94
N VAL C 252 -12.91 35.55 19.10
CA VAL C 252 -14.35 35.39 19.31
C VAL C 252 -15.05 36.74 19.09
N GLY C 253 -14.47 37.78 19.66
CA GLY C 253 -14.94 39.17 19.51
C GLY C 253 -15.13 39.68 18.08
N LYS C 254 -14.10 39.46 17.26
CA LYS C 254 -14.15 39.86 15.84
C LYS C 254 -15.32 39.15 15.15
N THR C 255 -15.55 37.87 15.48
CA THR C 255 -16.71 37.19 14.89
C THR C 255 -18.03 37.67 15.48
N ALA C 256 -18.08 37.89 16.78
CA ALA C 256 -19.19 38.61 17.40
C ALA C 256 -19.55 39.94 16.70
N ALA C 257 -18.55 40.76 16.41
CA ALA C 257 -18.76 42.02 15.72
C ALA C 257 -19.47 41.75 14.38
N TYR C 258 -19.12 40.66 13.72
CA TYR C 258 -19.69 40.34 12.43
C TYR C 258 -21.16 40.01 12.69
N LEU C 259 -21.37 39.13 13.66
CA LEU C 259 -22.70 38.59 13.89
C LEU C 259 -23.61 39.70 14.37
N LEU C 260 -23.06 40.69 15.06
CA LEU C 260 -23.88 41.67 15.78
C LEU C 260 -24.18 42.84 14.88
N SER C 261 -23.49 42.91 13.76
CA SER C 261 -23.62 44.03 12.87
C SER C 261 -24.45 43.65 11.64
N ASP C 262 -24.71 44.66 10.81
CA ASP C 262 -25.35 44.46 9.53
C ASP C 262 -24.50 43.59 8.61
N LEU C 263 -23.29 43.24 9.01
CA LEU C 263 -22.47 42.51 8.05
C LEU C 263 -23.05 41.11 7.82
N SER C 264 -23.92 40.70 8.73
CA SER C 264 -24.38 39.34 8.74
C SER C 264 -25.88 39.31 8.50
N SER C 265 -26.43 40.34 7.85
N SER C 265 -26.39 40.30 7.76
CA SER C 265 -27.83 40.30 7.42
CA SER C 265 -27.84 40.60 7.73
C SER C 265 -28.00 39.14 6.43
C SER C 265 -28.75 39.41 7.36
N GLY C 266 -29.02 38.31 6.63
N GLY C 266 -28.28 38.53 6.48
CA GLY C 266 -29.18 37.04 5.93
CA GLY C 266 -29.07 37.35 6.04
C GLY C 266 -28.95 35.91 6.92
C GLY C 266 -28.62 36.06 6.70
N VAL C 267 -28.11 36.17 7.92
CA VAL C 267 -27.61 35.06 8.71
C VAL C 267 -28.34 34.93 10.03
N THR C 268 -29.08 33.85 10.19
CA THR C 268 -29.71 33.60 11.47
C THR C 268 -29.82 32.11 11.73
N GLY C 269 -29.93 31.69 12.98
CA GLY C 269 -30.02 30.27 13.29
C GLY C 269 -28.70 29.59 12.96
N GLU C 270 -27.62 30.36 12.83
CA GLU C 270 -26.33 29.79 12.48
C GLU C 270 -25.37 29.57 13.70
N ASN C 271 -24.47 28.59 13.60
CA ASN C 271 -23.44 28.34 14.61
C ASN C 271 -22.07 28.48 13.96
N ILE C 272 -21.31 29.53 14.25
CA ILE C 272 -20.04 29.78 13.58
C ILE C 272 -18.90 29.32 14.48
N HIS C 273 -18.10 28.36 14.00
CA HIS C 273 -17.04 27.81 14.82
C HIS C 273 -15.78 28.68 14.76
N VAL C 274 -15.31 29.22 15.88
CA VAL C 274 -14.09 30.05 15.86
C VAL C 274 -13.02 29.27 16.63
N ASP C 275 -12.45 28.27 15.94
CA ASP C 275 -11.83 27.14 16.63
C ASP C 275 -10.67 26.60 15.81
N SER C 276 -10.09 27.42 14.96
CA SER C 276 -8.93 26.94 14.20
C SER C 276 -9.20 25.83 13.18
N GLY C 277 -10.44 25.63 12.77
CA GLY C 277 -10.82 24.48 11.93
C GLY C 277 -11.24 23.19 12.65
N PHE C 278 -11.04 23.10 13.96
CA PHE C 278 -11.06 21.81 14.59
C PHE C 278 -12.40 21.09 14.42
N HIS C 279 -13.50 21.82 14.29
CA HIS C 279 -14.77 21.14 14.04
C HIS C 279 -14.77 20.40 12.69
N ALA C 280 -13.87 20.76 11.78
CA ALA C 280 -13.98 20.22 10.43
C ALA C 280 -13.16 18.95 10.29
N ILE C 281 -12.50 18.51 11.35
CA ILE C 281 -11.60 17.37 11.22
C ILE C 281 -12.00 16.24 12.19
N LYS C 282 -11.71 15.01 11.79
CA LYS C 282 -11.81 13.86 12.66
C LYS C 282 -10.48 13.09 12.60
N ASN D 29 -33.84 -13.22 16.21
CA ASN D 29 -34.37 -14.07 17.33
C ASN D 29 -33.87 -13.56 18.68
N LEU D 30 -34.79 -13.05 19.49
CA LEU D 30 -34.44 -12.48 20.78
C LEU D 30 -34.91 -13.37 21.93
N GLU D 31 -34.99 -14.68 21.72
CA GLU D 31 -35.40 -15.56 22.80
C GLU D 31 -34.33 -15.47 23.87
N ASN D 32 -34.72 -15.48 25.14
CA ASN D 32 -33.70 -15.41 26.17
C ASN D 32 -33.10 -14.01 26.38
N LYS D 33 -33.40 -13.08 25.48
CA LYS D 33 -33.30 -11.66 25.80
C LYS D 33 -34.42 -11.20 26.73
N THR D 34 -34.15 -10.18 27.52
CA THR D 34 -35.16 -9.50 28.33
C THR D 34 -35.01 -8.00 28.13
N TYR D 35 -36.11 -7.31 27.82
CA TYR D 35 -36.07 -5.86 27.66
C TYR D 35 -37.12 -5.14 28.50
N VAL D 36 -36.77 -3.93 28.95
CA VAL D 36 -37.68 -3.08 29.72
C VAL D 36 -38.19 -2.00 28.77
N ILE D 37 -39.50 -1.91 28.65
CA ILE D 37 -40.11 -0.90 27.82
C ILE D 37 -40.85 0.15 28.64
N MET D 38 -40.36 1.38 28.52
CA MET D 38 -40.86 2.51 29.28
C MET D 38 -41.65 3.44 28.35
N GLY D 39 -42.88 3.74 28.76
CA GLY D 39 -43.69 4.77 28.13
C GLY D 39 -44.88 4.30 27.30
N ILE D 40 -45.47 3.15 27.61
CA ILE D 40 -46.74 2.78 27.00
C ILE D 40 -47.94 3.42 27.71
N ALA D 41 -48.82 4.06 26.92
CA ALA D 41 -50.01 4.75 27.44
C ALA D 41 -51.30 4.09 26.94
N ASN D 42 -51.34 3.73 25.67
CA ASN D 42 -52.51 3.07 25.10
C ASN D 42 -52.10 2.24 23.88
N LYS D 43 -53.06 1.76 23.10
CA LYS D 43 -52.74 0.92 21.93
C LYS D 43 -51.92 1.63 20.87
N ARG D 44 -51.90 2.95 20.94
CA ARG D 44 -51.33 3.77 19.88
C ARG D 44 -49.89 4.17 20.18
N SER D 45 -49.43 3.89 21.40
CA SER D 45 -48.10 4.35 21.79
C SER D 45 -46.96 3.77 20.93
N ILE D 46 -46.03 4.63 20.54
CA ILE D 46 -44.84 4.11 19.86
C ILE D 46 -44.28 2.90 20.61
N ALA D 47 -44.19 2.98 21.93
CA ALA D 47 -43.62 1.87 22.69
C ALA D 47 -44.43 0.56 22.61
N PHE D 48 -45.71 0.63 22.24
CA PHE D 48 -46.45 -0.60 22.00
C PHE D 48 -46.07 -1.15 20.62
N GLY D 49 -45.66 -0.29 19.70
CA GLY D 49 -45.08 -0.73 18.44
C GLY D 49 -43.86 -1.62 18.68
N VAL D 50 -42.93 -1.07 19.44
CA VAL D 50 -41.80 -1.80 19.96
C VAL D 50 -42.28 -3.07 20.71
N ALA D 51 -43.26 -2.97 21.59
CA ALA D 51 -43.64 -4.16 22.34
C ALA D 51 -44.03 -5.31 21.43
N LYS D 52 -45.01 -5.09 20.55
CA LYS D 52 -45.39 -6.08 19.57
C LYS D 52 -44.24 -6.75 18.83
N VAL D 53 -43.26 -5.98 18.36
CA VAL D 53 -42.21 -6.53 17.51
C VAL D 53 -41.25 -7.40 18.30
N LEU D 54 -40.84 -6.92 19.47
CA LEU D 54 -39.92 -7.65 20.34
C LEU D 54 -40.57 -8.94 20.78
N ASP D 55 -41.90 -8.92 20.87
CA ASP D 55 -42.64 -10.03 21.45
C ASP D 55 -42.78 -11.14 20.41
N GLN D 56 -43.18 -10.75 19.21
CA GLN D 56 -43.10 -11.58 18.01
C GLN D 56 -41.77 -12.29 17.91
N LEU D 57 -40.72 -11.63 18.37
CA LEU D 57 -39.38 -12.12 18.14
C LEU D 57 -38.87 -13.01 19.29
N GLY D 58 -39.69 -13.26 20.30
CA GLY D 58 -39.35 -14.20 21.36
C GLY D 58 -38.74 -13.63 22.64
N ALA D 59 -38.85 -12.32 22.85
CA ALA D 59 -38.22 -11.65 24.00
C ALA D 59 -39.15 -11.70 25.21
N LYS D 60 -38.54 -11.73 26.40
CA LYS D 60 -39.27 -11.45 27.63
C LYS D 60 -39.30 -9.93 27.87
N LEU D 61 -40.48 -9.41 28.10
CA LEU D 61 -40.65 -7.97 28.26
C LEU D 61 -41.18 -7.59 29.65
N VAL D 62 -40.56 -6.58 30.24
CA VAL D 62 -41.05 -5.87 31.41
C VAL D 62 -41.55 -4.48 31.00
N PHE D 63 -42.67 -4.03 31.57
CA PHE D 63 -43.21 -2.70 31.23
C PHE D 63 -43.17 -1.69 32.37
N THR D 64 -42.79 -0.44 32.09
CA THR D 64 -43.04 0.60 33.09
C THR D 64 -44.09 1.63 32.64
N TYR D 65 -44.85 2.14 33.61
CA TYR D 65 -45.88 3.13 33.36
C TYR D 65 -45.88 4.17 34.48
N ARG D 66 -46.51 5.31 34.22
CA ARG D 66 -46.47 6.44 35.14
C ARG D 66 -47.64 6.48 36.14
N LYS D 67 -48.88 6.32 35.65
CA LYS D 67 -50.05 6.38 36.53
C LYS D 67 -50.94 5.14 36.41
N GLU D 68 -51.85 4.90 37.36
CA GLU D 68 -52.64 3.66 37.37
C GLU D 68 -53.70 3.58 36.27
N ARG D 69 -53.74 4.59 35.40
CA ARG D 69 -54.62 4.61 34.24
C ARG D 69 -53.94 3.90 33.09
N SER D 70 -52.64 4.11 32.99
CA SER D 70 -51.87 3.29 32.08
C SER D 70 -51.87 1.84 32.59
N ARG D 71 -52.06 1.63 33.90
CA ARG D 71 -51.86 0.28 34.42
C ARG D 71 -52.89 -0.66 33.85
N LYS D 72 -54.15 -0.26 33.93
CA LYS D 72 -55.28 -1.03 33.44
C LYS D 72 -55.21 -1.23 31.93
N GLU D 73 -55.37 -0.16 31.18
CA GLU D 73 -54.89 -0.09 29.79
C GLU D 73 -53.80 -1.12 29.46
N LEU D 74 -52.75 -1.13 30.27
CA LEU D 74 -51.59 -1.97 30.01
C LEU D 74 -51.94 -3.43 30.18
N GLU D 75 -52.48 -3.79 31.34
CA GLU D 75 -52.93 -5.16 31.58
C GLU D 75 -53.81 -5.71 30.45
N LYS D 76 -54.70 -4.88 29.90
CA LYS D 76 -55.54 -5.29 28.77
C LYS D 76 -54.74 -5.45 27.48
N LEU D 77 -53.84 -4.51 27.22
CA LEU D 77 -53.06 -4.58 25.99
C LEU D 77 -52.26 -5.88 25.87
N LEU D 78 -51.64 -6.32 26.97
CA LEU D 78 -50.79 -7.52 26.94
C LEU D 78 -51.50 -8.81 26.53
N GLU D 79 -52.81 -8.87 26.72
CA GLU D 79 -53.54 -9.99 26.17
C GLU D 79 -53.14 -10.25 24.71
N GLN D 80 -52.84 -9.18 23.97
CA GLN D 80 -52.45 -9.29 22.56
C GLN D 80 -51.06 -9.91 22.33
N LEU D 81 -50.24 -9.94 23.37
CA LEU D 81 -48.88 -10.46 23.28
C LEU D 81 -48.73 -11.84 23.91
N ASN D 82 -47.61 -12.50 23.63
CA ASN D 82 -47.37 -13.81 24.23
C ASN D 82 -46.38 -13.68 25.36
N GLN D 83 -46.75 -12.93 26.40
CA GLN D 83 -45.92 -12.93 27.60
C GLN D 83 -46.60 -13.81 28.63
N PRO D 84 -46.03 -14.99 28.90
CA PRO D 84 -46.55 -15.84 29.97
C PRO D 84 -46.78 -15.07 31.28
N GLU D 85 -45.96 -14.09 31.61
CA GLU D 85 -46.39 -13.16 32.66
C GLU D 85 -46.27 -11.66 32.40
N ALA D 86 -47.15 -10.97 33.13
CA ALA D 86 -47.22 -9.52 33.16
C ALA D 86 -46.30 -9.00 34.25
N HIS D 87 -45.27 -8.31 33.80
CA HIS D 87 -44.28 -7.67 34.66
C HIS D 87 -44.43 -6.16 34.52
N LEU D 88 -45.07 -5.57 35.52
CA LEU D 88 -45.47 -4.17 35.46
C LEU D 88 -44.97 -3.42 36.67
N TYR D 89 -44.36 -2.27 36.41
CA TYR D 89 -43.72 -1.49 37.44
C TYR D 89 -44.13 -0.05 37.22
N GLN D 90 -44.59 0.57 38.30
CA GLN D 90 -44.85 1.99 38.23
C GLN D 90 -43.55 2.80 38.47
N ILE D 91 -43.25 3.70 37.52
CA ILE D 91 -42.07 4.53 37.62
C ILE D 91 -42.38 5.90 37.02
N ASP D 92 -42.46 6.91 37.86
CA ASP D 92 -42.44 8.26 37.35
C ASP D 92 -41.00 8.78 37.28
N VAL D 93 -40.51 9.05 36.07
CA VAL D 93 -39.09 9.38 35.91
C VAL D 93 -38.73 10.71 36.55
N GLN D 94 -39.72 11.35 37.16
CA GLN D 94 -39.45 12.56 37.91
C GLN D 94 -38.93 12.27 39.30
N SER D 95 -39.22 11.08 39.82
CA SER D 95 -38.66 10.62 41.08
C SER D 95 -37.42 9.71 40.94
N ASP D 96 -36.26 10.18 41.39
CA ASP D 96 -35.13 9.28 41.63
C ASP D 96 -35.57 7.98 42.35
N GLU D 97 -36.12 8.09 43.55
CA GLU D 97 -36.55 6.88 44.26
C GLU D 97 -37.26 5.89 43.35
N GLU D 98 -38.31 6.34 42.67
CA GLU D 98 -39.09 5.45 41.83
C GLU D 98 -38.24 4.77 40.73
N VAL D 99 -37.35 5.53 40.10
CA VAL D 99 -36.46 4.92 39.12
C VAL D 99 -35.54 3.93 39.80
N ILE D 100 -34.88 4.34 40.89
CA ILE D 100 -33.87 3.51 41.55
C ILE D 100 -34.51 2.22 42.05
N ASN D 101 -35.58 2.34 42.81
CA ASN D 101 -36.33 1.19 43.35
C ASN D 101 -37.02 0.36 42.28
N GLY D 102 -37.66 1.02 41.32
CA GLY D 102 -38.13 0.38 40.08
C GLY D 102 -37.13 -0.56 39.44
N PHE D 103 -35.93 -0.11 39.11
CA PHE D 103 -35.00 -1.05 38.48
C PHE D 103 -34.53 -2.18 39.44
N GLU D 104 -34.48 -1.87 40.72
CA GLU D 104 -34.12 -2.83 41.74
C GLU D 104 -35.09 -4.02 41.82
N GLN D 105 -36.39 -3.76 41.84
CA GLN D 105 -37.36 -4.86 41.83
C GLN D 105 -37.27 -5.67 40.54
N ILE D 106 -37.09 -4.97 39.42
CA ILE D 106 -36.99 -5.60 38.10
C ILE D 106 -35.87 -6.63 38.18
N GLY D 107 -34.72 -6.20 38.64
CA GLY D 107 -33.62 -7.08 38.99
C GLY D 107 -34.06 -8.25 39.84
N LYS D 108 -34.70 -7.99 40.97
CA LYS D 108 -34.97 -9.11 41.84
C LYS D 108 -35.98 -10.06 41.20
N ASP D 109 -36.89 -9.55 40.36
CA ASP D 109 -38.03 -10.36 39.89
C ASP D 109 -37.73 -11.21 38.68
N VAL D 110 -36.68 -10.84 37.94
CA VAL D 110 -36.54 -11.18 36.53
C VAL D 110 -35.04 -11.26 36.18
N GLY D 111 -34.18 -10.90 37.12
CA GLY D 111 -32.74 -11.00 36.90
C GLY D 111 -32.25 -9.94 35.91
N ASN D 112 -31.13 -10.25 35.26
CA ASN D 112 -30.41 -9.30 34.42
C ASN D 112 -31.15 -9.12 33.11
N ILE D 113 -31.13 -7.89 32.59
CA ILE D 113 -31.82 -7.51 31.36
C ILE D 113 -30.80 -7.23 30.27
N ASP D 114 -31.28 -7.20 29.04
CA ASP D 114 -30.39 -7.06 27.87
C ASP D 114 -30.48 -5.66 27.28
N GLY D 115 -31.46 -4.89 27.72
CA GLY D 115 -31.65 -3.52 27.26
C GLY D 115 -32.89 -2.82 27.80
N VAL D 116 -33.05 -1.58 27.36
CA VAL D 116 -34.17 -0.72 27.75
C VAL D 116 -34.60 0.14 26.57
N TYR D 117 -35.90 0.11 26.27
CA TYR D 117 -36.45 1.06 25.32
C TYR D 117 -37.12 2.23 26.07
N HIS D 118 -36.57 3.42 25.87
CA HIS D 118 -37.12 4.60 26.49
C HIS D 118 -37.96 5.42 25.51
N SER D 119 -39.24 5.55 25.85
CA SER D 119 -40.28 6.17 25.01
C SER D 119 -41.09 7.14 25.88
N ILE D 120 -40.39 8.11 26.47
CA ILE D 120 -40.97 8.98 27.50
C ILE D 120 -40.60 10.43 27.20
N ALA D 121 -41.60 11.30 27.33
CA ALA D 121 -41.44 12.72 27.08
C ALA D 121 -42.67 13.46 27.56
N PHE D 122 -42.51 14.74 27.86
CA PHE D 122 -43.64 15.55 28.30
C PHE D 122 -43.31 17.03 28.17
N ALA D 123 -44.30 17.82 27.74
CA ALA D 123 -44.22 19.26 27.92
C ALA D 123 -45.61 19.74 28.31
N ASN D 124 -45.74 20.91 28.93
CA ASN D 124 -47.07 21.52 29.02
C ASN D 124 -47.56 21.98 27.66
N MET D 125 -48.88 21.98 27.54
CA MET D 125 -49.56 22.14 26.26
C MET D 125 -49.36 23.57 25.79
N GLU D 126 -49.39 24.53 26.71
CA GLU D 126 -49.20 25.91 26.32
C GLU D 126 -47.82 26.17 25.68
N ASP D 127 -46.91 25.22 25.88
CA ASP D 127 -45.56 25.44 25.40
C ASP D 127 -45.36 24.80 24.01
N LEU D 128 -46.35 24.05 23.52
CA LEU D 128 -46.24 23.37 22.20
C LEU D 128 -47.08 24.05 21.11
N ARG D 129 -47.24 25.36 21.27
CA ARG D 129 -47.91 26.20 20.28
C ARG D 129 -47.51 27.63 20.64
N GLY D 130 -47.69 28.53 19.68
CA GLY D 130 -47.43 29.94 19.91
C GLY D 130 -45.95 30.21 19.80
N ARG D 131 -45.47 31.16 20.61
CA ARG D 131 -44.10 31.65 20.47
C ARG D 131 -43.17 30.94 21.48
N PHE D 132 -42.06 30.43 20.96
CA PHE D 132 -41.06 29.79 21.80
C PHE D 132 -40.45 30.78 22.79
N SER D 133 -40.31 32.03 22.38
CA SER D 133 -39.66 33.01 23.25
C SER D 133 -40.51 33.31 24.50
N GLU D 134 -41.74 32.81 24.52
CA GLU D 134 -42.60 33.04 25.68
C GLU D 134 -42.61 31.85 26.65
N THR D 135 -41.81 30.82 26.41
CA THR D 135 -41.78 29.67 27.30
C THR D 135 -41.36 30.04 28.73
N SER D 136 -42.11 29.54 29.72
CA SER D 136 -41.75 29.75 31.13
C SER D 136 -40.59 28.86 31.52
N ARG D 137 -39.89 29.25 32.57
CA ARG D 137 -38.73 28.53 33.07
C ARG D 137 -39.13 27.14 33.56
N GLU D 138 -40.29 27.10 34.23
CA GLU D 138 -40.84 25.88 34.81
C GLU D 138 -41.15 24.89 33.71
N GLY D 139 -41.80 25.40 32.66
CA GLY D 139 -42.21 24.58 31.53
C GLY D 139 -41.00 24.07 30.80
N PHE D 140 -39.99 24.93 30.69
CA PHE D 140 -38.78 24.55 29.98
C PHE D 140 -38.07 23.46 30.80
N LEU D 141 -37.96 23.65 32.12
CA LEU D 141 -37.23 22.70 32.91
C LEU D 141 -37.97 21.37 33.08
N LEU D 142 -39.31 21.40 33.08
CA LEU D 142 -40.10 20.16 33.15
C LEU D 142 -39.89 19.24 31.94
N ALA D 143 -39.85 19.85 30.76
CA ALA D 143 -39.58 19.12 29.53
C ALA D 143 -38.19 18.45 29.55
N GLN D 144 -37.17 19.18 29.99
CA GLN D 144 -35.81 18.66 30.12
C GLN D 144 -35.69 17.53 31.14
N ASP D 145 -36.38 17.69 32.26
CA ASP D 145 -36.43 16.73 33.33
C ASP D 145 -36.95 15.41 32.81
N ILE D 146 -38.17 15.42 32.26
CA ILE D 146 -38.87 14.20 31.92
C ILE D 146 -38.32 13.64 30.61
N SER D 147 -37.94 14.53 29.69
CA SER D 147 -37.70 14.13 28.31
C SER D 147 -36.21 13.86 28.03
N SER D 148 -35.32 14.42 28.84
CA SER D 148 -33.89 14.22 28.59
C SER D 148 -33.20 13.62 29.81
N TYR D 149 -33.36 14.23 30.97
CA TYR D 149 -32.55 13.76 32.08
C TYR D 149 -32.95 12.34 32.46
N SER D 150 -34.23 12.02 32.26
CA SER D 150 -34.73 10.72 32.68
C SER D 150 -33.95 9.59 32.03
N LEU D 151 -33.45 9.82 30.82
CA LEU D 151 -32.62 8.80 30.18
C LEU D 151 -31.29 8.59 30.90
N THR D 152 -30.76 9.64 31.52
CA THR D 152 -29.50 9.52 32.26
C THR D 152 -29.67 8.65 33.52
N ILE D 153 -30.66 8.94 34.34
CA ILE D 153 -30.81 8.14 35.55
C ILE D 153 -31.28 6.72 35.25
N VAL D 154 -32.16 6.57 34.25
CA VAL D 154 -32.58 5.23 33.84
C VAL D 154 -31.35 4.41 33.40
N ALA D 155 -30.50 5.01 32.54
CA ALA D 155 -29.21 4.41 32.16
C ALA D 155 -28.30 3.98 33.34
N HIS D 156 -28.12 4.88 34.31
CA HIS D 156 -27.35 4.53 35.51
C HIS D 156 -27.94 3.35 36.30
N GLU D 157 -29.27 3.27 36.36
CA GLU D 157 -29.88 2.24 37.16
C GLU D 157 -29.98 0.91 36.41
N ALA D 158 -30.24 0.98 35.10
CA ALA D 158 -30.27 -0.20 34.24
C ALA D 158 -28.91 -0.87 34.03
N LYS D 159 -27.84 -0.05 34.00
CA LYS D 159 -26.48 -0.53 33.89
C LYS D 159 -26.23 -1.57 34.97
N LYS D 160 -26.86 -1.40 36.12
CA LYS D 160 -26.63 -2.32 37.22
C LYS D 160 -27.11 -3.72 36.88
N LEU D 161 -28.06 -3.82 35.95
CA LEU D 161 -28.67 -5.09 35.57
C LEU D 161 -28.09 -5.57 34.24
N MET D 162 -27.07 -4.87 33.75
CA MET D 162 -26.43 -5.27 32.50
C MET D 162 -24.94 -5.58 32.66
N PRO D 163 -24.60 -6.52 33.56
CA PRO D 163 -23.20 -6.69 33.89
C PRO D 163 -22.35 -7.13 32.70
N GLU D 164 -22.91 -7.82 31.71
CA GLU D 164 -22.10 -8.15 30.56
C GLU D 164 -22.49 -7.37 29.33
N GLY D 165 -23.14 -6.23 29.51
CA GLY D 165 -23.35 -5.29 28.41
C GLY D 165 -24.80 -5.26 28.00
N GLY D 166 -25.13 -4.47 26.99
CA GLY D 166 -26.54 -4.41 26.62
C GLY D 166 -26.78 -3.17 25.79
N SER D 167 -28.05 -2.83 25.61
CA SER D 167 -28.42 -1.81 24.62
C SER D 167 -29.55 -0.93 25.12
N ILE D 168 -29.35 0.38 25.01
CA ILE D 168 -30.37 1.39 25.38
C ILE D 168 -30.76 2.30 24.21
N VAL D 169 -32.06 2.37 23.95
CA VAL D 169 -32.60 3.12 22.82
C VAL D 169 -33.56 4.16 23.39
N ALA D 170 -33.48 5.39 22.88
CA ALA D 170 -34.46 6.44 23.21
C ALA D 170 -35.13 6.93 21.91
N THR D 171 -36.20 7.68 22.06
CA THR D 171 -37.00 8.09 20.93
C THR D 171 -37.02 9.60 20.80
N THR D 172 -36.45 10.08 19.71
CA THR D 172 -36.33 11.51 19.49
C THR D 172 -37.13 11.92 18.25
N TYR D 173 -37.00 13.18 17.86
CA TYR D 173 -37.76 13.71 16.73
C TYR D 173 -36.85 14.70 16.02
N LEU D 174 -36.99 14.81 14.71
CA LEU D 174 -36.33 15.84 13.88
C LEU D 174 -36.36 17.23 14.49
N GLY D 175 -37.38 17.53 15.28
CA GLY D 175 -37.37 18.76 16.06
C GLY D 175 -36.18 19.04 16.96
N GLY D 176 -35.44 18.03 17.37
CA GLY D 176 -34.22 18.29 18.13
C GLY D 176 -33.03 18.72 17.28
N GLU D 177 -33.17 18.59 15.95
CA GLU D 177 -32.09 18.86 15.02
C GLU D 177 -32.32 20.12 14.21
N PHE D 178 -33.59 20.49 14.02
CA PHE D 178 -33.97 21.66 13.26
C PHE D 178 -35.11 22.34 14.00
N ALA D 179 -35.21 23.67 13.91
CA ALA D 179 -36.41 24.36 14.40
C ALA D 179 -37.64 24.00 13.58
N VAL D 180 -38.64 23.43 14.24
CA VAL D 180 -39.86 22.95 13.61
C VAL D 180 -41.01 23.78 14.24
N GLN D 181 -41.94 24.31 13.44
CA GLN D 181 -43.00 25.15 14.01
C GLN D 181 -43.75 24.42 15.11
N ASN D 182 -44.06 25.13 16.19
CA ASN D 182 -44.88 24.64 17.32
C ASN D 182 -44.21 23.70 18.30
N TYR D 183 -43.50 22.69 17.81
CA TYR D 183 -42.68 21.82 18.66
C TYR D 183 -41.88 22.48 19.79
N ASN D 184 -41.29 23.65 19.54
CA ASN D 184 -40.85 24.55 20.60
C ASN D 184 -40.05 23.91 21.75
N VAL D 185 -40.66 23.84 22.95
CA VAL D 185 -39.90 23.38 24.13
C VAL D 185 -39.45 21.93 24.00
N MET D 186 -40.19 21.11 23.27
CA MET D 186 -39.83 19.71 23.04
C MET D 186 -38.64 19.56 22.04
N GLY D 187 -38.48 20.54 21.15
CA GLY D 187 -37.32 20.62 20.27
C GLY D 187 -36.05 20.68 21.09
N VAL D 188 -36.03 21.59 22.06
CA VAL D 188 -34.84 21.85 22.85
C VAL D 188 -34.61 20.67 23.79
N ALA D 189 -35.68 20.16 24.40
CA ALA D 189 -35.65 18.92 25.14
C ALA D 189 -35.09 17.75 24.34
N LYS D 190 -35.44 17.67 23.06
CA LYS D 190 -34.92 16.67 22.14
C LYS D 190 -33.45 16.93 21.76
N ALA D 191 -33.11 18.16 21.41
CA ALA D 191 -31.68 18.44 21.21
C ALA D 191 -30.88 17.99 22.44
N SER D 192 -31.36 18.32 23.63
CA SER D 192 -30.78 17.79 24.87
C SER D 192 -30.71 16.26 24.96
N LEU D 193 -31.82 15.57 24.68
CA LEU D 193 -31.81 14.11 24.61
C LEU D 193 -30.81 13.48 23.61
N GLU D 194 -30.76 13.99 22.39
CA GLU D 194 -29.85 13.44 21.40
C GLU D 194 -28.40 13.57 21.86
N ALA D 195 -28.06 14.63 22.57
CA ALA D 195 -26.74 14.69 23.19
C ALA D 195 -26.57 13.78 24.42
N ASN D 196 -27.57 13.67 25.29
CA ASN D 196 -27.49 12.71 26.40
C ASN D 196 -27.00 11.36 25.86
N VAL D 197 -27.65 10.90 24.78
CA VAL D 197 -27.33 9.64 24.10
C VAL D 197 -25.84 9.59 23.70
N LYS D 198 -25.36 10.60 22.99
CA LYS D 198 -23.93 10.65 22.69
C LYS D 198 -23.09 10.56 23.97
N TYR D 199 -23.40 11.32 25.03
CA TYR D 199 -22.57 11.27 26.22
C TYR D 199 -22.72 9.95 27.01
N LEU D 200 -23.90 9.33 26.98
CA LEU D 200 -24.03 8.02 27.62
C LEU D 200 -23.27 6.98 26.83
N ALA D 201 -23.29 7.12 25.50
CA ALA D 201 -22.57 6.18 24.65
C ALA D 201 -21.08 6.19 24.99
N LEU D 202 -20.52 7.37 25.20
CA LEU D 202 -19.09 7.50 25.44
C LEU D 202 -18.79 6.89 26.81
N ASP D 203 -19.63 7.17 27.79
CA ASP D 203 -19.45 6.73 29.18
C ASP D 203 -19.70 5.22 29.37
N LEU D 204 -20.79 4.71 28.79
CA LEU D 204 -21.19 3.33 29.03
C LEU D 204 -20.55 2.32 28.08
N GLY D 205 -19.89 2.85 27.06
CA GLY D 205 -19.23 2.05 26.02
C GLY D 205 -18.26 1.04 26.60
N PRO D 206 -17.38 1.48 27.51
CA PRO D 206 -16.44 0.48 28.05
C PRO D 206 -17.14 -0.62 28.86
N ASP D 207 -18.40 -0.41 29.24
CA ASP D 207 -19.13 -1.45 29.94
C ASP D 207 -19.91 -2.29 28.94
N ASN D 208 -19.59 -2.07 27.67
CA ASN D 208 -20.21 -2.74 26.56
C ASN D 208 -21.72 -2.48 26.53
N ILE D 209 -22.13 -1.27 26.87
CA ILE D 209 -23.52 -0.91 26.78
C ILE D 209 -23.60 0.11 25.67
N ARG D 210 -24.38 -0.16 24.64
CA ARG D 210 -24.60 0.79 23.53
C ARG D 210 -25.82 1.70 23.76
N VAL D 211 -25.76 2.95 23.30
CA VAL D 211 -26.88 3.84 23.54
C VAL D 211 -27.14 4.54 22.24
N ASN D 212 -28.37 4.41 21.73
CA ASN D 212 -28.78 5.04 20.48
C ASN D 212 -30.18 5.65 20.55
N ALA D 213 -30.49 6.40 19.49
CA ALA D 213 -31.77 7.10 19.37
C ALA D 213 -32.46 6.60 18.13
N ILE D 214 -33.79 6.45 18.21
CA ILE D 214 -34.57 6.43 16.99
C ILE D 214 -35.32 7.74 16.84
N SER D 215 -35.09 8.40 15.72
CA SER D 215 -35.82 9.63 15.36
C SER D 215 -37.02 9.26 14.47
N ALA D 216 -38.21 9.13 15.07
CA ALA D 216 -39.41 8.64 14.39
C ALA D 216 -40.03 9.81 13.64
N GLY D 217 -40.61 9.51 12.48
CA GLY D 217 -41.50 10.43 11.80
C GLY D 217 -42.81 10.62 12.56
N PRO D 218 -43.72 11.45 12.05
CA PRO D 218 -44.93 11.70 12.85
C PRO D 218 -45.91 10.50 12.87
N ILE D 219 -46.50 10.25 14.04
CA ILE D 219 -47.40 9.14 14.22
C ILE D 219 -48.48 9.68 15.15
N ARG D 220 -49.74 9.53 14.74
CA ARG D 220 -50.89 9.76 15.61
C ARG D 220 -50.81 8.98 16.94
N THR D 221 -50.39 9.68 17.99
CA THR D 221 -50.44 9.16 19.37
C THR D 221 -51.19 10.13 20.28
N LEU D 222 -51.53 9.66 21.48
CA LEU D 222 -52.02 10.50 22.56
C LEU D 222 -51.12 11.73 22.77
N SER D 223 -49.81 11.54 22.75
CA SER D 223 -48.96 12.70 22.96
C SER D 223 -48.97 13.62 21.74
N ALA D 224 -49.13 13.04 20.55
CA ALA D 224 -49.02 13.80 19.31
C ALA D 224 -50.16 14.84 19.21
N LYS D 225 -51.26 14.57 19.89
CA LYS D 225 -52.46 15.41 19.84
C LYS D 225 -52.19 16.77 20.46
N GLY D 226 -51.34 16.76 21.48
CA GLY D 226 -50.91 17.97 22.14
C GLY D 226 -50.00 18.91 21.37
N VAL D 227 -49.54 18.53 20.16
CA VAL D 227 -48.59 19.39 19.41
C VAL D 227 -49.35 20.25 18.42
N GLY D 228 -49.16 21.56 18.52
CA GLY D 228 -49.73 22.45 17.50
C GLY D 228 -49.44 21.91 16.12
N GLY D 229 -50.49 21.79 15.30
CA GLY D 229 -50.34 21.61 13.84
C GLY D 229 -49.79 20.26 13.44
N PHE D 230 -50.04 19.27 14.30
CA PHE D 230 -49.61 17.90 14.02
C PHE D 230 -50.18 17.32 12.73
N ASN D 231 -51.40 17.69 12.37
CA ASN D 231 -51.97 17.19 11.13
C ASN D 231 -51.25 17.73 9.90
N THR D 232 -50.92 19.02 9.91
CA THR D 232 -50.23 19.58 8.75
C THR D 232 -48.86 18.95 8.56
N ILE D 233 -48.25 18.51 9.67
CA ILE D 233 -46.98 17.80 9.61
C ILE D 233 -47.17 16.39 9.03
N LEU D 234 -48.10 15.62 9.62
CA LEU D 234 -48.54 14.36 9.05
C LEU D 234 -48.70 14.40 7.53
N LYS D 235 -49.46 15.36 7.00
CA LYS D 235 -49.69 15.34 5.56
C LYS D 235 -48.47 15.81 4.77
N GLU D 236 -47.64 16.67 5.36
CA GLU D 236 -46.48 17.13 4.62
C GLU D 236 -45.43 16.02 4.43
N ILE D 237 -45.30 15.08 5.36
CA ILE D 237 -44.52 13.89 5.07
C ILE D 237 -45.00 13.19 3.79
N GLU D 238 -46.28 12.83 3.73
CA GLU D 238 -46.81 12.10 2.59
C GLU D 238 -46.41 12.76 1.28
N GLU D 239 -46.42 14.08 1.28
CA GLU D 239 -46.24 14.81 0.04
C GLU D 239 -44.80 14.94 -0.43
N ARG D 240 -43.87 15.00 0.53
CA ARG D 240 -42.52 15.51 0.29
C ARG D 240 -41.41 14.54 0.72
N ALA D 241 -41.69 13.59 1.62
CA ALA D 241 -40.63 12.68 2.05
C ALA D 241 -40.42 11.64 0.94
N PRO D 242 -39.19 11.12 0.79
CA PRO D 242 -38.84 10.13 -0.26
C PRO D 242 -39.84 8.98 -0.48
N LEU D 243 -40.36 8.39 0.59
CA LEU D 243 -41.23 7.25 0.39
C LEU D 243 -42.67 7.72 0.25
N LYS D 244 -42.89 9.03 0.32
CA LYS D 244 -44.21 9.58 -0.02
C LYS D 244 -45.29 8.94 0.83
N ARG D 245 -44.99 8.64 2.10
CA ARG D 245 -45.94 7.97 2.99
C ARG D 245 -45.57 8.12 4.46
N ASN D 246 -46.53 7.94 5.36
CA ASN D 246 -46.11 7.97 6.75
C ASN D 246 -45.58 6.64 7.27
N VAL D 247 -44.85 6.68 8.39
CA VAL D 247 -44.38 5.48 9.09
C VAL D 247 -45.35 5.09 10.23
N ASP D 248 -45.16 3.95 10.87
CA ASP D 248 -46.02 3.55 11.99
C ASP D 248 -45.23 2.97 13.17
N GLN D 249 -45.96 2.69 14.24
CA GLN D 249 -45.35 2.30 15.50
C GLN D 249 -44.54 1.04 15.24
N VAL D 250 -44.94 0.25 14.26
CA VAL D 250 -44.31 -1.05 14.05
C VAL D 250 -43.00 -0.92 13.27
N GLU D 251 -42.91 0.07 12.38
CA GLU D 251 -41.64 0.31 11.74
C GLU D 251 -40.65 0.84 12.77
N VAL D 252 -41.14 1.45 13.85
CA VAL D 252 -40.21 1.93 14.86
C VAL D 252 -39.63 0.74 15.64
N GLY D 253 -40.48 -0.16 16.08
CA GLY D 253 -40.07 -1.33 16.82
C GLY D 253 -39.21 -2.29 16.03
N LYS D 254 -39.32 -2.27 14.70
CA LYS D 254 -38.44 -3.10 13.85
C LYS D 254 -37.00 -2.59 13.91
N THR D 255 -36.85 -1.27 13.75
CA THR D 255 -35.58 -0.60 14.00
C THR D 255 -35.15 -0.73 15.48
N ALA D 256 -36.09 -0.61 16.41
CA ALA D 256 -35.79 -0.89 17.81
C ALA D 256 -35.22 -2.31 17.99
N ALA D 257 -35.79 -3.30 17.30
CA ALA D 257 -35.29 -4.66 17.39
C ALA D 257 -33.84 -4.73 16.91
N TYR D 258 -33.55 -4.06 15.79
CA TYR D 258 -32.19 -4.00 15.30
C TYR D 258 -31.30 -3.41 16.39
N LEU D 259 -31.64 -2.23 16.88
CA LEU D 259 -30.74 -1.55 17.83
C LEU D 259 -30.60 -2.25 19.19
N LEU D 260 -31.59 -3.06 19.58
CA LEU D 260 -31.56 -3.74 20.87
C LEU D 260 -30.86 -5.10 20.76
N SER D 261 -30.64 -5.56 19.53
CA SER D 261 -30.02 -6.86 19.32
C SER D 261 -28.55 -6.75 18.91
N ASP D 262 -27.94 -7.93 18.80
CA ASP D 262 -26.57 -8.08 18.32
C ASP D 262 -26.39 -7.64 16.87
N LEU D 263 -27.47 -7.55 16.13
CA LEU D 263 -27.36 -7.12 14.75
C LEU D 263 -26.62 -5.78 14.67
N SER D 264 -26.89 -4.90 15.64
CA SER D 264 -26.28 -3.57 15.64
C SER D 264 -25.06 -3.48 16.54
N SER D 265 -24.49 -4.64 16.89
N SER D 265 -24.37 -4.60 16.78
CA SER D 265 -23.17 -4.64 17.48
CA SER D 265 -23.29 -4.62 17.79
C SER D 265 -22.33 -3.71 16.62
C SER D 265 -22.22 -3.51 17.72
N GLY D 266 -21.51 -2.86 17.24
N GLY D 266 -21.95 -2.99 16.51
CA GLY D 266 -20.70 -1.93 16.48
CA GLY D 266 -20.86 -2.06 16.31
C GLY D 266 -21.24 -0.50 16.43
C GLY D 266 -21.31 -0.60 16.23
N VAL D 267 -22.55 -0.36 16.65
CA VAL D 267 -23.30 0.89 16.43
C VAL D 267 -23.63 1.48 17.80
N THR D 268 -23.08 2.65 18.12
CA THR D 268 -23.45 3.34 19.36
C THR D 268 -23.36 4.85 19.16
N GLY D 269 -24.11 5.63 19.94
CA GLY D 269 -24.10 7.08 19.76
C GLY D 269 -24.76 7.52 18.46
N GLU D 270 -25.57 6.63 17.90
CA GLU D 270 -26.17 6.84 16.59
C GLU D 270 -27.67 7.24 16.69
N ASN D 271 -28.15 8.03 15.74
CA ASN D 271 -29.54 8.45 15.64
C ASN D 271 -30.09 7.94 14.32
N ILE D 272 -30.99 6.95 14.37
CA ILE D 272 -31.54 6.37 13.14
C ILE D 272 -32.91 6.94 12.86
N HIS D 273 -33.02 7.59 11.71
CA HIS D 273 -34.28 8.20 11.31
C HIS D 273 -35.22 7.15 10.71
N VAL D 274 -36.33 6.93 11.39
CA VAL D 274 -37.37 6.12 10.80
C VAL D 274 -38.55 7.03 10.40
N ASP D 275 -38.47 7.61 9.20
CA ASP D 275 -39.25 8.80 8.91
C ASP D 275 -39.50 9.01 7.41
N SER D 276 -39.48 7.91 6.67
CA SER D 276 -39.65 7.93 5.21
C SER D 276 -38.59 8.74 4.44
N GLY D 277 -37.47 9.04 5.09
CA GLY D 277 -36.34 9.75 4.47
C GLY D 277 -36.48 11.26 4.52
N PHE D 278 -37.40 11.74 5.36
CA PHE D 278 -37.70 13.17 5.43
C PHE D 278 -36.51 13.98 5.94
N HIS D 279 -35.81 13.45 6.94
CA HIS D 279 -34.58 14.13 7.46
C HIS D 279 -33.59 14.44 6.33
N ALA D 280 -33.62 13.68 5.23
CA ALA D 280 -32.55 13.78 4.21
C ALA D 280 -32.86 14.80 3.13
N ILE D 281 -34.03 15.44 3.25
CA ILE D 281 -34.50 16.31 2.17
C ILE D 281 -34.79 17.68 2.77
N LYS D 282 -34.93 18.64 1.88
CA LYS D 282 -35.21 20.00 2.29
C LYS D 282 -35.88 20.77 1.14
N ASN E 29 32.31 13.37 -15.40
CA ASN E 29 31.71 14.65 -15.85
C ASN E 29 30.85 14.48 -17.11
N LEU E 30 29.58 14.90 -17.03
CA LEU E 30 28.61 14.56 -18.06
C LEU E 30 28.06 15.74 -18.89
N GLU E 31 28.73 16.89 -18.85
CA GLU E 31 28.32 18.02 -19.68
C GLU E 31 28.31 17.61 -21.14
N ASN E 32 27.37 18.15 -21.90
CA ASN E 32 27.12 17.66 -23.25
C ASN E 32 26.81 16.17 -23.34
N LYS E 33 26.24 15.61 -22.28
CA LYS E 33 25.53 14.36 -22.40
C LYS E 33 24.03 14.55 -22.13
N THR E 34 23.22 13.85 -22.90
CA THR E 34 21.79 13.92 -22.73
C THR E 34 21.28 12.51 -22.40
N TYR E 35 20.57 12.39 -21.27
CA TYR E 35 19.99 11.12 -20.85
C TYR E 35 18.48 11.23 -20.62
N VAL E 36 17.75 10.21 -21.06
CA VAL E 36 16.32 10.12 -20.77
C VAL E 36 16.15 9.27 -19.52
N ILE E 37 15.36 9.76 -18.57
CA ILE E 37 15.04 9.04 -17.34
C ILE E 37 13.56 8.79 -17.26
N MET E 38 13.19 7.52 -17.11
CA MET E 38 11.80 7.12 -17.18
C MET E 38 11.34 6.63 -15.81
N GLY E 39 10.31 7.26 -15.28
CA GLY E 39 9.58 6.75 -14.11
C GLY E 39 9.87 7.47 -12.82
N ILE E 40 9.99 8.80 -12.86
CA ILE E 40 9.86 9.56 -11.62
C ILE E 40 8.39 9.83 -11.34
N ALA E 41 7.94 9.48 -10.14
CA ALA E 41 6.56 9.70 -9.69
C ALA E 41 6.53 10.76 -8.60
N ASN E 42 7.64 10.86 -7.85
CA ASN E 42 7.82 11.83 -6.79
C ASN E 42 9.27 11.93 -6.27
N LYS E 43 9.46 12.74 -5.25
CA LYS E 43 10.78 12.92 -4.65
C LYS E 43 11.40 11.65 -4.08
N ARG E 44 10.60 10.65 -3.70
CA ARG E 44 11.15 9.38 -3.21
C ARG E 44 11.52 8.41 -4.34
N SER E 45 10.95 8.59 -5.53
CA SER E 45 11.37 7.77 -6.69
C SER E 45 12.86 7.57 -6.81
N ILE E 46 13.24 6.31 -7.03
CA ILE E 46 14.64 5.96 -7.27
C ILE E 46 15.19 6.74 -8.45
N ALA E 47 14.37 6.96 -9.47
CA ALA E 47 14.86 7.68 -10.64
C ALA E 47 15.08 9.18 -10.39
N PHE E 48 14.53 9.74 -9.32
CA PHE E 48 14.84 11.12 -8.91
C PHE E 48 16.22 11.19 -8.25
N GLY E 49 16.61 10.13 -7.56
CA GLY E 49 17.98 9.95 -7.08
C GLY E 49 18.96 9.95 -8.23
N VAL E 50 18.64 9.15 -9.24
CA VAL E 50 19.40 9.15 -10.48
C VAL E 50 19.46 10.55 -11.09
N ALA E 51 18.32 11.23 -11.14
CA ALA E 51 18.24 12.58 -11.72
C ALA E 51 19.16 13.60 -11.03
N LYS E 52 19.17 13.61 -9.71
CA LYS E 52 19.95 14.57 -8.93
C LYS E 52 21.41 14.33 -9.19
N VAL E 53 21.81 13.07 -9.22
CA VAL E 53 23.19 12.74 -9.45
C VAL E 53 23.58 13.20 -10.86
N LEU E 54 22.76 12.88 -11.86
CA LEU E 54 23.12 13.12 -13.25
C LEU E 54 23.14 14.61 -13.52
N ASP E 55 22.24 15.34 -12.86
CA ASP E 55 22.13 16.79 -12.98
C ASP E 55 23.35 17.45 -12.35
N GLN E 56 23.77 16.95 -11.19
CA GLN E 56 24.93 17.48 -10.49
C GLN E 56 26.19 17.30 -11.31
N LEU E 57 26.26 16.25 -12.13
CA LEU E 57 27.44 15.97 -12.95
C LEU E 57 27.34 16.64 -14.32
N GLY E 58 26.30 17.45 -14.52
CA GLY E 58 26.26 18.36 -15.66
C GLY E 58 25.45 17.85 -16.85
N ALA E 59 24.72 16.75 -16.70
CA ALA E 59 23.94 16.22 -17.83
C ALA E 59 22.77 17.12 -18.23
N LYS E 60 22.38 17.08 -19.51
CA LYS E 60 21.02 17.49 -19.90
C LYS E 60 20.08 16.31 -19.66
N LEU E 61 18.94 16.57 -19.03
CA LEU E 61 18.01 15.49 -18.67
C LEU E 61 16.63 15.62 -19.33
N VAL E 62 16.14 14.54 -19.92
CA VAL E 62 14.78 14.45 -20.43
C VAL E 62 14.01 13.46 -19.54
N PHE E 63 12.79 13.81 -19.15
CA PHE E 63 11.95 12.96 -18.29
C PHE E 63 10.69 12.47 -18.99
N THR E 64 10.36 11.21 -18.76
CA THR E 64 9.08 10.71 -19.20
C THR E 64 8.26 10.24 -17.98
N TYR E 65 6.92 10.30 -18.08
CA TYR E 65 6.00 9.98 -16.98
C TYR E 65 4.77 9.29 -17.57
N ARG E 66 3.95 8.72 -16.68
CA ARG E 66 2.65 8.22 -17.08
C ARG E 66 1.47 9.06 -16.57
N LYS E 67 1.19 9.06 -15.27
CA LYS E 67 0.12 9.87 -14.66
C LYS E 67 0.33 11.40 -14.77
N GLU E 68 -0.78 12.13 -14.83
CA GLU E 68 -0.82 13.59 -14.73
CA GLU E 68 -0.68 13.58 -14.81
C GLU E 68 -0.07 14.00 -13.47
N ARG E 69 -0.48 13.34 -12.38
CA ARG E 69 0.04 13.58 -11.06
C ARG E 69 1.55 13.55 -11.07
N SER E 70 2.14 12.61 -11.82
CA SER E 70 3.60 12.55 -11.94
C SER E 70 4.27 13.70 -12.70
N ARG E 71 3.68 14.16 -13.81
CA ARG E 71 4.11 15.39 -14.49
C ARG E 71 4.09 16.56 -13.49
N LYS E 72 3.02 16.68 -12.70
CA LYS E 72 3.00 17.75 -11.69
C LYS E 72 4.22 17.66 -10.75
N GLU E 73 4.47 16.49 -10.16
CA GLU E 73 5.60 16.36 -9.27
C GLU E 73 6.91 16.70 -9.98
N LEU E 74 7.09 16.25 -11.22
CA LEU E 74 8.30 16.56 -11.99
C LEU E 74 8.51 18.06 -12.14
N GLU E 75 7.44 18.79 -12.45
CA GLU E 75 7.53 20.23 -12.60
C GLU E 75 8.03 20.90 -11.31
N LYS E 76 7.57 20.40 -10.16
CA LYS E 76 8.03 20.85 -8.84
C LYS E 76 9.47 20.41 -8.54
N LEU E 77 9.79 19.15 -8.79
CA LEU E 77 11.14 18.64 -8.54
C LEU E 77 12.23 19.28 -9.40
N LEU E 78 11.87 19.69 -10.62
CA LEU E 78 12.77 20.44 -11.50
C LEU E 78 13.34 21.74 -10.91
N GLU E 79 12.61 22.39 -10.01
CA GLU E 79 13.11 23.59 -9.30
C GLU E 79 14.36 23.33 -8.45
N GLN E 80 14.54 22.09 -7.99
CA GLN E 80 15.75 21.69 -7.29
C GLN E 80 16.93 21.31 -8.20
N LEU E 81 16.71 21.22 -9.50
CA LEU E 81 17.79 20.79 -10.38
C LEU E 81 18.33 21.97 -11.17
N ASN E 82 19.34 21.73 -11.98
CA ASN E 82 20.00 22.81 -12.66
C ASN E 82 19.57 22.85 -14.12
N GLN E 83 18.56 22.07 -14.46
CA GLN E 83 18.14 21.99 -15.86
C GLN E 83 17.50 23.30 -16.28
N PRO E 84 18.11 24.04 -17.24
CA PRO E 84 17.56 25.33 -17.66
C PRO E 84 16.28 25.20 -18.48
N GLU E 85 15.90 23.97 -18.79
CA GLU E 85 14.79 23.69 -19.69
C GLU E 85 14.05 22.44 -19.24
N ALA E 86 12.72 22.48 -19.17
CA ALA E 86 11.94 21.31 -18.77
C ALA E 86 11.56 20.43 -19.97
N HIS E 87 12.17 19.26 -20.06
CA HIS E 87 11.83 18.34 -21.14
C HIS E 87 10.99 17.17 -20.61
N LEU E 88 9.66 17.33 -20.67
CA LEU E 88 8.74 16.32 -20.14
C LEU E 88 7.87 15.67 -21.21
N TYR E 89 7.70 14.34 -21.13
CA TYR E 89 6.95 13.55 -22.10
C TYR E 89 6.13 12.48 -21.42
N GLN E 90 4.86 12.42 -21.79
CA GLN E 90 4.02 11.34 -21.32
C GLN E 90 4.34 10.11 -22.14
N ILE E 91 4.83 9.08 -21.47
CA ILE E 91 4.90 7.78 -22.12
C ILE E 91 4.45 6.69 -21.18
N ASP E 92 3.30 6.13 -21.51
CA ASP E 92 2.80 4.90 -20.89
C ASP E 92 3.35 3.71 -21.64
N VAL E 93 4.23 2.93 -21.03
CA VAL E 93 4.97 1.92 -21.79
C VAL E 93 4.12 0.72 -22.21
N GLN E 94 2.86 0.63 -21.79
CA GLN E 94 1.92 -0.34 -22.37
C GLN E 94 1.51 -0.04 -23.82
N SER E 95 1.82 1.15 -24.31
CA SER E 95 1.38 1.52 -25.67
C SER E 95 2.61 1.66 -26.59
N ASP E 96 2.67 0.88 -27.66
CA ASP E 96 3.76 1.02 -28.61
C ASP E 96 3.78 2.44 -29.20
N GLU E 97 2.60 2.91 -29.61
CA GLU E 97 2.46 4.23 -30.23
CA GLU E 97 2.46 4.23 -30.23
C GLU E 97 3.08 5.30 -29.33
N GLU E 98 2.90 5.17 -28.03
CA GLU E 98 3.38 6.23 -27.12
C GLU E 98 4.89 6.20 -26.99
N VAL E 99 5.49 5.01 -27.05
CA VAL E 99 6.93 4.89 -26.86
C VAL E 99 7.60 5.34 -28.15
N ILE E 100 7.13 4.78 -29.25
CA ILE E 100 7.61 5.21 -30.56
C ILE E 100 7.49 6.72 -30.73
N ASN E 101 6.30 7.29 -30.53
CA ASN E 101 6.08 8.72 -30.80
C ASN E 101 6.81 9.59 -29.78
N GLY E 102 6.87 9.13 -28.52
CA GLY E 102 7.64 9.79 -27.47
C GLY E 102 9.11 9.98 -27.82
N PHE E 103 9.77 8.88 -28.15
CA PHE E 103 11.18 8.97 -28.44
C PHE E 103 11.39 9.75 -29.73
N GLU E 104 10.45 9.65 -30.65
CA GLU E 104 10.60 10.46 -31.85
C GLU E 104 10.53 11.95 -31.50
N GLN E 105 9.57 12.35 -30.67
CA GLN E 105 9.50 13.75 -30.21
C GLN E 105 10.80 14.15 -29.54
N ILE E 106 11.31 13.26 -28.67
CA ILE E 106 12.53 13.57 -27.90
C ILE E 106 13.70 13.83 -28.83
N GLY E 107 13.91 12.94 -29.79
CA GLY E 107 14.85 13.20 -30.87
C GLY E 107 14.63 14.51 -31.60
N LYS E 108 13.39 14.94 -31.84
CA LYS E 108 13.22 16.19 -32.58
C LYS E 108 13.49 17.38 -31.67
N ASP E 109 13.25 17.22 -30.37
CA ASP E 109 13.39 18.34 -29.44
C ASP E 109 14.84 18.54 -29.03
N VAL E 110 15.55 17.45 -28.75
CA VAL E 110 16.88 17.57 -28.14
C VAL E 110 18.00 16.88 -28.92
N GLY E 111 17.67 16.14 -29.98
CA GLY E 111 18.70 15.48 -30.75
C GLY E 111 19.03 14.09 -30.23
N ASN E 112 20.16 13.56 -30.70
CA ASN E 112 20.69 12.30 -30.22
C ASN E 112 21.03 12.35 -28.72
N ILE E 113 20.77 11.23 -28.04
CA ILE E 113 20.98 11.10 -26.61
C ILE E 113 22.11 10.13 -26.36
N ASP E 114 22.60 10.13 -25.12
CA ASP E 114 23.64 9.18 -24.75
C ASP E 114 23.17 8.01 -23.88
N GLY E 115 21.92 8.03 -23.38
CA GLY E 115 21.42 6.87 -22.63
C GLY E 115 20.01 6.98 -22.07
N VAL E 116 19.51 5.88 -21.51
CA VAL E 116 18.19 5.83 -20.93
C VAL E 116 18.32 5.23 -19.55
N TYR E 117 17.65 5.80 -18.55
CA TYR E 117 17.55 5.14 -17.24
C TYR E 117 16.08 4.67 -17.12
N HIS E 118 15.86 3.36 -17.06
CA HIS E 118 14.53 2.78 -16.98
C HIS E 118 14.30 2.43 -15.51
N SER E 119 13.21 2.99 -14.97
CA SER E 119 12.88 2.87 -13.58
C SER E 119 11.39 2.59 -13.46
N ILE E 120 10.89 1.62 -14.22
CA ILE E 120 9.44 1.43 -14.32
C ILE E 120 9.08 -0.01 -13.99
N ALA E 121 8.12 -0.17 -13.10
CA ALA E 121 7.57 -1.50 -12.95
C ALA E 121 6.16 -1.31 -12.46
N PHE E 122 5.33 -2.36 -12.53
CA PHE E 122 4.02 -2.32 -11.93
C PHE E 122 3.52 -3.75 -11.67
N ALA E 123 2.74 -3.97 -10.63
CA ALA E 123 1.92 -5.18 -10.54
C ALA E 123 0.67 -4.85 -9.74
N ASN E 124 -0.40 -5.64 -9.84
CA ASN E 124 -1.57 -5.40 -9.01
C ASN E 124 -1.23 -5.74 -7.58
N MET E 125 -1.73 -4.94 -6.65
N MET E 125 -1.75 -4.95 -6.66
CA MET E 125 -1.39 -5.09 -5.25
CA MET E 125 -1.86 -5.39 -5.29
C MET E 125 -1.52 -6.51 -4.70
C MET E 125 -2.53 -6.75 -5.19
N GLU E 126 -2.59 -7.22 -5.05
N GLU E 126 -3.55 -6.99 -6.02
CA GLU E 126 -2.82 -8.56 -4.50
CA GLU E 126 -4.42 -8.16 -5.86
C GLU E 126 -1.73 -9.53 -4.95
C GLU E 126 -3.67 -9.48 -6.07
N ASP E 127 -0.84 -9.03 -5.80
N ASP E 127 -2.75 -9.49 -7.02
CA ASP E 127 0.15 -9.86 -6.45
CA ASP E 127 -1.83 -10.62 -7.24
C ASP E 127 1.49 -9.70 -5.75
C ASP E 127 -0.62 -10.56 -6.30
N LEU E 128 1.51 -8.90 -4.68
N LEU E 128 0.00 -9.40 -6.17
CA LEU E 128 2.71 -8.65 -3.87
CA LEU E 128 1.08 -9.19 -5.20
C LEU E 128 2.62 -9.11 -2.40
C LEU E 128 0.74 -9.67 -3.78
N ARG E 129 1.91 -10.22 -2.18
N ARG E 129 -0.41 -9.23 -3.26
CA ARG E 129 1.57 -10.70 -0.86
CA ARG E 129 -0.83 -9.64 -1.92
C ARG E 129 0.85 -12.03 -1.00
C ARG E 129 -1.74 -10.87 -2.00
N GLY E 130 0.78 -12.80 0.08
N GLY E 130 -1.15 -12.00 -2.36
CA GLY E 130 0.05 -14.05 0.07
CA GLY E 130 -1.84 -13.29 -2.51
C GLY E 130 0.79 -15.09 -0.75
C GLY E 130 -0.76 -14.33 -2.70
N ARG E 131 0.06 -15.80 -1.62
N ARG E 131 -1.10 -15.62 -2.61
CA ARG E 131 0.57 -16.98 -2.31
CA ARG E 131 -0.10 -16.68 -2.80
C ARG E 131 0.62 -16.87 -3.84
C ARG E 131 0.57 -16.66 -4.18
N PHE E 132 1.83 -17.04 -4.36
CA PHE E 132 2.24 -16.89 -5.74
C PHE E 132 1.45 -17.85 -6.64
N SER E 133 1.16 -19.04 -6.13
CA SER E 133 0.54 -20.06 -6.95
C SER E 133 -0.88 -19.61 -7.36
N GLU E 134 -1.38 -18.52 -6.78
CA GLU E 134 -2.74 -18.08 -7.09
C GLU E 134 -2.78 -16.88 -8.03
N THR E 135 -1.59 -16.45 -8.46
CA THR E 135 -1.48 -15.32 -9.37
C THR E 135 -2.38 -15.54 -10.60
N SER E 136 -3.07 -14.49 -11.02
CA SER E 136 -3.93 -14.56 -12.19
C SER E 136 -3.05 -14.38 -13.42
N ARG E 137 -3.55 -14.95 -14.51
CA ARG E 137 -2.96 -14.78 -15.83
C ARG E 137 -2.84 -13.31 -16.24
N GLU E 138 -3.88 -12.50 -16.01
CA GLU E 138 -3.80 -11.10 -16.44
C GLU E 138 -2.82 -10.34 -15.54
N GLY E 139 -2.83 -10.65 -14.23
CA GLY E 139 -1.81 -10.09 -13.33
C GLY E 139 -0.37 -10.34 -13.76
N PHE E 140 -0.09 -11.60 -14.10
CA PHE E 140 1.24 -12.06 -14.44
C PHE E 140 1.66 -11.36 -15.73
N LEU E 141 0.75 -11.33 -16.70
CA LEU E 141 1.10 -10.79 -17.99
C LEU E 141 1.20 -9.26 -17.94
N LEU E 142 0.33 -8.62 -17.14
CA LEU E 142 0.48 -7.19 -16.85
C LEU E 142 1.89 -6.84 -16.31
N ALA E 143 2.33 -7.56 -15.28
CA ALA E 143 3.62 -7.28 -14.68
C ALA E 143 4.75 -7.48 -15.70
N GLN E 144 4.65 -8.51 -16.54
CA GLN E 144 5.67 -8.76 -17.58
C GLN E 144 5.68 -7.63 -18.61
N ASP E 145 4.49 -7.19 -19.00
CA ASP E 145 4.34 -6.17 -20.01
C ASP E 145 5.03 -4.88 -19.51
N ILE E 146 4.60 -4.39 -18.36
CA ILE E 146 5.13 -3.12 -17.89
C ILE E 146 6.57 -3.25 -17.37
N SER E 147 6.85 -4.30 -16.61
CA SER E 147 8.14 -4.40 -15.92
C SER E 147 9.30 -4.97 -16.76
N SER E 148 9.01 -5.62 -17.90
CA SER E 148 10.08 -6.26 -18.67
C SER E 148 10.03 -5.97 -20.16
N TYR E 149 8.89 -6.22 -20.79
CA TYR E 149 8.78 -5.94 -22.21
C TYR E 149 9.13 -4.50 -22.46
N SER E 150 8.73 -3.64 -21.55
CA SER E 150 8.83 -2.21 -21.78
C SER E 150 10.28 -1.82 -22.08
N LEU E 151 11.23 -2.55 -21.51
CA LEU E 151 12.63 -2.26 -21.81
C LEU E 151 13.04 -2.61 -23.25
N THR E 152 12.47 -3.67 -23.78
CA THR E 152 12.79 -4.11 -25.12
C THR E 152 12.38 -3.03 -26.12
N ILE E 153 11.13 -2.60 -26.00
CA ILE E 153 10.57 -1.59 -26.89
C ILE E 153 11.26 -0.23 -26.70
N VAL E 154 11.56 0.12 -25.45
CA VAL E 154 12.27 1.38 -25.18
C VAL E 154 13.63 1.37 -25.85
N ALA E 155 14.37 0.27 -25.69
CA ALA E 155 15.66 0.07 -26.32
C ALA E 155 15.58 0.18 -27.83
N HIS E 156 14.62 -0.52 -28.44
CA HIS E 156 14.45 -0.38 -29.88
C HIS E 156 14.27 1.07 -30.32
N GLU E 157 13.44 1.82 -29.61
CA GLU E 157 13.16 3.21 -30.01
C GLU E 157 14.32 4.15 -29.67
N ALA E 158 14.95 3.92 -28.51
CA ALA E 158 16.09 4.76 -28.10
C ALA E 158 17.30 4.53 -29.01
N LYS E 159 17.45 3.32 -29.51
CA LYS E 159 18.55 2.94 -30.39
C LYS E 159 18.61 3.92 -31.54
N LYS E 160 17.45 4.33 -32.07
CA LYS E 160 17.34 5.31 -33.16
C LYS E 160 18.05 6.64 -32.88
N LEU E 161 18.08 6.99 -31.60
CA LEU E 161 18.67 8.24 -31.15
C LEU E 161 20.08 8.02 -30.65
N MET E 162 20.62 6.83 -30.85
CA MET E 162 22.01 6.62 -30.45
C MET E 162 22.90 6.08 -31.56
N PRO E 163 23.02 6.80 -32.69
CA PRO E 163 23.78 6.26 -33.82
C PRO E 163 25.26 6.07 -33.51
N GLU E 164 25.78 6.79 -32.52
CA GLU E 164 27.15 6.65 -32.09
C GLU E 164 27.28 5.65 -30.93
N GLY E 165 26.17 5.05 -30.50
CA GLY E 165 26.22 4.22 -29.30
C GLY E 165 25.73 4.94 -28.04
N GLY E 166 25.48 4.17 -26.99
CA GLY E 166 25.26 4.77 -25.70
C GLY E 166 25.04 3.71 -24.65
N SER E 167 24.17 4.00 -23.70
CA SER E 167 24.08 3.14 -22.51
C SER E 167 22.64 3.08 -21.99
N ILE E 168 22.18 1.90 -21.63
CA ILE E 168 20.82 1.76 -21.11
C ILE E 168 20.84 0.96 -19.79
N VAL E 169 20.13 1.47 -18.79
CA VAL E 169 20.23 0.87 -17.47
C VAL E 169 18.81 0.65 -16.97
N ALA E 170 18.53 -0.53 -16.45
CA ALA E 170 17.21 -0.79 -15.86
C ALA E 170 17.34 -1.17 -14.37
N THR E 171 16.27 -0.96 -13.60
CA THR E 171 16.34 -1.14 -12.16
C THR E 171 15.71 -2.48 -11.83
N THR E 172 16.50 -3.38 -11.22
CA THR E 172 15.91 -4.66 -10.81
C THR E 172 15.96 -4.89 -9.28
N TYR E 173 15.54 -6.05 -8.81
CA TYR E 173 15.59 -6.31 -7.39
C TYR E 173 16.07 -7.73 -7.18
N LEU E 174 16.77 -7.99 -6.08
CA LEU E 174 17.20 -9.35 -5.74
C LEU E 174 16.15 -10.44 -5.91
N GLY E 175 14.85 -10.11 -5.72
CA GLY E 175 13.74 -11.11 -5.89
C GLY E 175 13.58 -11.68 -7.30
N GLY E 176 14.29 -11.09 -8.26
CA GLY E 176 14.41 -11.70 -9.59
C GLY E 176 15.48 -12.79 -9.65
N GLU E 177 16.37 -12.86 -8.66
CA GLU E 177 17.39 -13.94 -8.59
C GLU E 177 17.08 -15.08 -7.65
N PHE E 178 16.18 -14.88 -6.69
CA PHE E 178 15.81 -15.82 -5.63
C PHE E 178 14.36 -15.56 -5.27
N ALA E 179 13.68 -16.56 -4.76
CA ALA E 179 12.34 -16.37 -4.29
C ALA E 179 12.39 -15.64 -2.93
N VAL E 180 11.84 -14.42 -2.92
CA VAL E 180 11.71 -13.58 -1.72
C VAL E 180 10.26 -13.53 -1.29
N GLN E 181 9.95 -13.80 -0.02
CA GLN E 181 8.60 -13.65 0.47
C GLN E 181 7.89 -12.41 -0.10
N ASN E 182 6.65 -12.62 -0.55
CA ASN E 182 5.72 -11.56 -0.94
C ASN E 182 6.09 -10.77 -2.19
N TYR E 183 7.29 -10.90 -2.72
CA TYR E 183 7.58 -10.26 -4.00
C TYR E 183 6.87 -10.94 -5.19
N ASN E 184 6.59 -12.24 -5.04
CA ASN E 184 5.64 -12.96 -5.89
C ASN E 184 5.73 -12.66 -7.42
N VAL E 185 4.66 -12.21 -8.06
CA VAL E 185 4.65 -11.99 -9.50
C VAL E 185 5.73 -11.02 -9.92
N MET E 186 6.26 -10.25 -8.99
CA MET E 186 7.22 -9.24 -9.41
C MET E 186 8.62 -9.86 -9.53
N GLY E 187 8.86 -10.92 -8.76
CA GLY E 187 10.13 -11.64 -8.83
C GLY E 187 10.27 -12.24 -10.22
N VAL E 188 9.19 -12.84 -10.71
CA VAL E 188 9.23 -13.47 -12.00
C VAL E 188 9.40 -12.41 -13.07
N ALA E 189 8.85 -11.21 -12.85
CA ALA E 189 8.98 -10.15 -13.83
C ALA E 189 10.39 -9.57 -13.82
N LYS E 190 11.08 -9.60 -12.67
CA LYS E 190 12.47 -9.10 -12.60
C LYS E 190 13.43 -10.14 -13.16
N ALA E 191 13.15 -11.43 -12.95
CA ALA E 191 13.97 -12.46 -13.60
C ALA E 191 13.94 -12.25 -15.15
N SER E 192 12.74 -12.06 -15.66
CA SER E 192 12.48 -11.76 -17.07
C SER E 192 13.17 -10.48 -17.54
N LEU E 193 13.10 -9.42 -16.73
CA LEU E 193 13.87 -8.20 -17.01
C LEU E 193 15.38 -8.43 -17.05
N GLU E 194 15.91 -9.12 -16.07
CA GLU E 194 17.35 -9.36 -16.02
C GLU E 194 17.87 -10.10 -17.30
N ALA E 195 17.13 -11.11 -17.73
CA ALA E 195 17.40 -11.79 -19.01
C ALA E 195 17.26 -10.84 -20.21
N ASN E 196 16.27 -9.95 -20.16
CA ASN E 196 15.97 -8.98 -21.21
C ASN E 196 17.23 -8.13 -21.31
N VAL E 197 17.81 -7.77 -20.17
CA VAL E 197 19.07 -7.03 -20.22
C VAL E 197 20.21 -7.78 -20.93
N LYS E 198 20.31 -9.09 -20.70
CA LYS E 198 21.36 -9.91 -21.30
C LYS E 198 21.11 -10.09 -22.80
N TYR E 199 19.89 -10.42 -23.22
CA TYR E 199 19.63 -10.52 -24.66
C TYR E 199 19.76 -9.17 -25.42
N LEU E 200 19.45 -8.06 -24.75
CA LEU E 200 19.59 -6.77 -25.42
C LEU E 200 21.06 -6.37 -25.53
N ALA E 201 21.87 -6.77 -24.53
CA ALA E 201 23.32 -6.48 -24.58
C ALA E 201 23.99 -7.21 -25.74
N LEU E 202 23.66 -8.49 -25.86
CA LEU E 202 24.11 -9.29 -26.99
C LEU E 202 23.66 -8.60 -28.27
N ASP E 203 22.40 -8.23 -28.35
CA ASP E 203 21.82 -7.76 -29.62
C ASP E 203 22.40 -6.40 -30.00
N LEU E 204 22.59 -5.54 -29.01
CA LEU E 204 22.82 -4.11 -29.30
C LEU E 204 24.29 -3.77 -29.14
N GLY E 205 24.98 -4.71 -28.51
CA GLY E 205 26.42 -4.74 -28.47
C GLY E 205 27.21 -4.28 -29.67
N PRO E 206 26.96 -4.87 -30.85
CA PRO E 206 27.66 -4.44 -32.07
C PRO E 206 27.36 -3.00 -32.49
N ASP E 207 26.29 -2.41 -31.98
CA ASP E 207 25.97 -1.02 -32.24
C ASP E 207 26.59 -0.08 -31.20
N ASN E 208 27.49 -0.62 -30.37
CA ASN E 208 28.08 0.10 -29.23
C ASN E 208 27.08 0.65 -28.21
N ILE E 209 26.00 -0.09 -27.97
CA ILE E 209 24.99 0.25 -26.97
C ILE E 209 25.09 -0.80 -25.88
N ARG E 210 25.40 -0.33 -24.68
CA ARG E 210 25.57 -1.17 -23.51
C ARG E 210 24.23 -1.20 -22.77
N VAL E 211 23.89 -2.36 -22.22
CA VAL E 211 22.65 -2.54 -21.48
C VAL E 211 23.01 -3.26 -20.17
N ASN E 212 22.61 -2.67 -19.05
CA ASN E 212 22.97 -3.19 -17.75
C ASN E 212 21.80 -3.04 -16.78
N ALA E 213 21.95 -3.58 -15.58
CA ALA E 213 20.97 -3.36 -14.51
C ALA E 213 21.64 -2.94 -13.21
N ILE E 214 20.90 -2.21 -12.39
CA ILE E 214 21.30 -1.94 -11.02
C ILE E 214 20.27 -2.71 -10.20
N SER E 215 20.72 -3.64 -9.35
CA SER E 215 19.84 -4.34 -8.42
C SER E 215 19.83 -3.60 -7.09
N ALA E 216 18.84 -2.73 -6.92
CA ALA E 216 18.81 -1.83 -5.80
C ALA E 216 18.32 -2.56 -4.55
N GLY E 217 18.87 -2.19 -3.41
CA GLY E 217 18.31 -2.66 -2.14
C GLY E 217 16.98 -1.99 -1.86
N PRO E 218 16.24 -2.45 -0.83
CA PRO E 218 14.93 -1.85 -0.52
C PRO E 218 15.01 -0.37 -0.11
N ILE E 219 14.07 0.44 -0.60
CA ILE E 219 14.04 1.89 -0.37
C ILE E 219 12.60 2.33 -0.30
N ARG E 220 12.26 3.13 0.71
CA ARG E 220 10.86 3.54 0.86
C ARG E 220 10.49 4.42 -0.33
N THR E 221 9.68 3.88 -1.23
CA THR E 221 9.08 4.59 -2.35
C THR E 221 7.58 4.29 -2.32
N LEU E 222 6.82 5.02 -3.11
CA LEU E 222 5.41 4.71 -3.37
C LEU E 222 5.15 3.25 -3.76
N SER E 223 5.95 2.70 -4.68
CA SER E 223 5.75 1.33 -5.14
C SER E 223 6.09 0.36 -4.02
N ALA E 224 7.05 0.74 -3.20
CA ALA E 224 7.40 -0.16 -2.11
C ALA E 224 6.19 -0.43 -1.22
N LYS E 225 5.16 0.41 -1.23
CA LYS E 225 4.00 0.24 -0.34
C LYS E 225 3.13 -0.97 -0.71
N GLY E 226 3.32 -1.53 -1.89
CA GLY E 226 2.58 -2.74 -2.20
C GLY E 226 3.38 -4.02 -2.09
N VAL E 227 4.50 -4.04 -1.36
CA VAL E 227 5.17 -5.31 -1.10
C VAL E 227 4.88 -5.71 0.35
N GLY E 228 4.10 -6.77 0.54
CA GLY E 228 3.86 -7.23 1.91
C GLY E 228 5.19 -7.28 2.63
N GLY E 229 5.18 -6.85 3.88
CA GLY E 229 6.33 -7.02 4.77
C GLY E 229 7.58 -6.20 4.50
N PHE E 230 7.46 -5.19 3.66
CA PHE E 230 8.56 -4.26 3.37
C PHE E 230 9.33 -3.74 4.59
N ASN E 231 8.65 -3.32 5.64
CA ASN E 231 9.42 -2.86 6.79
C ASN E 231 10.34 -3.96 7.36
N THR E 232 9.87 -5.20 7.37
CA THR E 232 10.58 -6.33 7.96
C THR E 232 11.83 -6.63 7.15
N ILE E 233 11.71 -6.48 5.83
CA ILE E 233 12.80 -6.57 4.87
C ILE E 233 13.84 -5.49 5.17
N LEU E 234 13.37 -4.28 5.40
CA LEU E 234 14.29 -3.16 5.51
C LEU E 234 15.21 -3.39 6.69
N LYS E 235 14.63 -3.89 7.77
CA LYS E 235 15.32 -3.97 9.02
C LYS E 235 16.25 -5.15 8.92
N GLU E 236 15.85 -6.14 8.15
CA GLU E 236 16.71 -7.29 8.06
C GLU E 236 18.01 -7.00 7.27
N ILE E 237 17.97 -6.13 6.27
CA ILE E 237 19.18 -5.52 5.71
C ILE E 237 20.03 -4.89 6.80
N GLU E 238 19.40 -4.20 7.76
CA GLU E 238 20.18 -3.40 8.67
C GLU E 238 20.92 -4.37 9.56
N GLU E 239 20.26 -5.47 9.93
CA GLU E 239 20.81 -6.43 10.87
C GLU E 239 21.87 -7.32 10.23
N ARG E 240 21.75 -7.55 8.93
CA ARG E 240 22.39 -8.71 8.32
C ARG E 240 23.33 -8.39 7.19
N ALA E 241 23.14 -7.28 6.49
CA ALA E 241 23.92 -7.05 5.29
C ALA E 241 25.29 -6.55 5.74
N PRO E 242 26.36 -6.90 4.98
CA PRO E 242 27.75 -6.48 5.24
C PRO E 242 27.91 -5.06 5.79
N LEU E 243 27.26 -4.10 5.15
CA LEU E 243 27.35 -2.72 5.56
C LEU E 243 26.45 -2.40 6.72
N LYS E 244 25.54 -3.28 7.10
CA LYS E 244 24.69 -3.04 8.29
C LYS E 244 23.90 -1.74 8.21
N ARG E 245 23.38 -1.41 7.03
CA ARG E 245 22.59 -0.19 6.84
C ARG E 245 21.86 -0.33 5.51
N ASN E 246 20.75 0.38 5.32
CA ASN E 246 20.14 0.39 4.00
C ASN E 246 20.82 1.41 3.10
N VAL E 247 20.63 1.23 1.79
CA VAL E 247 21.03 2.17 0.76
C VAL E 247 19.91 3.20 0.54
N ASP E 248 20.23 4.24 -0.22
CA ASP E 248 19.20 5.19 -0.69
C ASP E 248 19.32 5.51 -2.19
N GLN E 249 18.44 6.40 -2.64
CA GLN E 249 18.17 6.60 -4.05
C GLN E 249 19.38 7.24 -4.71
N VAL E 250 20.10 8.03 -3.92
CA VAL E 250 21.27 8.72 -4.44
C VAL E 250 22.44 7.75 -4.70
N GLU E 251 22.53 6.69 -3.89
CA GLU E 251 23.54 5.68 -4.12
C GLU E 251 23.21 4.91 -5.39
N VAL E 252 21.95 4.58 -5.64
CA VAL E 252 21.56 4.05 -6.95
C VAL E 252 22.04 5.03 -8.05
N GLY E 253 21.86 6.32 -7.80
CA GLY E 253 22.12 7.33 -8.81
C GLY E 253 23.59 7.38 -9.13
N LYS E 254 24.44 7.29 -8.11
CA LYS E 254 25.88 7.30 -8.30
C LYS E 254 26.38 6.12 -9.15
N THR E 255 25.83 4.92 -8.91
CA THR E 255 26.11 3.80 -9.81
C THR E 255 25.49 3.91 -11.23
N ALA E 256 24.20 4.20 -11.34
CA ALA E 256 23.65 4.73 -12.61
C ALA E 256 24.64 5.62 -13.38
N ALA E 257 25.23 6.59 -12.68
CA ALA E 257 26.12 7.53 -13.35
C ALA E 257 27.36 6.84 -13.87
N TYR E 258 27.83 5.85 -13.13
CA TYR E 258 28.95 5.02 -13.57
C TYR E 258 28.60 4.29 -14.89
N LEU E 259 27.47 3.60 -14.89
CA LEU E 259 27.06 2.77 -16.00
C LEU E 259 26.70 3.59 -17.26
N LEU E 260 26.25 4.83 -17.08
CA LEU E 260 25.77 5.62 -18.21
C LEU E 260 26.93 6.44 -18.78
N SER E 261 28.07 6.49 -18.09
CA SER E 261 29.24 7.23 -18.58
C SER E 261 30.27 6.29 -19.24
N ASP E 262 31.34 6.84 -19.80
CA ASP E 262 32.38 6.01 -20.40
C ASP E 262 33.24 5.33 -19.32
N LEU E 263 32.93 5.56 -18.06
CA LEU E 263 33.72 4.91 -17.01
C LEU E 263 33.50 3.40 -17.09
N SER E 264 32.25 3.00 -17.36
CA SER E 264 31.85 1.58 -17.42
C SER E 264 31.94 1.06 -18.86
N SER E 265 32.85 1.64 -19.64
N SER E 265 32.84 1.60 -19.69
CA SER E 265 33.10 1.10 -20.98
CA SER E 265 32.75 1.31 -21.13
C SER E 265 33.63 -0.31 -20.81
C SER E 265 32.95 -0.15 -21.51
N GLY E 266 33.21 -1.20 -21.71
N GLY E 266 33.68 -0.88 -20.67
CA GLY E 266 33.58 -2.60 -21.59
CA GLY E 266 33.95 -2.29 -20.96
C GLY E 266 32.75 -3.38 -20.59
C GLY E 266 32.94 -3.26 -20.37
N VAL E 267 31.80 -2.72 -19.92
CA VAL E 267 30.85 -3.41 -19.04
C VAL E 267 29.46 -3.43 -19.64
N THR E 268 28.99 -4.60 -20.06
CA THR E 268 27.65 -4.75 -20.58
C THR E 268 27.07 -6.09 -20.13
N GLY E 269 25.75 -6.20 -20.16
CA GLY E 269 25.05 -7.40 -19.77
C GLY E 269 25.22 -7.67 -18.28
N GLU E 270 25.58 -6.63 -17.53
CA GLU E 270 25.93 -6.78 -16.12
C GLU E 270 24.78 -6.32 -15.21
N ASN E 271 24.72 -6.94 -14.03
CA ASN E 271 23.84 -6.59 -12.94
C ASN E 271 24.61 -6.10 -11.70
N ILE E 272 24.58 -4.81 -11.39
CA ILE E 272 25.34 -4.32 -10.22
C ILE E 272 24.45 -4.20 -8.97
N HIS E 273 24.81 -4.93 -7.93
CA HIS E 273 23.97 -4.91 -6.74
C HIS E 273 24.41 -3.72 -5.89
N VAL E 274 23.44 -2.83 -5.65
CA VAL E 274 23.67 -1.60 -4.91
C VAL E 274 22.80 -1.74 -3.70
N ASP E 275 23.29 -2.53 -2.76
CA ASP E 275 22.40 -3.10 -1.78
C ASP E 275 23.09 -3.46 -0.45
N SER E 276 24.22 -2.82 -0.13
CA SER E 276 24.96 -3.05 1.12
C SER E 276 25.68 -4.39 1.23
N GLY E 277 25.95 -5.04 0.09
CA GLY E 277 26.45 -6.42 0.07
C GLY E 277 25.43 -7.50 0.34
N PHE E 278 24.16 -7.14 0.54
CA PHE E 278 23.14 -8.16 0.88
C PHE E 278 23.14 -9.36 -0.04
N HIS E 279 23.27 -9.14 -1.35
CA HIS E 279 23.28 -10.22 -2.33
C HIS E 279 24.38 -11.27 -2.08
N ALA E 280 25.45 -10.91 -1.39
CA ALA E 280 26.62 -11.77 -1.31
C ALA E 280 26.52 -12.70 -0.12
N ILE E 281 25.53 -12.48 0.72
CA ILE E 281 25.50 -13.28 1.94
C ILE E 281 24.27 -14.17 1.95
N LYS E 282 24.18 -14.99 2.99
CA LYS E 282 23.16 -16.00 3.13
C LYS E 282 23.18 -16.48 4.60
N VAL F 28 14.65 -46.13 -9.88
CA VAL F 28 13.80 -46.03 -8.65
C VAL F 28 12.90 -47.27 -8.35
N ASN F 29 11.67 -46.99 -7.91
CA ASN F 29 10.47 -47.76 -8.27
C ASN F 29 9.15 -47.06 -8.03
N LEU F 30 8.35 -46.92 -9.08
CA LEU F 30 7.21 -46.00 -9.11
C LEU F 30 5.86 -46.68 -9.31
N GLU F 31 5.75 -47.94 -8.90
CA GLU F 31 4.46 -48.64 -8.91
C GLU F 31 3.53 -48.01 -7.88
N ASN F 32 2.25 -47.92 -8.24
CA ASN F 32 1.25 -47.26 -7.40
C ASN F 32 1.38 -45.73 -7.37
N LYS F 33 2.28 -45.19 -8.18
CA LYS F 33 2.36 -43.76 -8.44
C LYS F 33 1.73 -43.34 -9.77
N THR F 34 1.27 -42.09 -9.86
CA THR F 34 0.54 -41.56 -11.00
C THR F 34 1.08 -40.17 -11.35
N TYR F 35 1.71 -40.04 -12.51
CA TYR F 35 2.21 -38.74 -12.99
C TYR F 35 1.41 -38.21 -14.17
N VAL F 36 1.30 -36.90 -14.27
CA VAL F 36 0.77 -36.26 -15.48
C VAL F 36 1.89 -35.75 -16.41
N ILE F 37 1.84 -36.12 -17.68
CA ILE F 37 2.86 -35.62 -18.61
C ILE F 37 2.27 -34.70 -19.69
N MET F 38 2.70 -33.44 -19.67
CA MET F 38 2.14 -32.43 -20.59
C MET F 38 3.18 -32.15 -21.66
N GLY F 39 2.78 -32.16 -22.93
CA GLY F 39 3.67 -31.67 -24.00
C GLY F 39 4.34 -32.73 -24.88
N ILE F 40 3.72 -33.90 -25.00
CA ILE F 40 4.13 -34.83 -26.03
C ILE F 40 3.44 -34.48 -27.34
N ALA F 41 4.21 -34.19 -28.38
CA ALA F 41 3.67 -34.04 -29.75
C ALA F 41 3.97 -35.26 -30.62
N ASN F 42 5.17 -35.82 -30.48
CA ASN F 42 5.56 -36.98 -31.30
C ASN F 42 6.61 -37.85 -30.59
N LYS F 43 7.20 -38.81 -31.31
CA LYS F 43 8.20 -39.71 -30.72
C LYS F 43 9.51 -39.00 -30.27
N ARG F 44 9.75 -37.81 -30.82
CA ARG F 44 10.98 -37.05 -30.57
CA ARG F 44 10.98 -37.07 -30.53
C ARG F 44 10.81 -36.08 -29.38
N SER F 45 9.58 -35.88 -28.91
CA SER F 45 9.38 -34.96 -27.81
C SER F 45 10.16 -35.35 -26.59
N ILE F 46 10.79 -34.38 -25.95
CA ILE F 46 11.37 -34.61 -24.62
C ILE F 46 10.42 -35.36 -23.68
N ALA F 47 9.17 -34.91 -23.58
CA ALA F 47 8.19 -35.58 -22.73
C ALA F 47 8.00 -37.09 -23.03
N PHE F 48 8.21 -37.50 -24.26
CA PHE F 48 8.12 -38.93 -24.53
C PHE F 48 9.30 -39.71 -23.92
N GLY F 49 10.48 -39.13 -23.93
CA GLY F 49 11.60 -39.70 -23.18
C GLY F 49 11.27 -39.88 -21.71
N VAL F 50 10.76 -38.82 -21.11
CA VAL F 50 10.20 -38.88 -19.76
C VAL F 50 9.22 -40.04 -19.62
N ALA F 51 8.28 -40.16 -20.56
CA ALA F 51 7.24 -41.17 -20.45
C ALA F 51 7.83 -42.58 -20.53
N LYS F 52 8.74 -42.81 -21.46
CA LYS F 52 9.39 -44.12 -21.58
C LYS F 52 10.04 -44.54 -20.26
N VAL F 53 10.77 -43.63 -19.64
CA VAL F 53 11.41 -43.94 -18.37
C VAL F 53 10.39 -44.20 -17.27
N LEU F 54 9.45 -43.28 -17.07
CA LEU F 54 8.48 -43.46 -16.01
C LEU F 54 7.66 -44.73 -16.22
N ASP F 55 7.31 -45.00 -17.48
CA ASP F 55 6.49 -46.16 -17.76
C ASP F 55 7.32 -47.41 -17.43
N GLN F 56 8.58 -47.41 -17.88
CA GLN F 56 9.48 -48.52 -17.63
C GLN F 56 9.65 -48.79 -16.13
N LEU F 57 9.52 -47.74 -15.32
CA LEU F 57 9.68 -47.83 -13.87
C LEU F 57 8.39 -48.17 -13.12
N GLY F 58 7.32 -48.45 -13.85
CA GLY F 58 6.07 -48.84 -13.23
C GLY F 58 5.01 -47.79 -12.88
N ALA F 59 5.21 -46.51 -13.21
CA ALA F 59 4.21 -45.47 -12.95
C ALA F 59 2.97 -45.57 -13.84
N LYS F 60 1.81 -45.23 -13.28
CA LYS F 60 0.61 -44.88 -14.04
C LYS F 60 0.86 -43.52 -14.65
N LEU F 61 0.54 -43.37 -15.92
CA LEU F 61 0.79 -42.12 -16.64
C LEU F 61 -0.48 -41.57 -17.30
N VAL F 62 -0.65 -40.26 -17.23
CA VAL F 62 -1.81 -39.58 -17.77
C VAL F 62 -1.21 -38.51 -18.64
N PHE F 63 -1.82 -38.22 -19.79
CA PHE F 63 -1.15 -37.49 -20.84
C PHE F 63 -2.02 -36.31 -21.29
N THR F 64 -1.44 -35.12 -21.37
CA THR F 64 -2.15 -33.98 -21.95
C THR F 64 -1.48 -33.42 -23.23
N TYR F 65 -2.32 -32.84 -24.09
CA TYR F 65 -1.91 -32.48 -25.45
C TYR F 65 -2.72 -31.26 -25.89
N ARG F 66 -2.18 -30.47 -26.83
CA ARG F 66 -2.99 -29.41 -27.48
C ARG F 66 -3.62 -29.78 -28.84
N LYS F 67 -2.80 -29.97 -29.87
CA LYS F 67 -3.28 -30.27 -31.24
C LYS F 67 -3.95 -31.66 -31.33
N GLU F 68 -4.95 -31.78 -32.19
CA GLU F 68 -5.55 -33.06 -32.46
C GLU F 68 -4.51 -34.05 -32.99
N ARG F 69 -3.51 -33.52 -33.68
CA ARG F 69 -2.40 -34.34 -34.17
C ARG F 69 -1.60 -34.97 -33.03
N SER F 70 -1.36 -34.22 -31.97
CA SER F 70 -0.60 -34.74 -30.82
C SER F 70 -1.33 -35.91 -30.17
N ARG F 71 -2.63 -35.79 -30.00
CA ARG F 71 -3.39 -36.94 -29.50
C ARG F 71 -3.20 -38.16 -30.42
N LYS F 72 -3.22 -37.96 -31.75
CA LYS F 72 -3.04 -39.07 -32.67
C LYS F 72 -1.69 -39.74 -32.44
N GLU F 73 -0.64 -38.93 -32.35
CA GLU F 73 0.70 -39.45 -32.13
C GLU F 73 0.82 -40.21 -30.80
N LEU F 74 0.14 -39.70 -29.79
CA LEU F 74 0.16 -40.28 -28.47
C LEU F 74 -0.50 -41.66 -28.49
N GLU F 75 -1.62 -41.75 -29.21
CA GLU F 75 -2.32 -43.02 -29.30
C GLU F 75 -1.45 -44.09 -29.94
N LYS F 76 -0.64 -43.70 -30.91
CA LYS F 76 0.28 -44.64 -31.56
C LYS F 76 1.51 -44.91 -30.68
N LEU F 77 1.88 -43.96 -29.82
CA LEU F 77 3.09 -44.15 -29.03
C LEU F 77 2.78 -44.96 -27.78
N LEU F 78 1.53 -44.86 -27.32
CA LEU F 78 1.04 -45.66 -26.21
C LEU F 78 1.24 -47.18 -26.35
N GLU F 79 1.33 -47.65 -27.60
CA GLU F 79 1.58 -49.05 -27.92
C GLU F 79 2.98 -49.55 -27.53
N GLN F 80 3.98 -48.66 -27.60
CA GLN F 80 5.33 -48.94 -27.10
C GLN F 80 5.43 -49.03 -25.57
N LEU F 81 4.40 -48.58 -24.88
CA LEU F 81 4.45 -48.40 -23.43
C LEU F 81 3.71 -49.56 -22.76
N ASN F 82 3.86 -49.73 -21.45
CA ASN F 82 3.05 -50.73 -20.78
C ASN F 82 1.84 -50.14 -20.07
N GLN F 83 1.25 -49.08 -20.60
CA GLN F 83 0.08 -48.50 -19.95
C GLN F 83 -1.19 -49.32 -20.20
N PRO F 84 -1.70 -50.01 -19.16
CA PRO F 84 -2.93 -50.71 -19.49
C PRO F 84 -4.05 -49.80 -20.03
N GLU F 85 -4.14 -48.54 -19.59
CA GLU F 85 -5.15 -47.61 -20.10
C GLU F 85 -4.53 -46.35 -20.70
N ALA F 86 -5.10 -45.91 -21.82
CA ALA F 86 -4.85 -44.57 -22.33
C ALA F 86 -5.63 -43.51 -21.53
N HIS F 87 -4.93 -42.62 -20.83
CA HIS F 87 -5.59 -41.46 -20.23
C HIS F 87 -5.13 -40.16 -20.91
N LEU F 88 -5.93 -39.66 -21.86
CA LEU F 88 -5.54 -38.53 -22.71
C LEU F 88 -6.48 -37.34 -22.49
N TYR F 89 -5.91 -36.15 -22.37
CA TYR F 89 -6.69 -34.95 -22.13
C TYR F 89 -6.14 -33.79 -22.93
N GLN F 90 -7.07 -33.12 -23.60
CA GLN F 90 -6.75 -31.91 -24.32
C GLN F 90 -6.73 -30.83 -23.30
N ILE F 91 -5.56 -30.20 -23.16
CA ILE F 91 -5.43 -28.96 -22.44
C ILE F 91 -4.51 -28.01 -23.21
N ASP F 92 -5.13 -26.98 -23.77
CA ASP F 92 -4.42 -25.76 -24.17
C ASP F 92 -4.16 -24.92 -22.92
N VAL F 93 -2.89 -24.79 -22.52
CA VAL F 93 -2.53 -24.01 -21.31
C VAL F 93 -2.76 -22.50 -21.47
N GLN F 94 -3.23 -22.07 -22.63
CA GLN F 94 -3.64 -20.68 -22.81
C GLN F 94 -5.00 -20.33 -22.17
N SER F 95 -5.75 -21.37 -21.84
CA SER F 95 -7.13 -21.25 -21.38
C SER F 95 -7.19 -21.72 -19.91
N ASP F 96 -7.62 -20.84 -19.02
CA ASP F 96 -7.79 -21.19 -17.64
C ASP F 96 -8.81 -22.34 -17.52
N GLU F 97 -9.94 -22.23 -18.22
CA GLU F 97 -11.00 -23.23 -18.06
C GLU F 97 -10.50 -24.60 -18.52
N GLU F 98 -9.67 -24.67 -19.56
CA GLU F 98 -9.14 -25.97 -19.96
C GLU F 98 -8.21 -26.60 -18.92
N VAL F 99 -7.28 -25.83 -18.34
CA VAL F 99 -6.43 -26.34 -17.28
C VAL F 99 -7.23 -26.78 -16.06
N ILE F 100 -8.19 -25.96 -15.65
CA ILE F 100 -8.99 -26.21 -14.46
C ILE F 100 -9.87 -27.44 -14.65
N ASN F 101 -10.58 -27.46 -15.78
CA ASN F 101 -11.44 -28.58 -16.13
C ASN F 101 -10.65 -29.88 -16.38
N GLY F 102 -9.53 -29.76 -17.11
CA GLY F 102 -8.70 -30.92 -17.40
C GLY F 102 -8.19 -31.58 -16.12
N PHE F 103 -7.68 -30.77 -15.21
CA PHE F 103 -7.08 -31.39 -14.05
C PHE F 103 -8.17 -31.93 -13.18
N GLU F 104 -9.32 -31.28 -13.20
CA GLU F 104 -10.43 -31.79 -12.40
C GLU F 104 -10.94 -33.13 -12.93
N GLN F 105 -10.96 -33.29 -14.25
CA GLN F 105 -11.36 -34.56 -14.85
C GLN F 105 -10.33 -35.65 -14.54
N ILE F 106 -9.04 -35.29 -14.65
CA ILE F 106 -7.95 -36.19 -14.29
C ILE F 106 -8.16 -36.79 -12.88
N GLY F 107 -8.49 -35.92 -11.92
CA GLY F 107 -8.75 -36.34 -10.55
C GLY F 107 -9.93 -37.27 -10.48
N LYS F 108 -10.93 -37.04 -11.32
CA LYS F 108 -12.11 -37.91 -11.32
C LYS F 108 -11.86 -39.28 -11.91
N ASP F 109 -11.05 -39.35 -12.97
CA ASP F 109 -10.67 -40.60 -13.62
C ASP F 109 -9.60 -41.42 -12.90
N VAL F 110 -8.49 -40.79 -12.50
CA VAL F 110 -7.42 -41.55 -11.85
C VAL F 110 -7.14 -41.34 -10.36
N GLY F 111 -7.89 -40.51 -9.65
CA GLY F 111 -7.59 -40.26 -8.24
C GLY F 111 -6.60 -39.13 -7.99
N ASN F 112 -5.96 -39.13 -6.83
CA ASN F 112 -4.81 -38.25 -6.62
C ASN F 112 -3.54 -38.64 -7.38
N ILE F 113 -2.70 -37.64 -7.69
CA ILE F 113 -1.53 -37.86 -8.51
C ILE F 113 -0.30 -37.57 -7.67
N ASP F 114 0.84 -38.03 -8.16
CA ASP F 114 2.11 -37.83 -7.47
C ASP F 114 2.99 -36.73 -8.05
N GLY F 115 2.71 -36.25 -9.26
CA GLY F 115 3.51 -35.14 -9.78
C GLY F 115 3.13 -34.80 -11.20
N VAL F 116 3.78 -33.79 -11.76
CA VAL F 116 3.41 -33.30 -13.06
C VAL F 116 4.73 -33.09 -13.76
N TYR F 117 4.86 -33.58 -14.98
CA TYR F 117 5.98 -33.18 -15.81
C TYR F 117 5.50 -32.14 -16.83
N HIS F 118 6.18 -30.99 -16.86
CA HIS F 118 5.73 -29.90 -17.71
C HIS F 118 6.74 -29.73 -18.84
N SER F 119 6.31 -29.93 -20.09
CA SER F 119 7.25 -29.87 -21.21
C SER F 119 6.66 -29.02 -22.33
N ILE F 120 6.27 -27.79 -21.97
CA ILE F 120 5.43 -26.94 -22.82
C ILE F 120 6.09 -25.58 -23.03
N ALA F 121 6.24 -25.19 -24.30
CA ALA F 121 6.71 -23.85 -24.66
C ALA F 121 6.28 -23.51 -26.09
N PHE F 122 6.25 -22.22 -26.41
CA PHE F 122 5.88 -21.77 -27.73
C PHE F 122 6.35 -20.33 -27.93
N ALA F 123 6.87 -20.02 -29.10
CA ALA F 123 7.05 -18.61 -29.49
C ALA F 123 6.86 -18.57 -31.01
N ASN F 124 6.36 -17.47 -31.57
CA ASN F 124 6.36 -17.37 -33.03
C ASN F 124 7.78 -17.47 -33.61
N MET F 125 7.86 -18.08 -34.78
N MET F 125 7.84 -17.99 -34.82
CA MET F 125 9.07 -18.08 -35.59
CA MET F 125 9.08 -18.41 -35.48
C MET F 125 9.43 -16.66 -35.97
C MET F 125 10.08 -17.27 -35.60
N GLU F 126 8.40 -15.83 -36.13
N GLU F 126 9.64 -16.13 -36.11
CA GLU F 126 8.56 -14.46 -36.59
CA GLU F 126 10.54 -15.00 -36.34
C GLU F 126 9.25 -13.57 -35.54
C GLU F 126 11.04 -14.44 -35.02
N ASP F 127 8.96 -13.74 -34.26
N ASP F 127 10.61 -15.05 -33.93
CA ASP F 127 9.79 -13.02 -33.28
CA ASP F 127 11.10 -14.71 -32.60
C ASP F 127 11.14 -13.71 -33.07
C ASP F 127 12.18 -15.69 -32.16
N LEU F 128 11.11 -15.04 -33.03
N LEU F 128 12.95 -16.26 -33.09
CA LEU F 128 12.30 -15.87 -32.78
CA LEU F 128 13.88 -17.34 -32.77
C LEU F 128 13.44 -15.62 -33.77
C LEU F 128 15.11 -17.39 -33.70
N ARG F 129 13.11 -15.26 -35.01
N ARG F 129 15.45 -16.20 -34.19
CA ARG F 129 14.13 -15.10 -36.05
CA ARG F 129 16.53 -15.93 -35.13
C ARG F 129 14.21 -13.66 -36.57
C ARG F 129 16.61 -14.42 -35.18
N GLY F 130 14.21 -12.73 -35.63
N GLY F 130 17.63 -13.89 -35.86
CA GLY F 130 14.66 -11.37 -35.85
CA GLY F 130 17.80 -12.44 -35.92
C GLY F 130 15.52 -10.97 -34.68
C GLY F 130 17.79 -11.71 -34.57
N ARG F 131 16.11 -9.78 -34.73
N ARG F 131 17.09 -10.58 -34.54
CA ARG F 131 16.89 -9.24 -33.62
CA ARG F 131 17.31 -9.54 -33.53
C ARG F 131 16.05 -9.33 -32.35
C ARG F 131 16.22 -9.47 -32.46
N PHE F 132 16.63 -9.74 -31.23
CA PHE F 132 15.80 -9.70 -30.03
C PHE F 132 15.14 -8.33 -29.76
N SER F 133 15.85 -7.25 -29.98
CA SER F 133 15.28 -5.90 -29.79
C SER F 133 14.07 -5.57 -30.69
N GLU F 134 13.86 -6.35 -31.73
CA GLU F 134 12.68 -6.19 -32.57
C GLU F 134 11.47 -7.05 -32.13
N THR F 135 11.57 -7.81 -31.03
CA THR F 135 10.42 -8.61 -30.58
C THR F 135 9.14 -7.79 -30.43
N SER F 136 8.05 -8.23 -31.06
CA SER F 136 6.77 -7.59 -30.87
C SER F 136 6.29 -7.86 -29.42
N ARG F 137 5.47 -6.95 -28.90
CA ARG F 137 4.81 -7.11 -27.61
C ARG F 137 3.98 -8.39 -27.54
N GLU F 138 3.22 -8.60 -28.60
CA GLU F 138 2.34 -9.73 -28.78
C GLU F 138 3.16 -11.04 -28.70
N GLY F 139 4.19 -11.15 -29.53
CA GLY F 139 5.12 -12.28 -29.48
C GLY F 139 5.75 -12.50 -28.09
N PHE F 140 6.25 -11.43 -27.49
CA PHE F 140 6.87 -11.53 -26.19
C PHE F 140 5.89 -12.05 -25.15
N LEU F 141 4.68 -11.52 -25.10
CA LEU F 141 3.75 -11.96 -24.05
C LEU F 141 3.18 -13.35 -24.29
N LEU F 142 3.00 -13.72 -25.57
CA LEU F 142 2.59 -15.07 -25.93
C LEU F 142 3.54 -16.12 -25.35
N ALA F 143 4.84 -15.86 -25.48
CA ALA F 143 5.86 -16.78 -25.04
C ALA F 143 5.86 -16.90 -23.50
N GLN F 144 5.54 -15.82 -22.77
CA GLN F 144 5.49 -15.81 -21.30
C GLN F 144 4.25 -16.56 -20.85
N ASP F 145 3.16 -16.32 -21.55
CA ASP F 145 1.91 -16.97 -21.26
C ASP F 145 2.05 -18.50 -21.33
N ILE F 146 2.38 -19.00 -22.53
CA ILE F 146 2.55 -20.43 -22.79
C ILE F 146 3.71 -21.04 -22.01
N SER F 147 4.90 -20.42 -22.07
CA SER F 147 6.13 -21.03 -21.58
C SER F 147 6.42 -20.80 -20.08
N SER F 148 5.72 -19.84 -19.46
CA SER F 148 6.01 -19.61 -18.05
C SER F 148 4.73 -19.62 -17.23
N TYR F 149 3.79 -18.76 -17.56
CA TYR F 149 2.62 -18.63 -16.73
C TYR F 149 1.97 -19.99 -16.62
N SER F 150 1.96 -20.76 -17.70
CA SER F 150 1.31 -22.05 -17.69
C SER F 150 1.74 -22.90 -16.49
N LEU F 151 3.01 -22.78 -16.06
CA LEU F 151 3.43 -23.62 -14.94
C LEU F 151 2.66 -23.21 -13.69
N THR F 152 2.41 -21.91 -13.59
CA THR F 152 1.85 -21.37 -12.37
C THR F 152 0.45 -21.94 -12.24
N ILE F 153 -0.37 -21.82 -13.29
CA ILE F 153 -1.74 -22.33 -13.17
C ILE F 153 -1.83 -23.86 -13.13
N VAL F 154 -0.94 -24.53 -13.86
CA VAL F 154 -0.85 -25.99 -13.73
C VAL F 154 -0.64 -26.39 -12.26
N ALA F 155 0.31 -25.74 -11.60
CA ALA F 155 0.69 -26.07 -10.21
C ALA F 155 -0.47 -25.87 -9.27
N HIS F 156 -1.18 -24.76 -9.46
CA HIS F 156 -2.32 -24.45 -8.61
C HIS F 156 -3.42 -25.51 -8.77
N GLU F 157 -3.64 -25.97 -10.00
CA GLU F 157 -4.67 -26.97 -10.26
C GLU F 157 -4.18 -28.35 -9.87
N ALA F 158 -2.91 -28.60 -10.14
CA ALA F 158 -2.30 -29.91 -9.85
C ALA F 158 -2.30 -30.19 -8.37
N LYS F 159 -2.13 -29.12 -7.60
CA LYS F 159 -2.05 -29.21 -6.14
C LYS F 159 -3.30 -29.83 -5.48
N LYS F 160 -4.49 -29.60 -6.02
CA LYS F 160 -5.68 -30.20 -5.43
C LYS F 160 -5.66 -31.73 -5.47
N LEU F 161 -4.79 -32.28 -6.32
CA LEU F 161 -4.70 -33.72 -6.52
C LEU F 161 -3.48 -34.26 -5.76
N MET F 162 -2.89 -33.40 -4.94
CA MET F 162 -1.68 -33.76 -4.21
C MET F 162 -1.91 -33.42 -2.72
N PRO F 163 -3.02 -33.89 -2.13
CA PRO F 163 -3.30 -33.52 -0.73
C PRO F 163 -2.18 -33.92 0.22
N GLU F 164 -1.52 -35.05 -0.01
CA GLU F 164 -0.34 -35.39 0.80
C GLU F 164 1.03 -35.15 0.11
N GLY F 165 1.10 -34.19 -0.81
CA GLY F 165 2.39 -33.83 -1.39
C GLY F 165 2.65 -34.43 -2.77
N GLY F 166 3.75 -34.01 -3.41
CA GLY F 166 4.06 -34.46 -4.75
C GLY F 166 5.18 -33.62 -5.34
N SER F 167 5.37 -33.71 -6.67
CA SER F 167 6.53 -33.13 -7.33
C SER F 167 6.21 -32.60 -8.74
N ILE F 168 6.76 -31.46 -9.08
CA ILE F 168 6.42 -30.83 -10.35
C ILE F 168 7.75 -30.47 -10.99
N VAL F 169 7.93 -30.90 -12.24
CA VAL F 169 9.19 -30.65 -12.96
C VAL F 169 8.82 -29.97 -14.25
N ALA F 170 9.48 -28.84 -14.54
CA ALA F 170 9.37 -28.14 -15.82
C ALA F 170 10.67 -28.28 -16.62
N THR F 171 10.60 -27.96 -17.91
CA THR F 171 11.75 -28.07 -18.79
C THR F 171 12.33 -26.73 -19.26
N THR F 172 13.63 -26.52 -19.05
CA THR F 172 14.20 -25.24 -19.37
C THR F 172 15.46 -25.39 -20.23
N TYR F 173 16.11 -24.28 -20.56
CA TYR F 173 17.31 -24.31 -21.36
C TYR F 173 18.31 -23.23 -20.88
N LEU F 174 19.58 -23.58 -20.84
CA LEU F 174 20.66 -22.64 -20.51
C LEU F 174 20.37 -21.22 -20.99
N GLY F 175 19.62 -21.06 -22.09
CA GLY F 175 19.36 -19.72 -22.66
C GLY F 175 18.49 -18.82 -21.77
N GLY F 176 17.84 -19.38 -20.75
CA GLY F 176 17.25 -18.59 -19.66
C GLY F 176 18.23 -18.06 -18.62
N GLU F 177 19.47 -18.56 -18.61
CA GLU F 177 20.52 -18.09 -17.70
C GLU F 177 21.54 -17.18 -18.36
N PHE F 178 21.73 -17.32 -19.68
CA PHE F 178 22.72 -16.56 -20.49
C PHE F 178 22.13 -16.17 -21.82
N ALA F 179 22.67 -15.12 -22.44
CA ALA F 179 22.13 -14.79 -23.73
C ALA F 179 22.76 -15.74 -24.73
N VAL F 180 21.94 -16.61 -25.33
CA VAL F 180 22.35 -17.58 -26.33
C VAL F 180 21.91 -17.06 -27.71
N GLN F 181 22.78 -17.13 -28.71
CA GLN F 181 22.50 -16.51 -30.02
C GLN F 181 21.24 -17.13 -30.61
N ASN F 182 20.43 -16.31 -31.26
CA ASN F 182 19.10 -16.70 -31.80
C ASN F 182 17.99 -17.13 -30.83
N TYR F 183 18.27 -17.45 -29.58
CA TYR F 183 17.20 -18.00 -28.74
C TYR F 183 16.26 -16.88 -28.33
N ASN F 184 16.74 -15.64 -28.36
CA ASN F 184 15.88 -14.45 -28.23
C ASN F 184 14.70 -14.46 -27.22
N VAL F 185 13.48 -14.25 -27.71
CA VAL F 185 12.32 -14.18 -26.85
C VAL F 185 12.16 -15.44 -25.97
N MET F 186 12.66 -16.60 -26.40
CA MET F 186 12.53 -17.79 -25.56
C MET F 186 13.44 -17.87 -24.30
N GLY F 187 14.56 -17.16 -24.36
CA GLY F 187 15.48 -17.03 -23.24
C GLY F 187 14.87 -16.23 -22.10
N VAL F 188 14.21 -15.12 -22.44
CA VAL F 188 13.54 -14.26 -21.46
C VAL F 188 12.37 -15.04 -20.85
N ALA F 189 11.71 -15.88 -21.65
CA ALA F 189 10.59 -16.71 -21.13
C ALA F 189 11.13 -17.89 -20.30
N LYS F 190 12.36 -18.33 -20.58
CA LYS F 190 12.95 -19.38 -19.73
C LYS F 190 13.46 -18.77 -18.42
N ALA F 191 13.97 -17.54 -18.51
CA ALA F 191 14.39 -16.88 -17.29
C ALA F 191 13.18 -16.72 -16.34
N SER F 192 12.04 -16.39 -16.93
CA SER F 192 10.77 -16.24 -16.22
C SER F 192 10.40 -17.61 -15.66
N LEU F 193 10.47 -18.64 -16.51
CA LEU F 193 10.07 -19.97 -16.04
C LEU F 193 10.94 -20.42 -14.82
N GLU F 194 12.21 -20.08 -14.85
CA GLU F 194 13.06 -20.57 -13.81
C GLU F 194 12.78 -19.89 -12.47
N ALA F 195 12.46 -18.59 -12.48
CA ALA F 195 12.04 -17.83 -11.31
C ALA F 195 10.71 -18.33 -10.80
N ASN F 196 9.85 -18.67 -11.77
CA ASN F 196 8.53 -19.26 -11.51
C ASN F 196 8.71 -20.53 -10.68
N VAL F 197 9.63 -21.40 -11.09
CA VAL F 197 10.01 -22.56 -10.29
C VAL F 197 10.40 -22.22 -8.83
N LYS F 198 11.29 -21.26 -8.64
CA LYS F 198 11.69 -20.96 -7.26
C LYS F 198 10.52 -20.41 -6.40
N TYR F 199 9.78 -19.48 -6.99
CA TYR F 199 8.62 -18.90 -6.34
C TYR F 199 7.56 -19.97 -6.05
N LEU F 200 7.40 -20.89 -7.00
CA LEU F 200 6.43 -21.97 -6.77
C LEU F 200 6.96 -22.90 -5.67
N ALA F 201 8.27 -23.15 -5.71
CA ALA F 201 8.94 -23.89 -4.64
C ALA F 201 8.68 -23.36 -3.21
N LEU F 202 8.90 -22.06 -3.03
CA LEU F 202 8.65 -21.40 -1.73
C LEU F 202 7.17 -21.45 -1.36
N ASP F 203 6.30 -21.07 -2.29
CA ASP F 203 4.88 -21.09 -1.99
C ASP F 203 4.32 -22.48 -1.60
N LEU F 204 4.79 -23.52 -2.30
CA LEU F 204 4.20 -24.85 -2.20
C LEU F 204 4.96 -25.79 -1.25
N GLY F 205 6.19 -25.42 -0.89
CA GLY F 205 7.01 -26.15 0.07
C GLY F 205 6.23 -26.70 1.26
N PRO F 206 5.40 -25.85 1.89
CA PRO F 206 4.74 -26.26 3.13
C PRO F 206 3.61 -27.24 2.87
N ASP F 207 3.24 -27.36 1.61
CA ASP F 207 2.30 -28.39 1.20
C ASP F 207 3.05 -29.65 0.80
N ASN F 208 4.38 -29.62 0.93
CA ASN F 208 5.23 -30.75 0.58
C ASN F 208 5.19 -31.12 -0.92
N ILE F 209 4.96 -30.11 -1.74
CA ILE F 209 5.08 -30.25 -3.16
C ILE F 209 6.41 -29.65 -3.53
N ARG F 210 7.28 -30.44 -4.16
CA ARG F 210 8.55 -29.87 -4.56
C ARG F 210 8.47 -29.34 -5.98
N VAL F 211 9.27 -28.34 -6.32
CA VAL F 211 9.19 -27.76 -7.67
C VAL F 211 10.61 -27.55 -8.16
N ASN F 212 10.85 -28.03 -9.38
CA ASN F 212 12.18 -28.09 -9.94
C ASN F 212 12.16 -27.94 -11.44
N ALA F 213 13.34 -27.73 -12.02
CA ALA F 213 13.54 -27.60 -13.45
C ALA F 213 14.62 -28.61 -13.88
N ILE F 214 14.54 -29.09 -15.12
CA ILE F 214 15.61 -29.83 -15.77
C ILE F 214 16.07 -28.89 -16.91
N SER F 215 17.31 -28.45 -16.88
CA SER F 215 17.89 -27.68 -17.98
C SER F 215 18.49 -28.63 -19.02
N ALA F 216 17.68 -29.02 -19.99
CA ALA F 216 18.12 -29.92 -21.05
C ALA F 216 19.13 -29.27 -22.00
N GLY F 217 20.11 -30.07 -22.45
CA GLY F 217 20.90 -29.74 -23.62
C GLY F 217 20.09 -29.82 -24.90
N PRO F 218 20.64 -29.30 -26.01
CA PRO F 218 19.89 -29.30 -27.26
C PRO F 218 19.60 -30.69 -27.78
N ILE F 219 18.33 -30.98 -28.00
CA ILE F 219 17.87 -32.24 -28.58
C ILE F 219 17.06 -32.00 -29.86
N ARG F 220 17.43 -32.60 -31.00
CA ARG F 220 16.59 -32.44 -32.19
C ARG F 220 15.14 -32.88 -31.93
N THR F 221 14.23 -31.91 -31.88
CA THR F 221 12.79 -32.17 -31.75
C THR F 221 12.03 -31.21 -32.69
N LEU F 222 10.71 -31.37 -32.76
CA LEU F 222 9.90 -30.51 -33.62
C LEU F 222 10.07 -28.99 -33.31
N SER F 223 10.15 -28.64 -32.03
CA SER F 223 10.35 -27.25 -31.61
C SER F 223 11.76 -26.70 -31.92
N ALA F 224 12.78 -27.54 -31.75
CA ALA F 224 14.13 -27.15 -32.18
C ALA F 224 14.15 -26.53 -33.60
N LYS F 225 13.23 -26.96 -34.44
CA LYS F 225 13.26 -26.46 -35.81
C LYS F 225 12.96 -24.95 -35.91
N GLY F 226 12.63 -24.29 -34.80
CA GLY F 226 12.27 -22.88 -34.90
C GLY F 226 13.41 -22.04 -34.38
N VAL F 227 14.36 -22.69 -33.72
CA VAL F 227 15.56 -22.01 -33.28
C VAL F 227 16.64 -21.98 -34.35
N GLY F 228 16.85 -20.81 -34.95
CA GLY F 228 17.94 -20.57 -35.91
C GLY F 228 19.23 -21.15 -35.36
N GLY F 229 20.16 -21.50 -36.24
CA GLY F 229 21.48 -21.97 -35.78
C GLY F 229 21.54 -23.29 -35.03
N PHE F 230 20.41 -23.99 -34.88
CA PHE F 230 20.39 -25.26 -34.12
C PHE F 230 21.50 -26.31 -34.39
N ASN F 231 21.71 -26.78 -35.61
CA ASN F 231 22.83 -27.68 -35.86
C ASN F 231 24.20 -27.17 -35.41
N THR F 232 24.53 -25.90 -35.63
CA THR F 232 25.81 -25.38 -35.16
C THR F 232 25.91 -25.42 -33.63
N ILE F 233 24.77 -25.46 -32.92
CA ILE F 233 24.73 -25.55 -31.46
C ILE F 233 24.95 -26.97 -30.96
N LEU F 234 24.17 -27.93 -31.44
CA LEU F 234 24.52 -29.34 -31.35
C LEU F 234 26.02 -29.62 -31.50
N LYS F 235 26.60 -29.11 -32.58
CA LYS F 235 27.99 -29.37 -32.91
C LYS F 235 28.92 -28.76 -31.85
N GLU F 236 28.61 -27.56 -31.39
CA GLU F 236 29.47 -26.95 -30.38
C GLU F 236 29.51 -27.75 -29.07
N ILE F 237 28.41 -28.43 -28.80
CA ILE F 237 28.31 -29.18 -27.57
C ILE F 237 29.24 -30.36 -27.67
N GLU F 238 29.19 -30.99 -28.84
CA GLU F 238 30.04 -32.13 -29.14
C GLU F 238 31.51 -31.78 -29.01
N GLU F 239 31.89 -30.62 -29.50
CA GLU F 239 33.30 -30.21 -29.50
C GLU F 239 33.76 -29.65 -28.15
N ARG F 240 32.82 -29.18 -27.32
CA ARG F 240 33.19 -28.43 -26.11
C ARG F 240 32.65 -28.93 -24.76
N ALA F 241 31.41 -29.41 -24.70
CA ALA F 241 30.83 -29.91 -23.45
C ALA F 241 31.74 -31.00 -22.89
N PRO F 242 31.99 -30.98 -21.57
CA PRO F 242 32.85 -31.97 -20.93
C PRO F 242 32.66 -33.41 -21.41
N LEU F 243 31.42 -33.87 -21.58
CA LEU F 243 31.22 -35.27 -22.01
C LEU F 243 31.39 -35.42 -23.50
N LYS F 244 31.59 -34.30 -24.19
CA LYS F 244 31.95 -34.31 -25.61
C LYS F 244 30.86 -34.96 -26.42
N ARG F 245 29.62 -34.82 -25.98
CA ARG F 245 28.52 -35.43 -26.72
C ARG F 245 27.24 -34.72 -26.30
N ASN F 246 26.22 -34.87 -27.13
CA ASN F 246 24.91 -34.32 -26.86
C ASN F 246 24.19 -35.33 -26.01
N VAL F 247 23.09 -34.94 -25.38
CA VAL F 247 22.28 -35.86 -24.59
C VAL F 247 21.04 -36.23 -25.38
N ASP F 248 20.18 -37.09 -24.83
CA ASP F 248 18.91 -37.39 -25.46
C ASP F 248 17.73 -37.36 -24.50
N GLN F 249 16.55 -37.52 -25.09
CA GLN F 249 15.27 -37.46 -24.37
C GLN F 249 15.24 -38.40 -23.18
N VAL F 250 15.79 -39.59 -23.34
CA VAL F 250 15.82 -40.62 -22.26
C VAL F 250 16.66 -40.20 -21.06
N GLU F 251 17.77 -39.51 -21.31
CA GLU F 251 18.59 -38.94 -20.22
C GLU F 251 17.82 -37.89 -19.42
N VAL F 252 17.13 -37.00 -20.12
CA VAL F 252 16.22 -36.07 -19.43
C VAL F 252 15.22 -36.82 -18.55
N GLY F 253 14.60 -37.87 -19.10
CA GLY F 253 13.64 -38.70 -18.35
C GLY F 253 14.20 -39.45 -17.15
N LYS F 254 15.44 -39.91 -17.25
CA LYS F 254 16.05 -40.54 -16.07
C LYS F 254 16.22 -39.52 -14.95
N THR F 255 16.58 -38.27 -15.28
CA THR F 255 16.68 -37.22 -14.26
C THR F 255 15.34 -36.73 -13.73
N ALA F 256 14.34 -36.64 -14.61
CA ALA F 256 12.94 -36.52 -14.19
C ALA F 256 12.45 -37.61 -13.24
N ALA F 257 12.76 -38.88 -13.47
CA ALA F 257 12.34 -39.92 -12.52
C ALA F 257 12.92 -39.64 -11.13
N TYR F 258 14.15 -39.13 -11.12
CA TYR F 258 14.80 -38.83 -9.87
C TYR F 258 14.01 -37.69 -9.20
N LEU F 259 13.85 -36.59 -9.93
CA LEU F 259 13.16 -35.39 -9.44
C LEU F 259 11.74 -35.73 -9.00
N LEU F 260 11.10 -36.70 -9.65
CA LEU F 260 9.69 -36.99 -9.40
C LEU F 260 9.47 -38.07 -8.34
N SER F 261 10.55 -38.69 -7.91
CA SER F 261 10.46 -39.75 -6.93
C SER F 261 10.99 -39.27 -5.60
N ASP F 262 10.88 -40.13 -4.60
CA ASP F 262 11.35 -39.80 -3.28
C ASP F 262 12.86 -39.76 -3.24
N LEU F 263 13.50 -40.08 -4.36
CA LEU F 263 14.95 -40.01 -4.35
C LEU F 263 15.42 -38.60 -4.03
N SER F 264 14.64 -37.61 -4.44
CA SER F 264 15.05 -36.22 -4.46
C SER F 264 14.31 -35.40 -3.38
N SER F 265 13.74 -36.10 -2.39
N SER F 265 13.94 -36.08 -2.29
CA SER F 265 13.23 -35.45 -1.20
CA SER F 265 13.00 -35.57 -1.30
C SER F 265 14.38 -34.63 -0.62
C SER F 265 13.45 -34.31 -0.58
N GLY F 266 14.06 -33.46 -0.07
N GLY F 266 14.76 -34.05 -0.54
CA GLY F 266 15.08 -32.48 0.27
CA GLY F 266 15.30 -32.86 0.11
C GLY F 266 15.43 -31.53 -0.86
C GLY F 266 15.54 -31.71 -0.86
N VAL F 267 15.06 -31.88 -2.08
CA VAL F 267 15.53 -31.10 -3.21
C VAL F 267 14.42 -30.27 -3.83
N THR F 268 14.55 -28.95 -3.85
CA THR F 268 13.43 -28.16 -4.40
C THR F 268 13.92 -26.79 -4.77
N GLY F 269 13.26 -26.14 -5.73
CA GLY F 269 13.74 -24.85 -6.26
C GLY F 269 15.05 -25.06 -7.00
N GLU F 270 15.34 -26.31 -7.39
CA GLU F 270 16.59 -26.61 -8.05
C GLU F 270 16.49 -26.67 -9.60
N ASN F 271 17.62 -26.39 -10.25
CA ASN F 271 17.72 -26.46 -11.70
C ASN F 271 18.81 -27.45 -12.05
N ILE F 272 18.44 -28.64 -12.51
CA ILE F 272 19.47 -29.64 -12.79
C ILE F 272 19.72 -29.66 -14.30
N HIS F 273 20.96 -29.39 -14.67
CA HIS F 273 21.36 -29.38 -16.08
C HIS F 273 21.66 -30.79 -16.57
N VAL F 274 20.88 -31.23 -17.55
CA VAL F 274 21.16 -32.51 -18.18
C VAL F 274 21.74 -32.25 -19.59
N ASP F 275 23.02 -31.87 -19.62
CA ASP F 275 23.55 -31.20 -20.80
C ASP F 275 25.00 -31.51 -21.10
N SER F 276 25.47 -32.70 -20.70
CA SER F 276 26.89 -33.00 -20.81
C SER F 276 27.95 -32.05 -20.18
N GLY F 277 27.56 -31.26 -19.18
CA GLY F 277 28.44 -30.34 -18.45
C GLY F 277 28.68 -28.97 -19.09
N PHE F 278 28.02 -28.71 -20.21
CA PHE F 278 28.17 -27.46 -20.94
C PHE F 278 27.85 -26.23 -20.09
N HIS F 279 26.83 -26.26 -19.26
CA HIS F 279 26.61 -25.13 -18.31
C HIS F 279 27.84 -24.78 -17.44
N ALA F 280 28.75 -25.72 -17.27
CA ALA F 280 29.88 -25.52 -16.35
C ALA F 280 31.11 -24.90 -17.01
N ILE F 281 31.09 -24.66 -18.31
CA ILE F 281 32.29 -24.21 -19.00
C ILE F 281 32.12 -22.88 -19.69
N LYS F 282 33.24 -22.19 -19.91
CA LYS F 282 33.30 -21.05 -20.82
C LYS F 282 34.41 -21.20 -21.87
N VAL G 28 16.38 -47.87 -8.90
CA VAL G 28 17.86 -47.60 -9.02
C VAL G 28 18.61 -48.81 -8.40
N ASN G 29 18.95 -49.80 -9.24
CA ASN G 29 19.72 -50.95 -8.76
C ASN G 29 21.24 -50.95 -9.01
N LEU G 30 22.02 -51.07 -7.94
CA LEU G 30 23.48 -51.03 -8.07
C LEU G 30 24.20 -52.31 -7.65
N GLU G 31 23.55 -53.46 -7.79
CA GLU G 31 24.27 -54.74 -7.73
C GLU G 31 25.29 -54.81 -8.85
N ASN G 32 26.46 -55.39 -8.59
CA ASN G 32 27.54 -55.39 -9.58
C ASN G 32 28.35 -54.08 -9.59
N LYS G 33 27.91 -53.09 -8.81
CA LYS G 33 28.65 -51.84 -8.71
C LYS G 33 29.47 -51.74 -7.42
N THR G 34 30.65 -51.09 -7.52
CA THR G 34 31.52 -50.85 -6.38
C THR G 34 31.85 -49.38 -6.19
N TYR G 35 31.63 -48.89 -4.97
CA TYR G 35 31.91 -47.49 -4.63
C TYR G 35 32.88 -47.35 -3.46
N VAL G 36 33.76 -46.37 -3.55
CA VAL G 36 34.62 -45.99 -2.43
C VAL G 36 34.03 -44.77 -1.70
N ILE G 37 33.71 -44.95 -0.42
CA ILE G 37 33.14 -43.89 0.39
C ILE G 37 34.23 -43.36 1.33
N MET G 38 34.60 -42.10 1.15
CA MET G 38 35.66 -41.49 1.95
C MET G 38 35.09 -40.50 2.96
N GLY G 39 35.38 -40.73 4.24
CA GLY G 39 35.02 -39.78 5.30
C GLY G 39 33.92 -40.14 6.29
N ILE G 40 33.75 -41.44 6.58
CA ILE G 40 32.92 -41.83 7.71
C ILE G 40 33.71 -41.73 9.00
N ALA G 41 33.20 -40.97 9.97
CA ALA G 41 33.77 -40.99 11.33
C ALA G 41 32.84 -41.60 12.40
N ASN G 42 31.52 -41.55 12.19
CA ASN G 42 30.59 -42.17 13.14
C ASN G 42 29.18 -42.33 12.57
N LYS G 43 28.19 -42.66 13.40
CA LYS G 43 26.85 -42.93 12.86
C LYS G 43 26.13 -41.71 12.26
N ARG G 44 26.57 -40.52 12.65
CA ARG G 44 25.97 -39.25 12.24
CA ARG G 44 25.93 -39.28 12.23
C ARG G 44 26.63 -38.70 10.99
N SER G 45 27.74 -39.31 10.56
CA SER G 45 28.47 -38.79 9.40
C SER G 45 27.56 -38.73 8.19
N ILE G 46 27.64 -37.68 7.40
CA ILE G 46 26.96 -37.67 6.09
C ILE G 46 27.27 -38.90 5.23
N ALA G 47 28.53 -39.32 5.24
CA ALA G 47 28.93 -40.49 4.47
C ALA G 47 28.26 -41.76 5.00
N PHE G 48 27.86 -41.82 6.25
CA PHE G 48 27.12 -43.00 6.67
C PHE G 48 25.69 -43.00 6.10
N GLY G 49 25.06 -41.84 5.97
CA GLY G 49 23.86 -41.74 5.16
C GLY G 49 23.99 -42.30 3.75
N VAL G 50 25.06 -41.91 3.06
CA VAL G 50 25.31 -42.40 1.73
C VAL G 50 25.44 -43.92 1.76
N ALA G 51 26.23 -44.43 2.70
CA ALA G 51 26.55 -45.84 2.78
C ALA G 51 25.29 -46.69 2.96
N LYS G 52 24.44 -46.32 3.91
CA LYS G 52 23.14 -46.96 4.08
C LYS G 52 22.33 -46.99 2.79
N VAL G 53 22.37 -45.92 2.02
CA VAL G 53 21.57 -45.87 0.81
C VAL G 53 22.21 -46.76 -0.24
N LEU G 54 23.50 -46.61 -0.50
CA LEU G 54 24.16 -47.39 -1.53
C LEU G 54 24.11 -48.89 -1.23
N ASP G 55 24.34 -49.26 0.04
CA ASP G 55 24.33 -50.64 0.51
C ASP G 55 22.95 -51.25 0.30
N GLN G 56 21.91 -50.54 0.75
CA GLN G 56 20.51 -50.93 0.59
C GLN G 56 20.18 -51.25 -0.86
N LEU G 57 20.97 -50.68 -1.76
CA LEU G 57 20.72 -50.80 -3.18
C LEU G 57 21.61 -51.86 -3.87
N GLY G 58 22.28 -52.69 -3.08
CA GLY G 58 23.18 -53.71 -3.63
C GLY G 58 24.62 -53.38 -3.96
N ALA G 59 25.08 -52.12 -3.89
CA ALA G 59 26.49 -51.85 -4.19
C ALA G 59 27.51 -52.54 -3.28
N LYS G 60 28.68 -52.85 -3.83
CA LYS G 60 29.83 -53.21 -3.00
C LYS G 60 30.45 -51.89 -2.55
N LEU G 61 30.73 -51.82 -1.25
CA LEU G 61 31.35 -50.63 -0.63
C LEU G 61 32.75 -50.84 -0.02
N VAL G 62 33.58 -49.83 -0.18
CA VAL G 62 34.98 -49.84 0.20
C VAL G 62 35.10 -48.50 0.93
N PHE G 63 35.65 -48.54 2.14
CA PHE G 63 35.69 -47.38 3.03
C PHE G 63 37.11 -46.94 3.38
N THR G 64 37.34 -45.65 3.23
CA THR G 64 38.55 -44.99 3.73
C THR G 64 38.33 -44.09 4.96
N TYR G 65 39.35 -43.98 5.81
CA TYR G 65 39.24 -43.29 7.12
C TYR G 65 40.57 -42.67 7.48
N ARG G 66 40.56 -41.73 8.42
CA ARG G 66 41.85 -41.16 8.83
C ARG G 66 42.31 -41.69 10.18
N LYS G 67 41.51 -41.49 11.22
CA LYS G 67 41.90 -41.81 12.60
C LYS G 67 41.50 -43.24 12.90
N GLU G 68 42.30 -43.92 13.72
CA GLU G 68 41.97 -45.28 14.12
C GLU G 68 40.57 -45.30 14.72
N ARG G 69 40.18 -44.24 15.41
CA ARG G 69 38.87 -44.25 16.02
C ARG G 69 37.76 -44.33 14.96
N SER G 70 37.93 -43.65 13.82
CA SER G 70 37.02 -43.82 12.69
C SER G 70 36.96 -45.28 12.19
N ARG G 71 38.10 -45.91 11.96
CA ARG G 71 38.06 -47.33 11.60
C ARG G 71 37.21 -48.12 12.62
N LYS G 72 37.53 -47.98 13.90
CA LYS G 72 36.79 -48.70 14.94
C LYS G 72 35.27 -48.49 14.83
N GLU G 73 34.88 -47.25 14.54
CA GLU G 73 33.49 -46.88 14.34
C GLU G 73 32.93 -47.50 13.04
N LEU G 74 33.74 -47.59 12.00
CA LEU G 74 33.37 -48.37 10.80
C LEU G 74 33.11 -49.86 11.10
N GLU G 75 34.00 -50.48 11.87
CA GLU G 75 33.86 -51.91 12.10
C GLU G 75 32.52 -52.19 12.77
N LYS G 76 32.11 -51.32 13.67
CA LYS G 76 30.87 -51.51 14.42
C LYS G 76 29.65 -51.13 13.60
N LEU G 77 29.79 -50.14 12.70
CA LEU G 77 28.69 -49.71 11.84
C LEU G 77 28.45 -50.63 10.65
N LEU G 78 29.50 -51.23 10.11
CA LEU G 78 29.35 -52.32 9.14
C LEU G 78 28.37 -53.44 9.49
N GLU G 79 28.20 -53.76 10.76
CA GLU G 79 27.21 -54.79 11.14
C GLU G 79 25.75 -54.33 11.07
N GLN G 80 25.51 -53.11 10.60
CA GLN G 80 24.18 -52.65 10.24
C GLN G 80 23.92 -52.86 8.77
N LEU G 81 24.99 -52.81 7.98
CA LEU G 81 24.97 -52.98 6.54
C LEU G 81 24.88 -54.46 6.14
N ASN G 82 24.43 -54.72 4.92
CA ASN G 82 24.48 -56.06 4.36
C ASN G 82 25.72 -56.19 3.52
N GLN G 83 26.84 -55.59 3.92
CA GLN G 83 28.10 -55.92 3.25
C GLN G 83 28.62 -57.23 3.80
N PRO G 84 28.92 -58.18 2.91
CA PRO G 84 29.43 -59.49 3.31
C PRO G 84 30.89 -59.48 3.73
N GLU G 85 31.63 -58.42 3.36
CA GLU G 85 32.94 -58.16 3.98
C GLU G 85 33.32 -56.68 4.04
N ALA G 86 34.30 -56.43 4.92
CA ALA G 86 34.74 -55.08 5.29
C ALA G 86 35.99 -54.75 4.50
N HIS G 87 35.87 -53.77 3.62
CA HIS G 87 37.05 -53.22 2.96
C HIS G 87 37.40 -51.85 3.55
N LEU G 88 38.45 -51.81 4.36
CA LEU G 88 38.80 -50.62 5.17
C LEU G 88 40.22 -50.15 4.83
N TYR G 89 40.36 -48.87 4.53
CA TYR G 89 41.68 -48.40 4.10
C TYR G 89 41.90 -47.07 4.78
N GLN G 90 43.10 -46.94 5.32
CA GLN G 90 43.47 -45.76 6.06
C GLN G 90 44.04 -44.80 5.05
N ILE G 91 43.34 -43.69 4.83
CA ILE G 91 43.85 -42.70 3.91
C ILE G 91 43.73 -41.33 4.53
N ASP G 92 44.90 -40.75 4.82
CA ASP G 92 45.02 -39.35 5.11
C ASP G 92 45.30 -38.59 3.81
N VAL G 93 44.31 -37.80 3.38
CA VAL G 93 44.38 -37.12 2.09
C VAL G 93 45.45 -36.02 2.06
N GLN G 94 46.07 -35.75 3.22
CA GLN G 94 47.21 -34.85 3.28
C GLN G 94 48.47 -35.48 2.68
N SER G 95 48.46 -36.80 2.53
CA SER G 95 49.64 -37.53 2.10
C SER G 95 49.41 -38.11 0.69
N ASP G 96 50.19 -37.61 -0.27
CA ASP G 96 50.21 -38.17 -1.63
C ASP G 96 50.40 -39.70 -1.63
N GLU G 97 51.37 -40.18 -0.85
CA GLU G 97 51.62 -41.62 -0.78
C GLU G 97 50.39 -42.40 -0.33
N GLU G 98 49.68 -41.89 0.66
CA GLU G 98 48.61 -42.67 1.29
C GLU G 98 47.39 -42.80 0.38
N VAL G 99 47.10 -41.72 -0.34
CA VAL G 99 46.08 -41.72 -1.38
C VAL G 99 46.55 -42.61 -2.54
N ILE G 100 47.78 -42.41 -3.01
CA ILE G 100 48.27 -43.16 -4.14
C ILE G 100 48.27 -44.67 -3.85
N ASN G 101 48.72 -45.04 -2.65
CA ASN G 101 48.87 -46.43 -2.27
C ASN G 101 47.56 -47.07 -1.82
N GLY G 102 46.70 -46.30 -1.17
CA GLY G 102 45.39 -46.80 -0.76
C GLY G 102 44.50 -47.21 -1.92
N PHE G 103 44.43 -46.36 -2.94
CA PHE G 103 43.65 -46.68 -4.14
C PHE G 103 44.24 -47.82 -4.93
N GLU G 104 45.53 -47.74 -5.18
CA GLU G 104 46.30 -48.89 -5.68
C GLU G 104 45.93 -50.20 -4.99
N GLN G 105 45.92 -50.20 -3.66
CA GLN G 105 45.55 -51.38 -2.87
C GLN G 105 44.07 -51.75 -3.02
N ILE G 106 43.20 -50.75 -3.09
CA ILE G 106 41.76 -50.98 -3.24
C ILE G 106 41.54 -51.72 -4.55
N GLY G 107 42.17 -51.23 -5.60
CA GLY G 107 42.03 -51.85 -6.91
C GLY G 107 42.44 -53.31 -6.92
N LYS G 108 43.47 -53.64 -6.15
CA LYS G 108 43.98 -55.01 -6.13
C LYS G 108 43.06 -55.93 -5.36
N ASP G 109 42.38 -55.39 -4.35
CA ASP G 109 41.45 -56.18 -3.56
C ASP G 109 40.04 -56.38 -4.13
N VAL G 110 39.48 -55.31 -4.70
CA VAL G 110 38.09 -55.37 -5.17
C VAL G 110 37.97 -55.26 -6.69
N GLY G 111 39.02 -54.82 -7.36
CA GLY G 111 38.98 -54.66 -8.81
C GLY G 111 38.68 -53.22 -9.16
N ASN G 112 38.16 -53.00 -10.36
CA ASN G 112 37.75 -51.67 -10.81
C ASN G 112 36.51 -51.11 -10.11
N ILE G 113 36.36 -49.80 -10.07
CA ILE G 113 35.29 -49.26 -9.26
C ILE G 113 34.37 -48.47 -10.16
N ASP G 114 33.18 -48.20 -9.65
CA ASP G 114 32.22 -47.40 -10.37
C ASP G 114 32.23 -45.94 -9.95
N GLY G 115 32.68 -45.66 -8.73
CA GLY G 115 32.80 -44.27 -8.28
C GLY G 115 33.32 -44.04 -6.88
N VAL G 116 33.47 -42.76 -6.54
CA VAL G 116 33.97 -42.32 -5.24
C VAL G 116 33.00 -41.28 -4.66
N TYR G 117 32.70 -41.41 -3.38
CA TYR G 117 31.99 -40.37 -2.68
C TYR G 117 32.90 -39.70 -1.66
N HIS G 118 33.08 -38.40 -1.83
CA HIS G 118 34.03 -37.64 -1.04
C HIS G 118 33.26 -36.73 -0.08
N SER G 119 33.62 -36.86 1.19
CA SER G 119 32.87 -36.34 2.31
C SER G 119 33.96 -36.01 3.32
N ILE G 120 34.98 -35.28 2.86
CA ILE G 120 36.13 -34.92 3.69
C ILE G 120 36.35 -33.41 3.71
N ALA G 121 36.48 -32.87 4.92
CA ALA G 121 36.88 -31.48 5.07
C ALA G 121 37.44 -31.26 6.46
N PHE G 122 38.25 -30.20 6.58
CA PHE G 122 38.82 -29.86 7.86
C PHE G 122 39.32 -28.41 7.91
N ALA G 123 39.11 -27.77 9.06
CA ALA G 123 39.60 -26.44 9.39
C ALA G 123 39.85 -26.47 10.90
N ASN G 124 40.83 -25.71 11.39
CA ASN G 124 40.96 -25.53 12.83
C ASN G 124 39.79 -24.74 13.38
N MET G 125 39.38 -25.07 14.60
CA MET G 125 38.35 -24.31 15.29
C MET G 125 38.78 -22.89 15.46
N GLU G 126 40.05 -22.66 15.79
CA GLU G 126 40.53 -21.28 15.95
C GLU G 126 40.20 -20.39 14.76
N ASP G 127 40.02 -20.99 13.57
CA ASP G 127 39.60 -20.27 12.36
C ASP G 127 38.13 -20.55 11.93
N LEU G 128 37.17 -20.73 12.82
CA LEU G 128 35.77 -20.97 12.38
C LEU G 128 34.67 -20.18 13.14
N ARG G 129 35.03 -18.95 13.52
CA ARG G 129 34.26 -18.10 14.43
C ARG G 129 34.92 -16.73 14.37
N GLY G 130 34.38 -15.76 15.09
CA GLY G 130 34.96 -14.41 15.01
C GLY G 130 35.30 -14.02 13.58
N ARG G 131 36.51 -13.53 13.32
CA ARG G 131 36.76 -12.67 12.16
C ARG G 131 37.57 -13.37 11.10
N PHE G 132 36.98 -13.47 9.92
CA PHE G 132 37.62 -14.12 8.80
C PHE G 132 38.89 -13.35 8.40
N SER G 133 38.89 -12.03 8.53
CA SER G 133 40.08 -11.28 8.17
C SER G 133 41.31 -11.66 9.04
N GLU G 134 41.06 -12.32 10.18
CA GLU G 134 42.14 -12.83 11.06
C GLU G 134 42.64 -14.26 10.82
N THR G 135 42.11 -14.93 9.80
CA THR G 135 42.57 -16.28 9.46
C THR G 135 44.08 -16.29 9.24
N SER G 136 44.75 -17.32 9.77
CA SER G 136 46.18 -17.50 9.51
C SER G 136 46.41 -18.13 8.14
N ARG G 137 47.56 -17.85 7.53
CA ARG G 137 47.99 -18.57 6.33
C ARG G 137 47.95 -20.10 6.45
N GLU G 138 48.44 -20.63 7.58
CA GLU G 138 48.52 -22.08 7.69
C GLU G 138 47.10 -22.67 7.86
N GLY G 139 46.24 -21.99 8.62
CA GLY G 139 44.85 -22.37 8.76
C GLY G 139 44.10 -22.33 7.44
N PHE G 140 44.34 -21.28 6.67
CA PHE G 140 43.79 -21.18 5.33
C PHE G 140 44.31 -22.29 4.41
N LEU G 141 45.61 -22.55 4.40
CA LEU G 141 46.09 -23.56 3.45
C LEU G 141 45.71 -25.00 3.87
N LEU G 142 45.67 -25.22 5.19
CA LEU G 142 45.23 -26.50 5.73
C LEU G 142 43.83 -26.82 5.24
N ALA G 143 42.90 -25.87 5.35
CA ALA G 143 41.56 -26.11 4.89
C ALA G 143 41.46 -26.34 3.35
N GLN G 144 42.30 -25.65 2.56
CA GLN G 144 42.35 -25.89 1.09
C GLN G 144 42.88 -27.29 0.70
N ASP G 145 43.99 -27.68 1.35
CA ASP G 145 44.58 -29.00 1.24
C ASP G 145 43.57 -30.12 1.48
N ILE G 146 42.95 -30.12 2.66
CA ILE G 146 42.15 -31.26 3.06
C ILE G 146 40.84 -31.22 2.33
N SER G 147 40.30 -30.01 2.14
CA SER G 147 38.88 -29.84 1.87
C SER G 147 38.61 -29.67 0.37
N SER G 148 39.66 -29.35 -0.39
CA SER G 148 39.52 -29.15 -1.84
C SER G 148 40.55 -29.93 -2.63
N TYR G 149 41.83 -29.67 -2.38
CA TYR G 149 42.90 -30.38 -3.11
C TYR G 149 42.71 -31.89 -3.06
N SER G 150 42.35 -32.41 -1.91
CA SER G 150 42.19 -33.86 -1.79
C SER G 150 41.33 -34.40 -2.91
N LEU G 151 40.29 -33.66 -3.33
CA LEU G 151 39.45 -34.17 -4.42
C LEU G 151 40.22 -34.37 -5.72
N THR G 152 41.15 -33.47 -6.01
CA THR G 152 41.93 -33.51 -7.26
C THR G 152 42.84 -34.75 -7.31
N ILE G 153 43.55 -35.00 -6.23
CA ILE G 153 44.44 -36.16 -6.18
C ILE G 153 43.65 -37.47 -5.99
N VAL G 154 42.58 -37.49 -5.22
CA VAL G 154 41.70 -38.66 -5.24
C VAL G 154 41.16 -39.03 -6.63
N ALA G 155 40.79 -38.03 -7.44
CA ALA G 155 40.20 -38.30 -8.76
C ALA G 155 41.26 -38.75 -9.76
N HIS G 156 42.47 -38.21 -9.65
CA HIS G 156 43.57 -38.70 -10.46
C HIS G 156 43.86 -40.17 -10.17
N GLU G 157 43.81 -40.56 -8.90
CA GLU G 157 44.16 -41.94 -8.55
C GLU G 157 42.97 -42.82 -8.83
N ALA G 158 41.76 -42.35 -8.57
CA ALA G 158 40.60 -43.18 -8.81
C ALA G 158 40.33 -43.42 -10.29
N LYS G 159 40.69 -42.47 -11.15
CA LYS G 159 40.58 -42.67 -12.60
C LYS G 159 41.20 -43.99 -13.05
N LYS G 160 42.37 -44.29 -12.49
CA LYS G 160 43.07 -45.55 -12.70
C LYS G 160 42.25 -46.84 -12.49
N LEU G 161 41.18 -46.76 -11.71
CA LEU G 161 40.29 -47.87 -11.45
C LEU G 161 38.94 -47.72 -12.17
N MET G 162 38.86 -46.78 -13.10
CA MET G 162 37.61 -46.59 -13.81
C MET G 162 37.88 -46.48 -15.32
N PRO G 163 38.52 -47.51 -15.92
CA PRO G 163 38.90 -47.46 -17.33
C PRO G 163 37.73 -47.29 -18.30
N GLU G 164 36.55 -47.77 -17.89
CA GLU G 164 35.29 -47.57 -18.60
C GLU G 164 34.42 -46.38 -18.15
N GLY G 165 34.94 -45.49 -17.31
CA GLY G 165 34.18 -44.34 -16.80
C GLY G 165 33.67 -44.60 -15.39
N GLY G 166 33.08 -43.58 -14.78
CA GLY G 166 32.49 -43.67 -13.43
C GLY G 166 31.89 -42.37 -12.96
N SER G 167 31.71 -42.24 -11.63
CA SER G 167 31.11 -41.05 -11.04
C SER G 167 31.80 -40.64 -9.72
N ILE G 168 32.25 -39.40 -9.62
CA ILE G 168 32.83 -38.85 -8.41
C ILE G 168 31.96 -37.75 -7.84
N VAL G 169 31.60 -37.85 -6.56
CA VAL G 169 30.68 -36.89 -5.96
C VAL G 169 31.36 -36.28 -4.73
N ALA G 170 31.42 -34.94 -4.65
CA ALA G 170 31.93 -34.35 -3.41
C ALA G 170 30.86 -33.59 -2.60
N THR G 171 31.20 -33.29 -1.36
CA THR G 171 30.19 -32.74 -0.48
C THR G 171 30.53 -31.31 -0.12
N THR G 172 29.64 -30.39 -0.47
CA THR G 172 29.85 -28.97 -0.25
C THR G 172 28.72 -28.34 0.59
N TYR G 173 28.76 -27.03 0.73
CA TYR G 173 27.74 -26.31 1.50
C TYR G 173 27.55 -24.92 0.90
N LEU G 174 26.32 -24.44 0.97
CA LEU G 174 25.95 -23.10 0.57
C LEU G 174 27.05 -22.05 0.79
N GLY G 175 27.77 -22.16 1.91
CA GLY G 175 28.75 -21.18 2.33
C GLY G 175 29.89 -21.06 1.33
N GLY G 176 29.98 -21.98 0.38
CA GLY G 176 30.91 -21.87 -0.75
C GLY G 176 30.41 -20.90 -1.81
N GLU G 177 29.13 -20.59 -1.76
CA GLU G 177 28.56 -19.70 -2.79
C GLU G 177 28.30 -18.27 -2.32
N PHE G 178 28.05 -18.14 -1.01
CA PHE G 178 27.65 -16.92 -0.32
C PHE G 178 28.42 -16.83 0.97
N ALA G 179 28.68 -15.62 1.46
CA ALA G 179 29.34 -15.48 2.73
C ALA G 179 28.33 -15.74 3.83
N VAL G 180 28.55 -16.79 4.59
CA VAL G 180 27.65 -17.21 5.66
C VAL G 180 28.43 -16.90 6.92
N GLN G 181 27.80 -16.27 7.90
CA GLN G 181 28.38 -15.97 9.21
C GLN G 181 29.05 -17.20 9.82
N ASN G 182 30.28 -16.99 10.30
CA ASN G 182 31.09 -17.99 11.04
C ASN G 182 31.69 -19.13 10.26
N TYR G 183 31.36 -19.27 8.97
CA TYR G 183 31.82 -20.45 8.25
C TYR G 183 33.20 -20.12 7.69
N ASN G 184 33.43 -18.82 7.54
CA ASN G 184 34.78 -18.28 7.40
C ASN G 184 35.67 -19.07 6.48
N VAL G 185 36.74 -19.65 7.03
CA VAL G 185 37.76 -20.27 6.17
C VAL G 185 37.21 -21.50 5.41
N MET G 186 36.19 -22.18 5.94
CA MET G 186 35.57 -23.25 5.19
C MET G 186 34.81 -22.82 3.92
N GLY G 187 34.17 -21.66 3.92
CA GLY G 187 33.38 -21.22 2.77
C GLY G 187 34.29 -20.98 1.58
N VAL G 188 35.49 -20.47 1.83
CA VAL G 188 36.46 -20.28 0.77
C VAL G 188 36.98 -21.65 0.35
N ALA G 189 37.30 -22.51 1.31
CA ALA G 189 37.67 -23.86 0.92
C ALA G 189 36.59 -24.50 0.04
N LYS G 190 35.30 -24.29 0.38
CA LYS G 190 34.22 -24.90 -0.44
C LYS G 190 34.06 -24.22 -1.79
N ALA G 191 34.38 -22.93 -1.86
CA ALA G 191 34.24 -22.28 -3.12
C ALA G 191 35.27 -22.95 -4.01
N SER G 192 36.46 -23.14 -3.45
CA SER G 192 37.55 -23.89 -4.06
C SER G 192 37.11 -25.29 -4.52
N LEU G 193 36.49 -26.05 -3.61
CA LEU G 193 35.94 -27.36 -3.94
C LEU G 193 34.97 -27.33 -5.13
N GLU G 194 33.95 -26.51 -5.04
CA GLU G 194 32.98 -26.40 -6.11
C GLU G 194 33.65 -26.11 -7.49
N ALA G 195 34.76 -25.36 -7.51
CA ALA G 195 35.44 -25.06 -8.79
C ALA G 195 36.27 -26.25 -9.26
N ASN G 196 36.87 -26.95 -8.28
CA ASN G 196 37.56 -28.25 -8.44
C ASN G 196 36.68 -29.26 -9.15
N VAL G 197 35.44 -29.43 -8.66
CA VAL G 197 34.46 -30.24 -9.35
C VAL G 197 34.28 -29.82 -10.83
N LYS G 198 34.25 -28.51 -11.10
CA LYS G 198 33.98 -28.09 -12.46
C LYS G 198 35.17 -28.45 -13.38
N TYR G 199 36.38 -28.15 -12.93
CA TYR G 199 37.60 -28.38 -13.69
C TYR G 199 37.81 -29.89 -13.79
N LEU G 200 37.57 -30.65 -12.72
CA LEU G 200 37.64 -32.11 -12.86
C LEU G 200 36.62 -32.62 -13.88
N ALA G 201 35.42 -32.04 -13.92
CA ALA G 201 34.38 -32.41 -14.90
C ALA G 201 34.88 -32.23 -16.33
N LEU G 202 35.46 -31.05 -16.56
CA LEU G 202 35.94 -30.73 -17.90
C LEU G 202 37.05 -31.74 -18.27
N ASP G 203 38.02 -31.89 -17.40
CA ASP G 203 39.23 -32.65 -17.77
C ASP G 203 38.94 -34.16 -17.85
N LEU G 204 38.02 -34.65 -17.03
CA LEU G 204 37.76 -36.09 -17.04
C LEU G 204 36.55 -36.56 -17.86
N GLY G 205 35.74 -35.63 -18.38
CA GLY G 205 34.61 -35.94 -19.27
C GLY G 205 34.93 -36.84 -20.47
N PRO G 206 36.01 -36.52 -21.19
CA PRO G 206 36.44 -37.33 -22.35
C PRO G 206 36.69 -38.79 -21.97
N ASP G 207 36.93 -39.02 -20.68
CA ASP G 207 37.09 -40.37 -20.16
C ASP G 207 35.82 -40.98 -19.60
N ASN G 208 34.70 -40.26 -19.74
CA ASN G 208 33.39 -40.71 -19.22
C ASN G 208 33.36 -40.86 -17.71
N ILE G 209 34.11 -40.00 -17.01
CA ILE G 209 33.99 -39.91 -15.55
C ILE G 209 33.22 -38.63 -15.21
N ARG G 210 32.06 -38.77 -14.59
CA ARG G 210 31.34 -37.56 -14.19
C ARG G 210 31.86 -37.02 -12.85
N VAL G 211 31.89 -35.70 -12.67
CA VAL G 211 32.24 -35.14 -11.36
C VAL G 211 31.16 -34.17 -10.92
N ASN G 212 30.65 -34.33 -9.71
CA ASN G 212 29.56 -33.50 -9.22
C ASN G 212 29.69 -33.20 -7.74
N ALA G 213 28.84 -32.34 -7.22
CA ALA G 213 28.88 -31.91 -5.83
C ALA G 213 27.45 -32.01 -5.31
N ILE G 214 27.24 -32.43 -4.07
CA ILE G 214 25.95 -32.27 -3.39
C ILE G 214 26.08 -31.17 -2.35
N SER G 215 25.23 -30.15 -2.42
CA SER G 215 25.28 -29.11 -1.43
C SER G 215 24.28 -29.40 -0.32
N ALA G 216 24.76 -30.00 0.76
CA ALA G 216 23.90 -30.42 1.85
C ALA G 216 23.51 -29.24 2.75
N GLY G 217 22.24 -29.19 3.18
CA GLY G 217 21.90 -28.28 4.28
C GLY G 217 22.58 -28.70 5.58
N PRO G 218 22.49 -27.84 6.61
CA PRO G 218 23.11 -28.15 7.90
C PRO G 218 22.58 -29.45 8.49
N ILE G 219 23.49 -30.34 8.91
CA ILE G 219 23.17 -31.61 9.58
C ILE G 219 24.02 -31.76 10.86
N ARG G 220 23.38 -32.18 11.94
CA ARG G 220 24.10 -32.36 13.17
C ARG G 220 25.09 -33.49 13.08
N THR G 221 26.35 -33.12 12.89
CA THR G 221 27.49 -34.06 12.82
C THR G 221 28.63 -33.63 13.75
N LEU G 222 29.65 -34.46 13.81
CA LEU G 222 30.84 -34.17 14.59
C LEU G 222 31.58 -32.95 14.04
N SER G 223 31.71 -32.81 12.73
CA SER G 223 32.32 -31.58 12.22
C SER G 223 31.47 -30.31 12.42
N ALA G 224 30.15 -30.44 12.51
CA ALA G 224 29.25 -29.30 12.75
C ALA G 224 29.58 -28.62 14.08
N LYS G 225 30.20 -29.37 14.97
CA LYS G 225 30.41 -28.89 16.32
C LYS G 225 31.46 -27.80 16.27
N GLY G 226 32.09 -27.61 15.11
CA GLY G 226 33.16 -26.63 15.06
C GLY G 226 32.63 -25.34 14.46
N VAL G 227 31.42 -25.36 13.94
CA VAL G 227 30.93 -24.16 13.29
C VAL G 227 30.17 -23.29 14.29
N GLY G 228 30.72 -22.14 14.70
CA GLY G 228 29.97 -21.23 15.58
C GLY G 228 28.56 -21.05 15.04
N GLY G 229 27.58 -20.81 15.92
CA GLY G 229 26.23 -20.45 15.51
C GLY G 229 25.36 -21.52 14.88
N PHE G 230 25.89 -22.74 14.78
CA PHE G 230 25.20 -23.87 14.13
C PHE G 230 23.73 -24.06 14.51
N ASN G 231 23.41 -24.04 15.80
CA ASN G 231 22.00 -24.14 16.21
C ASN G 231 21.03 -23.15 15.58
N THR G 232 21.42 -21.89 15.44
CA THR G 232 20.53 -20.88 14.88
C THR G 232 20.49 -20.98 13.35
N ILE G 233 21.47 -21.66 12.75
CA ILE G 233 21.40 -21.98 11.31
C ILE G 233 20.43 -23.16 11.04
N LEU G 234 20.47 -24.20 11.85
CA LEU G 234 19.47 -25.25 11.78
C LEU G 234 18.06 -24.67 11.88
N LYS G 235 17.88 -23.75 12.82
CA LYS G 235 16.57 -23.19 13.14
C LYS G 235 16.07 -22.23 12.05
N GLU G 236 16.97 -21.45 11.47
CA GLU G 236 16.61 -20.59 10.36
C GLU G 236 16.12 -21.42 9.14
N ILE G 237 16.73 -22.57 8.85
CA ILE G 237 16.22 -23.40 7.75
C ILE G 237 14.78 -23.82 8.01
N GLU G 238 14.52 -24.20 9.26
CA GLU G 238 13.22 -24.70 9.66
C GLU G 238 12.18 -23.62 9.46
N GLU G 239 12.54 -22.38 9.74
CA GLU G 239 11.58 -21.32 9.65
C GLU G 239 11.44 -20.77 8.24
N ARG G 240 12.49 -20.87 7.42
CA ARG G 240 12.58 -20.08 6.18
C ARG G 240 12.66 -20.86 4.85
N ALA G 241 13.29 -22.03 4.90
CA ALA G 241 13.45 -22.89 3.75
C ALA G 241 12.07 -23.30 3.30
N PRO G 242 11.93 -23.47 1.98
CA PRO G 242 10.64 -23.77 1.41
C PRO G 242 9.97 -24.97 2.07
N LEU G 243 10.73 -26.01 2.42
CA LEU G 243 10.09 -27.22 2.91
C LEU G 243 9.89 -27.08 4.41
N LYS G 244 10.46 -26.03 5.00
CA LYS G 244 10.28 -25.75 6.42
C LYS G 244 10.70 -26.90 7.32
N ARG G 245 11.80 -27.56 7.02
CA ARG G 245 12.32 -28.64 7.85
C ARG G 245 13.78 -28.77 7.44
N ASN G 246 14.56 -29.45 8.27
CA ASN G 246 15.93 -29.73 7.92
C ASN G 246 16.07 -31.03 7.16
N VAL G 247 17.21 -31.26 6.52
CA VAL G 247 17.36 -32.51 5.78
C VAL G 247 18.21 -33.43 6.62
N ASP G 248 18.31 -34.69 6.22
CA ASP G 248 19.16 -35.63 6.96
C ASP G 248 20.09 -36.37 6.03
N GLN G 249 21.01 -37.12 6.63
CA GLN G 249 22.11 -37.77 5.91
C GLN G 249 21.60 -38.75 4.86
N VAL G 250 20.45 -39.40 5.12
CA VAL G 250 19.89 -40.36 4.19
C VAL G 250 19.39 -39.60 2.97
N GLU G 251 18.77 -38.44 3.16
CA GLU G 251 18.42 -37.62 1.99
C GLU G 251 19.64 -37.34 1.08
N VAL G 252 20.76 -36.99 1.69
CA VAL G 252 21.96 -36.72 0.91
C VAL G 252 22.35 -37.98 0.16
N GLY G 253 22.27 -39.09 0.89
CA GLY G 253 22.48 -40.41 0.31
C GLY G 253 21.62 -40.73 -0.90
N LYS G 254 20.32 -40.44 -0.82
CA LYS G 254 19.47 -40.75 -1.95
C LYS G 254 19.95 -39.97 -3.19
N THR G 255 20.26 -38.68 -3.03
CA THR G 255 20.81 -37.89 -4.14
C THR G 255 22.17 -38.38 -4.60
N ALA G 256 22.99 -38.85 -3.68
CA ALA G 256 24.23 -39.55 -4.02
C ALA G 256 24.00 -40.81 -4.89
N ALA G 257 22.99 -41.61 -4.52
CA ALA G 257 22.60 -42.76 -5.31
C ALA G 257 22.29 -42.38 -6.75
N TYR G 258 21.54 -41.29 -6.93
CA TYR G 258 21.25 -40.73 -8.24
C TYR G 258 22.56 -40.32 -8.93
N LEU G 259 23.41 -39.60 -8.21
CA LEU G 259 24.62 -39.03 -8.81
C LEU G 259 25.67 -40.07 -9.19
N LEU G 260 25.77 -41.15 -8.41
CA LEU G 260 26.74 -42.21 -8.66
C LEU G 260 26.26 -43.24 -9.67
N SER G 261 25.00 -43.14 -10.10
CA SER G 261 24.42 -44.18 -10.90
C SER G 261 24.05 -43.70 -12.31
N ASP G 262 23.78 -44.62 -13.23
CA ASP G 262 23.41 -44.25 -14.57
C ASP G 262 22.16 -43.39 -14.64
N LEU G 263 21.54 -43.06 -13.51
CA LEU G 263 20.36 -42.23 -13.62
C LEU G 263 20.78 -40.81 -14.01
N SER G 264 22.03 -40.45 -13.72
CA SER G 264 22.45 -39.08 -13.93
C SER G 264 23.42 -38.93 -15.12
N SER G 265 23.34 -39.82 -16.09
N SER G 265 23.25 -39.75 -16.15
CA SER G 265 24.13 -39.67 -17.31
CA SER G 265 24.29 -39.94 -17.16
C SER G 265 23.71 -38.41 -18.07
C SER G 265 24.71 -38.71 -18.01
N GLY G 266 24.69 -37.62 -18.52
N GLY G 266 23.82 -37.74 -18.20
CA GLY G 266 24.42 -36.29 -19.04
CA GLY G 266 24.17 -36.50 -18.92
C GLY G 266 24.65 -35.22 -17.98
C GLY G 266 24.53 -35.33 -18.00
N VAL G 267 24.70 -35.64 -16.71
CA VAL G 267 24.88 -34.66 -15.64
C VAL G 267 26.30 -34.59 -15.07
N THR G 268 26.93 -33.41 -15.14
CA THR G 268 28.36 -33.36 -14.77
C THR G 268 28.81 -31.91 -14.58
N GLY G 269 29.76 -31.66 -13.69
CA GLY G 269 30.09 -30.29 -13.29
C GLY G 269 28.91 -29.65 -12.57
N GLU G 270 27.97 -30.46 -12.12
CA GLU G 270 26.79 -29.91 -11.51
C GLU G 270 26.86 -29.89 -9.93
N ASN G 271 26.17 -28.92 -9.32
CA ASN G 271 26.04 -28.80 -7.86
C ASN G 271 24.58 -28.88 -7.45
N ILE G 272 24.15 -30.01 -6.88
CA ILE G 272 22.76 -30.23 -6.52
C ILE G 272 22.55 -29.91 -5.03
N HIS G 273 21.60 -29.03 -4.71
CA HIS G 273 21.44 -28.62 -3.32
C HIS G 273 20.41 -29.53 -2.63
N VAL G 274 20.84 -30.24 -1.57
CA VAL G 274 19.91 -31.08 -0.81
C VAL G 274 19.62 -30.40 0.54
N ASP G 275 18.80 -29.36 0.52
CA ASP G 275 18.80 -28.36 1.60
C ASP G 275 17.41 -27.78 1.82
N SER G 276 16.37 -28.56 1.51
CA SER G 276 15.02 -28.08 1.66
C SER G 276 14.69 -26.81 0.85
N GLY G 277 15.47 -26.52 -0.18
CA GLY G 277 15.17 -25.34 -1.00
C GLY G 277 15.80 -24.01 -0.56
N PHE G 278 16.59 -24.01 0.52
CA PHE G 278 17.14 -22.80 1.12
C PHE G 278 17.97 -21.96 0.13
N HIS G 279 18.74 -22.62 -0.71
CA HIS G 279 19.55 -21.92 -1.70
C HIS G 279 18.75 -21.02 -2.63
N ALA G 280 17.44 -21.27 -2.72
CA ALA G 280 16.64 -20.66 -3.78
C ALA G 280 15.95 -19.40 -3.29
N ILE G 281 16.02 -19.13 -2.00
CA ILE G 281 15.27 -18.08 -1.38
C ILE G 281 16.27 -17.03 -0.89
N LYS G 282 15.81 -15.80 -0.77
CA LYS G 282 16.52 -14.78 0.03
C LYS G 282 15.60 -14.05 1.03
N ASN H 29 36.70 12.14 -9.05
CA ASN H 29 37.85 13.00 -8.64
C ASN H 29 38.45 12.64 -7.29
N LEU H 30 39.74 12.32 -7.31
CA LEU H 30 40.36 11.57 -6.24
C LEU H 30 41.50 12.35 -5.54
N GLU H 31 41.52 13.67 -5.72
CA GLU H 31 42.50 14.51 -5.03
C GLU H 31 42.34 14.29 -3.54
N ASN H 32 43.45 14.29 -2.78
CA ASN H 32 43.37 14.08 -1.35
C ASN H 32 42.99 12.64 -1.03
N LYS H 33 43.15 11.76 -2.01
CA LYS H 33 42.98 10.34 -1.79
C LYS H 33 44.27 9.59 -2.02
N THR H 34 44.50 8.55 -1.21
CA THR H 34 45.70 7.73 -1.32
C THR H 34 45.35 6.26 -1.50
N TYR H 35 45.98 5.63 -2.48
CA TYR H 35 45.71 4.24 -2.80
C TYR H 35 47.00 3.43 -2.94
N VAL H 36 47.00 2.24 -2.38
CA VAL H 36 48.11 1.30 -2.58
C VAL H 36 47.75 0.36 -3.71
N ILE H 37 48.63 0.30 -4.71
CA ILE H 37 48.42 -0.51 -5.90
C ILE H 37 49.47 -1.62 -5.88
N MET H 38 48.99 -2.86 -5.81
CA MET H 38 49.89 -4.00 -5.69
C MET H 38 49.91 -4.71 -7.04
N GLY H 39 51.11 -5.05 -7.52
CA GLY H 39 51.22 -5.97 -8.66
C GLY H 39 51.50 -5.35 -10.01
N ILE H 40 52.25 -4.25 -10.07
CA ILE H 40 52.80 -3.81 -11.34
C ILE H 40 54.14 -4.50 -11.67
N ALA H 41 54.21 -5.12 -12.84
CA ALA H 41 55.44 -5.75 -13.31
C ALA H 41 56.06 -4.97 -14.46
N ASN H 42 55.23 -4.49 -15.39
CA ASN H 42 55.70 -3.74 -16.55
C ASN H 42 54.60 -2.85 -17.15
N LYS H 43 54.89 -2.24 -18.30
CA LYS H 43 53.92 -1.36 -18.96
C LYS H 43 52.58 -2.05 -19.19
N ARG H 44 52.61 -3.35 -19.43
CA ARG H 44 51.42 -4.13 -19.73
C ARG H 44 50.61 -4.59 -18.51
N SER H 45 51.16 -4.49 -17.31
CA SER H 45 50.40 -4.91 -16.13
C SER H 45 49.01 -4.26 -16.07
N ILE H 46 48.01 -5.04 -15.72
CA ILE H 46 46.67 -4.50 -15.50
C ILE H 46 46.71 -3.39 -14.46
N ALA H 47 47.49 -3.59 -13.41
CA ALA H 47 47.63 -2.58 -12.38
C ALA H 47 48.25 -1.25 -12.85
N PHE H 48 49.03 -1.26 -13.94
CA PHE H 48 49.49 0.00 -14.48
C PHE H 48 48.33 0.74 -15.13
N GLY H 49 47.38 -0.03 -15.64
CA GLY H 49 46.18 0.58 -16.20
C GLY H 49 45.38 1.30 -15.13
N VAL H 50 45.23 0.62 -14.00
CA VAL H 50 44.75 1.24 -12.79
C VAL H 50 45.58 2.48 -12.37
N ALA H 51 46.90 2.32 -12.22
CA ALA H 51 47.73 3.47 -11.88
C ALA H 51 47.41 4.70 -12.75
N LYS H 52 47.52 4.57 -14.08
CA LYS H 52 47.24 5.68 -14.99
C LYS H 52 45.89 6.36 -14.78
N VAL H 53 44.86 5.58 -14.48
CA VAL H 53 43.50 6.14 -14.38
C VAL H 53 43.35 6.91 -13.07
N LEU H 54 43.76 6.29 -11.97
CA LEU H 54 43.79 6.97 -10.67
C LEU H 54 44.68 8.21 -10.66
N ASP H 55 45.80 8.12 -11.36
CA ASP H 55 46.77 9.19 -11.33
C ASP H 55 46.16 10.39 -12.08
N GLN H 56 45.57 10.11 -13.24
CA GLN H 56 44.78 11.10 -13.96
C GLN H 56 43.74 11.74 -13.05
N LEU H 57 43.21 10.99 -12.09
CA LEU H 57 42.09 11.52 -11.31
C LEU H 57 42.55 12.27 -10.07
N GLY H 58 43.88 12.43 -9.94
CA GLY H 58 44.52 13.24 -8.91
C GLY H 58 44.85 12.51 -7.62
N ALA H 59 44.75 11.18 -7.62
CA ALA H 59 45.07 10.40 -6.41
C ALA H 59 46.57 10.43 -6.09
N LYS H 60 46.90 10.29 -4.81
CA LYS H 60 48.24 9.88 -4.40
C LYS H 60 48.33 8.35 -4.46
N LEU H 61 49.37 7.85 -5.11
CA LEU H 61 49.57 6.43 -5.30
C LEU H 61 50.80 5.90 -4.55
N VAL H 62 50.66 4.73 -3.95
CA VAL H 62 51.76 3.97 -3.39
C VAL H 62 51.84 2.64 -4.14
N PHE H 63 53.05 2.21 -4.49
CA PHE H 63 53.21 0.95 -5.19
C PHE H 63 53.97 -0.10 -4.39
N THR H 64 53.51 -1.35 -4.47
CA THR H 64 54.27 -2.46 -3.91
C THR H 64 54.71 -3.38 -5.05
N TYR H 65 55.87 -4.02 -4.94
CA TYR H 65 56.36 -4.94 -5.97
C TYR H 65 57.04 -6.16 -5.33
N ARG H 66 57.38 -7.18 -6.11
CA ARG H 66 57.99 -8.38 -5.51
C ARG H 66 59.49 -8.48 -5.77
N LYS H 67 59.87 -8.39 -7.03
CA LYS H 67 61.28 -8.60 -7.39
C LYS H 67 61.88 -7.25 -7.80
N GLU H 68 63.19 -7.12 -7.73
CA GLU H 68 63.77 -5.79 -7.95
C GLU H 68 63.61 -5.30 -9.40
N ARG H 69 63.46 -6.23 -10.33
CA ARG H 69 63.33 -5.84 -11.74
C ARG H 69 62.00 -5.11 -11.96
N SER H 70 60.98 -5.51 -11.21
CA SER H 70 59.73 -4.79 -11.25
C SER H 70 59.85 -3.39 -10.62
N ARG H 71 60.97 -3.15 -9.93
CA ARG H 71 61.18 -1.90 -9.23
C ARG H 71 61.72 -0.87 -10.22
N LYS H 72 62.88 -1.16 -10.81
CA LYS H 72 63.44 -0.32 -11.88
C LYS H 72 62.41 0.04 -12.95
N GLU H 73 61.92 -0.98 -13.65
CA GLU H 73 60.68 -0.95 -14.42
C GLU H 73 59.69 0.11 -13.90
N LEU H 74 59.28 -0.08 -12.66
CA LEU H 74 58.30 0.76 -11.98
C LEU H 74 58.81 2.19 -11.86
N GLU H 75 60.08 2.36 -11.48
CA GLU H 75 60.64 3.71 -11.38
C GLU H 75 60.52 4.41 -12.73
N LYS H 76 60.88 3.70 -13.80
CA LYS H 76 60.77 4.25 -15.15
C LYS H 76 59.33 4.51 -15.56
N LEU H 77 58.42 3.61 -15.19
CA LEU H 77 57.00 3.82 -15.48
C LEU H 77 56.34 5.00 -14.76
N LEU H 78 56.77 5.36 -13.55
CA LEU H 78 56.24 6.57 -12.90
C LEU H 78 56.73 7.88 -13.53
N GLU H 79 57.61 7.80 -14.52
CA GLU H 79 57.93 8.99 -15.31
C GLU H 79 56.74 9.43 -16.14
N GLN H 80 55.90 8.48 -16.56
CA GLN H 80 54.63 8.81 -17.21
C GLN H 80 53.59 9.45 -16.29
N LEU H 81 53.62 9.10 -15.01
CA LEU H 81 52.55 9.52 -14.10
C LEU H 81 52.83 10.91 -13.58
N ASN H 82 51.83 11.55 -12.97
CA ASN H 82 52.09 12.88 -12.45
C ASN H 82 52.39 12.80 -10.98
N GLN H 83 52.60 11.58 -10.48
CA GLN H 83 53.09 11.32 -9.14
C GLN H 83 54.40 12.05 -8.83
N PRO H 84 54.36 13.01 -7.89
CA PRO H 84 55.45 13.95 -7.63
C PRO H 84 56.61 13.28 -6.92
N GLU H 85 56.38 12.06 -6.46
CA GLU H 85 57.34 11.32 -5.65
C GLU H 85 57.06 9.81 -5.64
N ALA H 86 58.16 9.05 -5.61
CA ALA H 86 58.12 7.61 -5.73
C ALA H 86 57.86 6.95 -4.36
N HIS H 87 56.66 6.42 -4.17
CA HIS H 87 56.40 5.63 -2.97
C HIS H 87 56.32 4.14 -3.33
N LEU H 88 57.44 3.44 -3.16
CA LEU H 88 57.60 2.05 -3.58
C LEU H 88 58.03 1.19 -2.40
N TYR H 89 57.52 -0.03 -2.32
CA TYR H 89 57.73 -0.89 -1.18
C TYR H 89 57.80 -2.29 -1.73
N GLN H 90 58.85 -3.02 -1.35
CA GLN H 90 58.91 -4.42 -1.75
C GLN H 90 58.03 -5.24 -0.82
N ILE H 91 57.03 -5.91 -1.38
CA ILE H 91 56.21 -6.82 -0.57
C ILE H 91 56.04 -8.11 -1.33
N ASP H 92 56.57 -9.19 -0.79
CA ASP H 92 56.18 -10.52 -1.22
C ASP H 92 55.02 -11.04 -0.37
N VAL H 93 53.85 -11.17 -0.98
CA VAL H 93 52.64 -11.61 -0.24
C VAL H 93 52.74 -13.05 0.28
N GLN H 94 53.81 -13.76 -0.06
CA GLN H 94 54.07 -15.04 0.62
C GLN H 94 54.62 -14.85 2.04
N SER H 95 55.17 -13.69 2.34
CA SER H 95 55.67 -13.43 3.69
C SER H 95 54.70 -12.53 4.47
N ASP H 96 54.07 -13.10 5.51
CA ASP H 96 53.36 -12.35 6.54
C ASP H 96 54.12 -11.11 7.01
N GLU H 97 55.40 -11.29 7.35
CA GLU H 97 56.24 -10.20 7.84
C GLU H 97 56.39 -9.09 6.81
N GLU H 98 56.57 -9.46 5.54
CA GLU H 98 56.68 -8.45 4.50
C GLU H 98 55.34 -7.70 4.31
N VAL H 99 54.22 -8.43 4.42
CA VAL H 99 52.95 -7.74 4.29
C VAL H 99 52.77 -6.84 5.51
N ILE H 100 52.92 -7.40 6.71
CA ILE H 100 52.71 -6.64 7.95
C ILE H 100 53.58 -5.39 8.00
N ASN H 101 54.90 -5.59 7.83
CA ASN H 101 55.91 -4.53 7.93
C ASN H 101 55.78 -3.49 6.82
N GLY H 102 55.59 -3.97 5.60
CA GLY H 102 55.33 -3.12 4.44
C GLY H 102 54.18 -2.15 4.60
N PHE H 103 53.03 -2.62 5.08
CA PHE H 103 51.89 -1.72 5.32
C PHE H 103 52.12 -0.78 6.51
N GLU H 104 52.65 -1.30 7.61
CA GLU H 104 53.21 -0.43 8.63
C GLU H 104 54.09 0.73 8.08
N GLN H 105 55.05 0.45 7.21
CA GLN H 105 55.92 1.50 6.67
C GLN H 105 55.14 2.51 5.82
N ILE H 106 54.19 1.99 5.05
CA ILE H 106 53.29 2.80 4.23
C ILE H 106 52.54 3.83 5.09
N GLY H 107 51.92 3.36 6.16
CA GLY H 107 51.31 4.25 7.17
C GLY H 107 52.25 5.34 7.70
N LYS H 108 53.49 4.94 7.99
CA LYS H 108 54.46 5.87 8.49
C LYS H 108 54.83 6.90 7.43
N ASP H 109 55.04 6.49 6.17
CA ASP H 109 55.52 7.45 5.16
C ASP H 109 54.40 8.32 4.57
N VAL H 110 53.17 7.82 4.64
CA VAL H 110 52.08 8.43 3.90
C VAL H 110 50.81 8.66 4.73
N GLY H 111 50.71 8.00 5.88
CA GLY H 111 49.56 8.15 6.77
C GLY H 111 48.45 7.27 6.24
N ASN H 112 47.25 7.38 6.84
CA ASN H 112 46.03 6.73 6.40
C ASN H 112 45.75 6.73 4.89
N ILE H 113 45.28 5.59 4.38
CA ILE H 113 44.87 5.45 2.99
C ILE H 113 43.37 5.17 2.82
N ASP H 114 42.94 5.25 1.56
CA ASP H 114 41.54 5.16 1.17
C ASP H 114 41.16 3.83 0.53
N GLY H 115 42.16 3.09 0.06
CA GLY H 115 41.89 1.81 -0.58
C GLY H 115 43.11 1.09 -1.10
N VAL H 116 42.90 -0.18 -1.43
CA VAL H 116 43.93 -1.07 -1.97
C VAL H 116 43.42 -1.71 -3.26
N TYR H 117 44.22 -1.61 -4.31
CA TYR H 117 43.98 -2.41 -5.50
C TYR H 117 44.92 -3.62 -5.56
N HIS H 118 44.34 -4.83 -5.51
CA HIS H 118 45.12 -6.07 -5.54
C HIS H 118 45.16 -6.67 -6.96
N SER H 119 46.38 -6.73 -7.51
CA SER H 119 46.58 -7.28 -8.86
C SER H 119 47.65 -8.36 -8.89
N ILE H 120 47.50 -9.34 -8.00
CA ILE H 120 48.54 -10.33 -7.72
C ILE H 120 48.09 -11.79 -7.83
N ALA H 121 48.88 -12.58 -8.55
CA ALA H 121 48.57 -14.00 -8.74
C ALA H 121 49.74 -14.75 -9.36
N PHE H 122 49.82 -16.04 -9.03
CA PHE H 122 50.88 -16.88 -9.56
C PHE H 122 50.46 -18.36 -9.55
N ALA H 123 50.79 -19.07 -10.63
CA ALA H 123 50.86 -20.54 -10.64
C ALA H 123 52.12 -20.95 -11.41
N ASN H 124 52.58 -22.19 -11.21
CA ASN H 124 53.73 -22.70 -12.00
C ASN H 124 53.28 -22.89 -13.45
N MET H 125 54.18 -22.61 -14.38
CA MET H 125 53.94 -22.83 -15.80
C MET H 125 53.21 -24.15 -16.09
N GLU H 126 53.68 -25.27 -15.53
CA GLU H 126 53.17 -26.57 -15.98
C GLU H 126 51.72 -26.83 -15.56
N ASP H 127 51.32 -26.17 -14.48
CA ASP H 127 49.99 -26.33 -13.94
C ASP H 127 48.96 -25.50 -14.74
N LEU H 128 49.38 -24.88 -15.83
CA LEU H 128 48.50 -24.02 -16.65
C LEU H 128 48.25 -24.55 -18.07
N ARG H 129 48.41 -25.86 -18.24
CA ARG H 129 48.19 -26.53 -19.51
C ARG H 129 47.95 -28.01 -19.26
N GLY H 130 47.57 -28.73 -20.31
CA GLY H 130 47.25 -30.15 -20.16
C GLY H 130 46.18 -30.33 -19.11
N ARG H 131 46.42 -31.24 -18.17
CA ARG H 131 45.34 -31.88 -17.41
C ARG H 131 45.25 -31.42 -15.94
N PHE H 132 44.09 -30.89 -15.53
CA PHE H 132 43.98 -30.31 -14.19
C PHE H 132 44.16 -31.40 -13.14
N SER H 133 43.72 -32.60 -13.51
CA SER H 133 43.70 -33.73 -12.58
C SER H 133 45.11 -34.13 -12.16
N GLU H 134 46.09 -33.65 -12.90
CA GLU H 134 47.47 -33.99 -12.62
C GLU H 134 48.16 -32.92 -11.80
N THR H 135 47.53 -31.78 -11.56
CA THR H 135 48.12 -30.74 -10.73
C THR H 135 48.71 -31.28 -9.42
N SER H 136 49.91 -30.81 -9.08
CA SER H 136 50.59 -31.16 -7.83
C SER H 136 50.07 -30.41 -6.60
N ARG H 137 50.10 -31.07 -5.45
CA ARG H 137 49.66 -30.47 -4.19
C ARG H 137 50.38 -29.14 -3.95
N GLU H 138 51.67 -29.09 -4.26
CA GLU H 138 52.50 -27.91 -4.02
C GLU H 138 52.10 -26.78 -4.97
N GLY H 139 51.78 -27.11 -6.21
CA GLY H 139 51.40 -26.11 -7.20
C GLY H 139 50.01 -25.61 -6.85
N PHE H 140 49.10 -26.53 -6.53
CA PHE H 140 47.78 -26.14 -6.11
C PHE H 140 47.85 -25.18 -4.90
N LEU H 141 48.59 -25.56 -3.86
CA LEU H 141 48.68 -24.74 -2.66
C LEU H 141 49.40 -23.40 -2.87
N LEU H 142 50.37 -23.38 -3.77
CA LEU H 142 51.10 -22.16 -4.11
C LEU H 142 50.18 -21.15 -4.76
N ALA H 143 49.36 -21.60 -5.71
CA ALA H 143 48.48 -20.67 -6.39
C ALA H 143 47.41 -20.14 -5.42
N GLN H 144 47.02 -20.95 -4.45
CA GLN H 144 46.05 -20.50 -3.47
C GLN H 144 46.62 -19.43 -2.52
N ASP H 145 47.85 -19.69 -2.10
CA ASP H 145 48.62 -18.80 -1.24
C ASP H 145 48.74 -17.38 -1.81
N ILE H 146 49.29 -17.30 -3.02
CA ILE H 146 49.59 -16.04 -3.66
C ILE H 146 48.34 -15.39 -4.19
N SER H 147 47.45 -16.20 -4.75
CA SER H 147 46.35 -15.66 -5.56
C SER H 147 45.07 -15.38 -4.76
N SER H 148 44.97 -16.00 -3.58
CA SER H 148 43.75 -15.87 -2.77
C SER H 148 44.03 -15.47 -1.34
N TYR H 149 44.88 -16.20 -0.64
CA TYR H 149 45.11 -15.89 0.77
C TYR H 149 45.73 -14.50 0.94
N SER H 150 46.61 -14.16 0.00
CA SER H 150 47.32 -12.89 0.02
C SER H 150 46.34 -11.72 0.15
N LEU H 151 45.08 -11.93 -0.23
CA LEU H 151 44.09 -10.86 -0.16
C LEU H 151 43.57 -10.75 1.26
N THR H 152 43.48 -11.88 1.96
CA THR H 152 43.04 -11.89 3.36
C THR H 152 44.03 -11.09 4.20
N ILE H 153 45.33 -11.39 4.07
CA ILE H 153 46.37 -10.76 4.89
C ILE H 153 46.52 -9.28 4.56
N VAL H 154 46.52 -8.95 3.27
CA VAL H 154 46.55 -7.54 2.87
C VAL H 154 45.39 -6.73 3.45
N ALA H 155 44.18 -7.27 3.39
CA ALA H 155 43.01 -6.63 3.98
C ALA H 155 43.20 -6.36 5.47
N HIS H 156 43.53 -7.41 6.23
CA HIS H 156 43.80 -7.25 7.67
C HIS H 156 44.78 -6.13 7.99
N GLU H 157 45.81 -5.99 7.17
CA GLU H 157 46.87 -5.04 7.50
C GLU H 157 46.45 -3.66 7.03
N ALA H 158 45.94 -3.58 5.81
CA ALA H 158 45.48 -2.32 5.23
C ALA H 158 44.36 -1.70 6.05
N LYS H 159 43.54 -2.54 6.69
CA LYS H 159 42.45 -2.08 7.54
C LYS H 159 42.96 -1.11 8.64
N LYS H 160 44.14 -1.41 9.19
CA LYS H 160 44.85 -0.50 10.11
C LYS H 160 45.06 0.93 9.59
N LEU H 161 45.19 1.07 8.28
CA LEU H 161 45.38 2.37 7.65
C LEU H 161 44.06 2.95 7.13
N MET H 162 42.95 2.39 7.59
CA MET H 162 41.63 2.84 7.15
C MET H 162 40.63 2.89 8.31
N PRO H 163 40.93 3.70 9.33
CA PRO H 163 40.02 3.82 10.45
C PRO H 163 38.65 4.37 10.07
N GLU H 164 38.57 5.28 9.10
CA GLU H 164 37.25 5.79 8.71
C GLU H 164 36.51 4.98 7.66
N GLY H 165 37.10 3.87 7.22
CA GLY H 165 36.56 3.16 6.07
C GLY H 165 37.39 3.31 4.82
N GLY H 166 37.04 2.56 3.79
CA GLY H 166 37.82 2.55 2.56
C GLY H 166 37.34 1.42 1.69
N SER H 167 38.15 1.10 0.68
CA SER H 167 37.69 0.22 -0.38
C SER H 167 38.84 -0.65 -0.88
N ILE H 168 38.63 -1.96 -0.90
CA ILE H 168 39.60 -2.91 -1.45
C ILE H 168 39.07 -3.63 -2.72
N VAL H 169 39.89 -3.62 -3.77
CA VAL H 169 39.47 -4.21 -5.03
C VAL H 169 40.49 -5.28 -5.45
N ALA H 170 40.01 -6.48 -5.74
CA ALA H 170 40.90 -7.55 -6.23
C ALA H 170 40.56 -7.86 -7.70
N THR H 171 41.56 -8.32 -8.46
CA THR H 171 41.36 -8.70 -9.86
C THR H 171 41.16 -10.19 -10.04
N THR H 172 39.98 -10.57 -10.55
CA THR H 172 39.69 -11.96 -10.93
C THR H 172 39.45 -12.20 -12.45
N TYR H 173 39.07 -13.43 -12.77
CA TYR H 173 38.89 -13.80 -14.15
C TYR H 173 37.72 -14.78 -14.21
N LEU H 174 37.00 -14.77 -15.33
CA LEU H 174 35.85 -15.65 -15.61
C LEU H 174 36.05 -17.13 -15.25
N GLY H 175 37.25 -17.69 -15.42
CA GLY H 175 37.61 -19.03 -14.89
C GLY H 175 37.46 -19.40 -13.41
N GLY H 176 37.30 -18.40 -12.55
CA GLY H 176 36.92 -18.73 -11.17
C GLY H 176 35.45 -19.18 -11.10
N GLU H 177 34.69 -18.97 -12.19
CA GLU H 177 33.25 -19.16 -12.22
C GLU H 177 32.80 -20.34 -13.11
N PHE H 178 33.53 -20.56 -14.20
CA PHE H 178 33.30 -21.65 -15.11
C PHE H 178 34.62 -22.35 -15.33
N ALA H 179 34.62 -23.64 -15.59
CA ALA H 179 35.86 -24.31 -16.00
C ALA H 179 36.22 -23.87 -17.40
N VAL H 180 37.34 -23.18 -17.53
CA VAL H 180 37.86 -22.75 -18.81
C VAL H 180 39.03 -23.69 -19.17
N GLN H 181 39.22 -23.96 -20.46
CA GLN H 181 40.26 -24.89 -20.90
C GLN H 181 41.61 -24.26 -20.49
N ASN H 182 42.54 -25.04 -19.93
CA ASN H 182 43.92 -24.59 -19.62
C ASN H 182 44.12 -23.79 -18.33
N TYR H 183 43.21 -22.87 -18.00
CA TYR H 183 43.37 -22.07 -16.81
C TYR H 183 43.52 -22.90 -15.52
N ASN H 184 42.86 -24.06 -15.49
CA ASN H 184 43.11 -25.12 -14.52
C ASN H 184 43.31 -24.68 -13.07
N VAL H 185 44.50 -24.80 -12.52
CA VAL H 185 44.73 -24.47 -11.10
C VAL H 185 44.38 -23.00 -10.78
N MET H 186 44.59 -22.10 -11.73
CA MET H 186 44.29 -20.69 -11.47
C MET H 186 42.79 -20.38 -11.34
N GLY H 187 41.99 -21.14 -12.08
CA GLY H 187 40.54 -21.06 -11.95
C GLY H 187 40.04 -21.52 -10.59
N VAL H 188 40.67 -22.50 -9.97
CA VAL H 188 40.29 -22.89 -8.61
C VAL H 188 40.82 -21.86 -7.63
N ALA H 189 41.95 -21.22 -7.90
CA ALA H 189 42.44 -20.14 -7.06
C ALA H 189 41.58 -18.88 -7.18
N LYS H 190 41.20 -18.51 -8.41
CA LYS H 190 40.20 -17.43 -8.58
C LYS H 190 38.85 -17.71 -7.87
N ALA H 191 38.31 -18.91 -8.03
CA ALA H 191 37.05 -19.23 -7.36
C ALA H 191 37.22 -18.99 -5.84
N SER H 192 38.40 -19.34 -5.32
CA SER H 192 38.80 -19.09 -3.95
C SER H 192 38.82 -17.61 -3.59
N LEU H 193 39.51 -16.82 -4.43
CA LEU H 193 39.55 -15.35 -4.33
C LEU H 193 38.18 -14.67 -4.35
N GLU H 194 37.30 -15.10 -5.26
CA GLU H 194 35.98 -14.51 -5.33
C GLU H 194 35.18 -14.76 -4.03
N ALA H 195 35.32 -15.93 -3.40
CA ALA H 195 34.67 -16.16 -2.10
C ALA H 195 35.44 -15.41 -1.01
N ASN H 196 36.78 -15.38 -1.09
CA ASN H 196 37.55 -14.50 -0.19
C ASN H 196 36.95 -13.09 -0.14
N VAL H 197 36.68 -12.54 -1.34
CA VAL H 197 36.11 -11.20 -1.50
C VAL H 197 34.79 -11.10 -0.74
N LYS H 198 33.93 -12.11 -0.89
CA LYS H 198 32.65 -12.07 -0.21
C LYS H 198 32.79 -12.17 1.33
N TYR H 199 33.71 -13.02 1.81
CA TYR H 199 33.89 -13.16 3.25
C TYR H 199 34.57 -11.92 3.83
N LEU H 200 35.49 -11.29 3.10
CA LEU H 200 36.01 -10.00 3.58
C LEU H 200 34.96 -8.87 3.57
N ALA H 201 34.01 -8.92 2.63
CA ALA H 201 32.95 -7.92 2.59
C ALA H 201 32.10 -7.98 3.85
N LEU H 202 31.67 -9.20 4.18
CA LEU H 202 30.86 -9.45 5.37
C LEU H 202 31.61 -9.03 6.66
N ASP H 203 32.89 -9.35 6.74
CA ASP H 203 33.68 -9.09 7.94
C ASP H 203 33.98 -7.59 8.13
N LEU H 204 34.31 -6.92 7.04
CA LEU H 204 34.86 -5.57 7.15
C LEU H 204 33.84 -4.48 6.83
N GLY H 205 32.64 -4.91 6.43
CA GLY H 205 31.45 -4.06 6.22
C GLY H 205 31.14 -3.19 7.43
N PRO H 206 31.13 -3.80 8.63
CA PRO H 206 30.87 -2.96 9.80
C PRO H 206 31.99 -1.96 10.08
N ASP H 207 33.13 -2.07 9.42
CA ASP H 207 34.17 -1.05 9.59
C ASP H 207 34.15 -0.06 8.43
N ASN H 208 33.14 -0.19 7.57
CA ASN H 208 32.97 0.67 6.41
C ASN H 208 34.06 0.45 5.35
N ILE H 209 34.55 -0.79 5.24
CA ILE H 209 35.49 -1.19 4.21
C ILE H 209 34.74 -2.10 3.28
N ARG H 210 34.65 -1.65 2.03
CA ARG H 210 34.04 -2.43 0.96
C ARG H 210 35.13 -3.23 0.26
N VAL H 211 34.73 -4.38 -0.27
CA VAL H 211 35.64 -5.32 -0.89
C VAL H 211 34.90 -5.86 -2.10
N ASN H 212 35.54 -5.76 -3.25
CA ASN H 212 34.96 -6.20 -4.51
C ASN H 212 36.06 -6.76 -5.40
N ALA H 213 35.61 -7.28 -6.53
CA ALA H 213 36.47 -7.84 -7.56
C ALA H 213 36.11 -7.23 -8.91
N ILE H 214 37.11 -7.08 -9.76
CA ILE H 214 36.86 -6.88 -11.15
C ILE H 214 37.25 -8.16 -11.89
N SER H 215 36.32 -8.74 -12.64
CA SER H 215 36.66 -9.88 -13.48
C SER H 215 36.99 -9.35 -14.86
N ALA H 216 38.28 -9.17 -15.11
CA ALA H 216 38.77 -8.51 -16.35
C ALA H 216 38.64 -9.49 -17.52
N GLY H 217 38.38 -8.98 -18.72
CA GLY H 217 38.50 -9.79 -19.94
C GLY H 217 39.95 -10.20 -20.17
N PRO H 218 40.22 -11.10 -21.13
CA PRO H 218 41.60 -11.42 -21.51
C PRO H 218 42.34 -10.19 -22.00
N ILE H 219 43.58 -10.02 -21.55
CA ILE H 219 44.39 -8.87 -21.88
C ILE H 219 45.80 -9.43 -21.97
N ARG H 220 46.50 -9.06 -23.05
CA ARG H 220 47.91 -9.39 -23.20
C ARG H 220 48.79 -8.74 -22.12
N THR H 221 48.98 -9.47 -21.03
CA THR H 221 50.00 -9.12 -20.04
C THR H 221 51.17 -10.12 -19.96
N LEU H 222 52.11 -9.86 -19.08
CA LEU H 222 53.23 -10.77 -18.82
C LEU H 222 52.78 -12.11 -18.22
N SER H 223 51.89 -12.09 -17.23
CA SER H 223 51.40 -13.37 -16.71
C SER H 223 50.53 -14.13 -17.73
N ALA H 224 49.81 -13.37 -18.56
CA ALA H 224 48.91 -13.93 -19.58
C ALA H 224 49.62 -14.88 -20.57
N LYS H 225 50.94 -14.71 -20.73
CA LYS H 225 51.75 -15.57 -21.59
C LYS H 225 51.92 -16.98 -21.04
N GLY H 226 51.94 -17.07 -19.72
CA GLY H 226 51.90 -18.37 -19.04
C GLY H 226 50.66 -19.22 -19.27
N VAL H 227 49.58 -18.67 -19.81
CA VAL H 227 48.35 -19.46 -19.93
C VAL H 227 48.24 -20.17 -21.28
N GLY H 228 48.12 -21.50 -21.30
CA GLY H 228 47.90 -22.21 -22.56
C GLY H 228 46.76 -21.67 -23.43
N GLY H 229 47.01 -21.49 -24.71
CA GLY H 229 45.95 -21.06 -25.64
C GLY H 229 45.31 -19.72 -25.32
N PHE H 230 46.11 -18.83 -24.74
CA PHE H 230 45.68 -17.44 -24.56
C PHE H 230 45.14 -16.84 -25.86
N ASN H 231 45.91 -16.95 -26.94
CA ASN H 231 45.52 -16.25 -28.15
C ASN H 231 44.14 -16.63 -28.62
N THR H 232 43.75 -17.88 -28.38
CA THR H 232 42.51 -18.40 -28.92
C THR H 232 41.35 -17.72 -28.18
N ILE H 233 41.44 -17.71 -26.85
CA ILE H 233 40.60 -16.88 -25.99
C ILE H 233 40.44 -15.46 -26.57
N LEU H 234 41.55 -14.72 -26.71
CA LEU H 234 41.54 -13.35 -27.24
C LEU H 234 40.63 -13.20 -28.45
N LYS H 235 40.74 -14.13 -29.39
CA LYS H 235 40.01 -14.09 -30.64
C LYS H 235 38.54 -14.41 -30.44
N GLU H 236 38.25 -15.29 -29.49
CA GLU H 236 36.88 -15.75 -29.30
C GLU H 236 36.04 -14.65 -28.65
N ILE H 237 36.63 -13.85 -27.77
CA ILE H 237 35.99 -12.65 -27.30
C ILE H 237 35.57 -11.76 -28.48
N GLU H 238 36.48 -11.47 -29.38
CA GLU H 238 36.18 -10.55 -30.46
C GLU H 238 35.01 -11.05 -31.25
N GLU H 239 34.91 -12.37 -31.37
CA GLU H 239 33.90 -12.98 -32.22
C GLU H 239 32.53 -13.13 -31.56
N ARG H 240 32.52 -13.32 -30.24
CA ARG H 240 31.36 -13.88 -29.55
C ARG H 240 30.84 -12.99 -28.43
N ALA H 241 31.68 -12.11 -27.88
CA ALA H 241 31.20 -11.24 -26.81
C ALA H 241 30.36 -10.12 -27.43
N PRO H 242 29.35 -9.58 -26.70
CA PRO H 242 28.42 -8.53 -27.19
C PRO H 242 29.10 -7.27 -27.80
N LEU H 243 30.23 -6.87 -27.23
CA LEU H 243 30.87 -5.69 -27.75
C LEU H 243 31.77 -6.03 -28.90
N LYS H 244 32.00 -7.31 -29.18
CA LYS H 244 32.76 -7.69 -30.38
C LYS H 244 34.15 -7.06 -30.40
N ARG H 245 34.77 -6.95 -29.23
CA ARG H 245 36.12 -6.39 -29.16
C ARG H 245 36.73 -6.80 -27.81
N ASN H 246 38.06 -6.73 -27.73
CA ASN H 246 38.66 -6.95 -26.42
C ASN H 246 38.69 -5.71 -25.54
N VAL H 247 38.63 -5.90 -24.22
CA VAL H 247 38.91 -4.83 -23.27
C VAL H 247 40.43 -4.50 -23.15
N ASP H 248 40.78 -3.37 -22.54
CA ASP H 248 42.17 -3.10 -22.15
C ASP H 248 42.33 -2.64 -20.70
N GLN H 249 43.59 -2.40 -20.32
CA GLN H 249 43.96 -2.18 -18.92
C GLN H 249 43.25 -0.94 -18.39
N VAL H 250 43.25 0.12 -19.20
CA VAL H 250 42.54 1.36 -18.88
C VAL H 250 41.04 1.15 -18.62
N GLU H 251 40.38 0.29 -19.41
CA GLU H 251 38.99 -0.05 -19.08
C GLU H 251 38.89 -0.68 -17.70
N VAL H 252 39.83 -1.53 -17.31
CA VAL H 252 39.76 -2.09 -15.95
C VAL H 252 39.96 -0.97 -14.94
N GLY H 253 40.89 -0.07 -15.27
CA GLY H 253 41.26 1.03 -14.38
C GLY H 253 40.05 1.93 -14.18
N LYS H 254 39.24 2.10 -15.22
CA LYS H 254 38.15 3.06 -15.08
C LYS H 254 37.11 2.54 -14.12
N THR H 255 36.90 1.23 -14.12
CA THR H 255 35.95 0.57 -13.24
C THR H 255 36.58 0.41 -11.83
N ALA H 256 37.90 0.34 -11.80
CA ALA H 256 38.64 0.36 -10.53
C ALA H 256 38.41 1.70 -9.84
N ALA H 257 38.47 2.78 -10.61
CA ALA H 257 38.21 4.11 -10.07
C ALA H 257 36.82 4.19 -9.43
N TYR H 258 35.80 3.72 -10.16
CA TYR H 258 34.47 3.61 -9.59
C TYR H 258 34.50 2.81 -8.29
N LEU H 259 35.10 1.64 -8.28
CA LEU H 259 35.00 0.83 -7.06
C LEU H 259 35.75 1.44 -5.87
N LEU H 260 36.80 2.20 -6.16
CA LEU H 260 37.67 2.74 -5.11
C LEU H 260 37.11 4.07 -4.61
N SER H 261 36.17 4.65 -5.35
CA SER H 261 35.64 5.95 -5.00
C SER H 261 34.29 5.81 -4.30
N ASP H 262 33.78 6.94 -3.84
CA ASP H 262 32.45 7.06 -3.27
C ASP H 262 31.32 6.80 -4.27
N LEU H 263 31.63 6.82 -5.57
CA LEU H 263 30.62 6.51 -6.57
C LEU H 263 29.99 5.13 -6.28
N SER H 264 30.80 4.22 -5.76
CA SER H 264 30.31 2.87 -5.50
C SER H 264 29.97 2.64 -4.04
N SER H 265 29.44 3.64 -3.34
N SER H 265 29.49 3.66 -3.33
CA SER H 265 29.38 3.60 -1.85
CA SER H 265 28.99 3.45 -1.97
C SER H 265 28.51 2.48 -1.26
C SER H 265 27.75 2.56 -2.03
N GLY H 266 27.48 2.06 -1.99
N GLY H 266 27.64 1.63 -1.10
CA GLY H 266 26.58 1.02 -1.50
CA GLY H 266 26.55 0.66 -1.16
C GLY H 266 26.82 -0.39 -2.04
C GLY H 266 26.87 -0.59 -1.96
N VAL H 267 27.94 -0.56 -2.75
CA VAL H 267 28.34 -1.75 -3.48
C VAL H 267 29.47 -2.44 -2.71
N THR H 268 29.22 -3.65 -2.20
CA THR H 268 30.28 -4.46 -1.62
C THR H 268 29.99 -5.97 -1.81
N GLY H 269 31.06 -6.77 -1.81
CA GLY H 269 30.93 -8.18 -2.14
C GLY H 269 30.58 -8.41 -3.58
N GLU H 270 30.69 -7.38 -4.42
CA GLU H 270 30.29 -7.52 -5.81
C GLU H 270 31.47 -7.99 -6.69
N ASN H 271 31.15 -8.52 -7.88
CA ASN H 271 32.13 -8.83 -8.90
C ASN H 271 31.68 -8.21 -10.23
N ILE H 272 32.35 -7.15 -10.70
CA ILE H 272 31.96 -6.52 -11.95
C ILE H 272 32.86 -7.03 -13.07
N HIS H 273 32.24 -7.42 -14.17
CA HIS H 273 32.95 -8.05 -15.28
C HIS H 273 33.31 -6.95 -16.25
N VAL H 274 34.60 -6.67 -16.40
CA VAL H 274 34.99 -5.75 -17.43
C VAL H 274 35.57 -6.62 -18.55
N ASP H 275 34.66 -7.09 -19.41
CA ASP H 275 34.96 -8.14 -20.39
C ASP H 275 34.08 -8.12 -21.67
N SER H 276 33.62 -6.94 -22.10
CA SER H 276 32.78 -6.82 -23.29
C SER H 276 31.46 -7.59 -23.27
N GLY H 277 31.00 -7.98 -22.08
CA GLY H 277 29.74 -8.72 -21.96
C GLY H 277 29.86 -10.23 -22.09
N PHE H 278 31.08 -10.72 -22.17
CA PHE H 278 31.32 -12.14 -22.42
C PHE H 278 30.76 -13.05 -21.35
N HIS H 279 30.84 -12.66 -20.08
CA HIS H 279 30.27 -13.48 -19.00
C HIS H 279 28.78 -13.76 -19.18
N ALA H 280 28.09 -12.93 -19.97
CA ALA H 280 26.63 -12.89 -19.96
C ALA H 280 26.03 -13.76 -21.05
N ILE H 281 26.92 -14.37 -21.83
CA ILE H 281 26.45 -15.12 -22.97
C ILE H 281 26.99 -16.51 -22.86
N LYS H 282 26.42 -17.37 -23.69
CA LYS H 282 26.89 -18.73 -23.80
C LYS H 282 26.65 -19.21 -25.23
N GLU I . 1.85 4.74 6.82
CA GLU I . 1.39 4.00 5.63
C GLU I . 0.35 2.96 6.06
O GLU I . 0.46 2.55 7.24
CB GLU I . 2.60 3.36 4.95
CG GLU I . 3.68 4.43 4.78
CD GLU I . 3.08 5.83 4.55
OE1 GLU I . 2.68 6.11 3.40
OE2 GLU I . 3.04 6.63 5.51
OXT GLU I . -0.58 2.64 5.27
PA NAP J . -11.30 -4.03 -1.07
O1A NAP J . -11.46 -5.39 -0.51
O2A NAP J . -10.00 -3.70 -1.70
O5B NAP J . -12.48 -3.81 -2.11
C5B NAP J . -12.62 -2.71 -2.95
C4B NAP J . -13.36 -3.30 -4.14
O4B NAP J . -13.56 -2.27 -5.08
C3B NAP J . -12.54 -4.41 -4.83
O3B NAP J . -13.24 -5.64 -4.83
C2B NAP J . -12.42 -3.90 -6.24
O2B NAP J . -12.48 -4.91 -7.23
C1B NAP J . -13.57 -2.91 -6.33
N9A NAP J . -13.36 -1.97 -7.45
C8A NAP J . -12.42 -0.99 -7.59
N7A NAP J . -12.59 -0.45 -8.82
C5A NAP J . -13.61 -1.08 -9.46
C6A NAP J . -14.21 -0.94 -10.71
N6A NAP J . -13.75 -0.02 -11.56
N1A NAP J . -15.26 -1.75 -11.07
C2A NAP J . -15.74 -2.67 -10.16
N3A NAP J . -15.13 -2.85 -8.93
C4A NAP J . -14.09 -2.05 -8.60
O3 NAP J . -11.47 -3.03 0.18
PN NAP J . -12.70 -2.67 1.13
O1N NAP J . -12.01 -1.97 2.21
O2N NAP J . -13.57 -3.86 1.41
O5D NAP J . -13.57 -1.66 0.22
C5D NAP J . -14.96 -1.78 0.02
C4D NAP J . -15.63 -0.44 0.33
O4D NAP J . -15.52 -0.12 1.69
C3D NAP J . -14.97 0.72 -0.40
O3D NAP J . -15.95 1.55 -0.97
C2D NAP J . -14.22 1.44 0.69
O2D NAP J . -14.05 2.81 0.44
C1D NAP J . -15.18 1.23 1.84
N1N NAP J . -14.61 1.42 3.18
C2N NAP J . -13.48 0.78 3.61
C3N NAP J . -13.07 0.95 4.94
C7N NAP J . -11.90 0.21 5.52
O7N NAP J . -11.27 0.76 6.64
N7N NAP J . -11.45 -0.92 5.01
C4N NAP J . -13.80 1.75 5.84
C5N NAP J . -14.92 2.40 5.36
C6N NAP J . -15.32 2.23 4.03
P2B NAP J . -11.17 -5.49 -7.98
O1X NAP J . -10.51 -4.40 -8.80
O2X NAP J . -10.17 -5.92 -6.92
O3X NAP J . -11.63 -6.64 -8.81
O17 PV4 K . -12.60 4.16 2.07
C6 PV4 K . -11.70 3.53 2.88
C5 PV4 K . -10.91 2.49 2.39
O7 PV4 K . -11.08 2.08 1.10
C8 PV4 K . -10.46 2.73 0.08
C13 PV4 K . -10.75 2.33 -1.24
C12 PV4 K . -10.10 2.97 -2.30
C11 PV4 K . -9.13 3.94 -2.06
C10 PV4 K . -8.89 4.36 -0.75
C9 PV4 K . -9.53 3.74 0.32
C4 PV4 K . -9.98 1.87 3.22
C3 PV4 K . -9.84 2.33 4.52
C2 PV4 K . -10.64 3.37 5.01
C1 PV4 K . -11.53 4.01 4.16
C14 PV4 K . -10.46 3.91 6.41
C15 PV4 K . -9.37 4.98 6.37
C16 PV4 K . -8.80 5.16 7.79
N GLU L . -39.40 24.50 -13.94
CA GLU L . -39.04 24.34 -15.37
C GLU L . -38.83 25.75 -15.96
O GLU L . -37.86 26.40 -15.51
CB GLU L . -40.15 23.56 -16.12
CG GLU L . -39.81 22.14 -16.62
CD GLU L . -39.11 21.27 -15.58
OE1 GLU L . -39.27 21.58 -14.38
OE2 GLU L . -38.40 20.32 -15.99
OXT GLU L . -39.68 26.18 -16.77
PA NAP M . -23.90 33.07 -12.70
O1A NAP M . -24.05 34.54 -12.64
O2A NAP M . -24.33 32.45 -13.97
O5B NAP M . -22.34 32.81 -12.44
C5B NAP M . -21.79 31.53 -12.62
C4B NAP M . -20.41 31.73 -13.20
O4B NAP M . -19.87 30.45 -13.40
C3B NAP M . -20.34 32.42 -14.57
O3B NAP M . -19.48 33.53 -14.55
C2B NAP M . -19.63 31.44 -15.46
O2B NAP M . -18.74 32.10 -16.32
C1B NAP M . -18.89 30.61 -14.42
N9A NAP M . -18.34 29.38 -15.01
C8A NAP M . -19.04 28.26 -15.39
N7A NAP M . -18.19 27.41 -15.99
C5A NAP M . -16.95 27.95 -15.93
C6A NAP M . -15.72 27.50 -16.39
N6A NAP M . -15.70 26.29 -16.92
N1A NAP M . -14.58 28.27 -16.25
C2A NAP M . -14.68 29.51 -15.66
N3A NAP M . -15.92 29.97 -15.25
C4A NAP M . -17.02 29.20 -15.35
O3 NAP M . -24.76 32.38 -11.54
PN NAP M . -24.53 32.39 -9.94
O1N NAP M . -25.81 32.08 -9.28
O2N NAP M . -23.78 33.65 -9.71
O5D NAP M . -23.49 31.22 -9.64
C5D NAP M . -22.23 31.50 -9.08
C4D NAP M . -21.97 30.55 -7.92
O4D NAP M . -22.99 30.73 -6.98
C3D NAP M . -22.03 29.10 -8.39
O3D NAP M . -21.03 28.35 -7.74
C2D NAP M . -23.41 28.63 -7.96
O2D NAP M . -23.41 27.24 -7.72
C1D NAP M . -23.48 29.44 -6.68
N1N NAP M . -24.80 29.53 -6.06
C2N NAP M . -25.80 30.14 -6.74
C3N NAP M . -27.06 30.21 -6.14
C7N NAP M . -28.13 31.04 -6.81
O7N NAP M . -29.40 30.95 -6.27
N7N NAP M . -27.85 31.85 -7.81
C4N NAP M . -27.26 29.77 -4.84
C5N NAP M . -26.22 29.12 -4.19
C6N NAP M . -24.97 29.00 -4.82
P2B NAP M . -19.03 32.26 -17.91
O1X NAP M . -19.03 30.96 -18.66
O2X NAP M . -20.39 32.87 -18.07
O3X NAP M . -17.90 33.12 -18.45
O17 PV4 N . -25.73 26.44 -7.45
C6 PV4 N . -26.92 27.06 -7.69
C5 PV4 N . -27.09 27.76 -8.89
O7 PV4 N . -26.06 27.80 -9.78
C8 PV4 N . -25.97 26.79 -10.68
C13 PV4 N . -24.89 26.82 -11.56
C12 PV4 N . -24.78 25.79 -12.49
C11 PV4 N . -25.69 24.74 -12.55
C10 PV4 N . -26.79 24.75 -11.68
C9 PV4 N . -26.91 25.77 -10.74
C4 PV4 N . -28.28 28.45 -9.13
C3 PV4 N . -29.35 28.41 -8.24
C2 PV4 N . -29.19 27.73 -7.06
C1 PV4 N . -28.01 27.03 -6.79
C14 PV4 N . -30.37 27.69 -6.08
C15 PV4 N . -31.44 26.76 -6.65
C16 PV4 N . -32.73 26.82 -5.81
N GLU O . -6.89 17.80 34.44
CA GLU O . -7.84 18.12 35.51
C GLU O . -7.24 19.13 36.53
O GLU O . -8.02 19.58 37.40
CB GLU O . -8.17 16.81 36.21
CG GLU O . -9.40 17.05 37.07
CD GLU O . -9.88 15.74 37.71
OE1 GLU O . -9.09 15.19 38.51
OE2 GLU O . -11.00 15.33 37.37
OXT GLU O . -6.03 19.42 36.41
PA NAP P . -15.93 33.03 32.58
O1A NAP P . -14.98 34.13 32.33
O2A NAP P . -15.77 32.31 33.88
O5B NAP P . -17.41 33.56 32.33
C5B NAP P . -18.56 32.82 32.71
C4B NAP P . -19.63 33.84 33.10
O4B NAP P . -20.85 33.22 33.42
C3B NAP P . -19.24 34.69 34.33
O3B NAP P . -19.25 36.05 33.98
C2B NAP P . -20.33 34.36 35.32
O2B NAP P . -20.62 35.45 36.16
C1B NAP P . -21.47 34.05 34.37
N9A NAP P . -22.59 33.40 35.06
C8A NAP P . -22.66 32.14 35.60
N7A NAP P . -23.90 31.97 36.15
C5A NAP P . -24.59 33.10 35.98
C6A NAP P . -25.84 33.49 36.40
N6A NAP P . -26.59 32.63 37.09
N1A NAP P . -26.30 34.74 36.06
C2A NAP P . -25.47 35.63 35.37
N3A NAP P . -24.19 35.27 35.03
C4A NAP P . -23.78 34.02 35.31
O3 NAP P . -15.74 31.90 31.45
PN NAP P . -15.90 31.95 29.84
O1N NAP P . -15.05 30.81 29.38
O2N NAP P . -15.66 33.33 29.36
O5D NAP P . -17.45 31.56 29.63
C5D NAP P . -18.32 32.32 28.81
C4D NAP P . -19.15 31.46 27.87
O4D NAP P . -18.26 30.84 26.96
C3D NAP P . -19.84 30.30 28.54
O3D NAP P . -21.12 30.10 27.94
C2D NAP P . -18.99 29.09 28.27
O2D NAP P . -19.82 27.97 28.25
C1D NAP P . -18.57 29.47 26.87
N1N NAP P . -17.41 28.80 26.29
C2N NAP P . -16.19 28.87 26.93
C3N NAP P . -15.09 28.33 26.28
C7N NAP P . -13.75 28.39 26.93
O7N NAP P . -12.78 27.60 26.35
N7N NAP P . -13.52 29.10 28.01
C4N NAP P . -15.19 27.74 25.02
C5N NAP P . -16.42 27.72 24.37
C6N NAP P . -17.53 28.25 25.03
P2B NAP P . -20.20 35.51 37.72
O1X NAP P . -20.95 34.47 38.51
O2X NAP P . -18.71 35.25 37.80
O3X NAP P . -20.65 36.90 38.03
O17 PV4 Q . -18.08 25.83 27.90
C6 PV4 Q . -16.75 25.83 28.07
C5 PV4 Q . -16.21 26.51 29.15
O7 PV4 Q . -17.07 27.22 29.95
C8 PV4 Q . -17.67 26.55 30.96
C13 PV4 Q . -18.64 27.24 31.68
C12 PV4 Q . -19.31 26.57 32.70
C11 PV4 Q . -19.00 25.25 33.05
C10 PV4 Q . -18.04 24.57 32.30
C9 PV4 Q . -17.35 25.23 31.28
C4 PV4 Q . -14.84 26.51 29.35
C3 PV4 Q . -14.03 25.77 28.52
C2 PV4 Q . -14.58 25.07 27.46
C1 PV4 Q . -15.95 25.08 27.23
C14 PV4 Q . -13.72 24.17 26.60
C15 PV4 Q . -13.64 22.86 27.41
C16 PV4 Q . -12.75 21.88 26.65
PA NAP R . -47.49 8.45 24.23
O1A NAP R . -48.07 7.16 23.85
O2A NAP R . -48.40 9.40 24.89
O5B NAP R . -46.25 8.11 25.17
C5B NAP R . -45.69 9.10 25.99
C4B NAP R . -45.40 8.38 27.29
O4B NAP R . -44.64 9.19 28.15
C3B NAP R . -46.68 8.01 28.02
O3B NAP R . -46.70 6.64 28.27
C2B NAP R . -46.47 8.72 29.34
O2B NAP R . -47.04 8.03 30.41
C1B NAP R . -44.95 8.76 29.44
N9A NAP R . -44.52 9.73 30.47
C8A NAP R . -44.64 11.10 30.44
N7A NAP R . -44.11 11.61 31.57
C5A NAP R . -43.65 10.56 32.31
C6A NAP R . -43.07 10.49 33.58
N6A NAP R . -42.84 11.62 34.26
N1A NAP R . -42.75 9.25 34.11
C2A NAP R . -42.99 8.07 33.42
N3A NAP R . -43.58 8.16 32.16
C4A NAP R . -43.93 9.37 31.64
O3 NAP R . -46.90 9.24 22.94
PN NAP R . -45.75 8.73 21.95
O1N NAP R . -45.88 9.47 20.68
O2N NAP R . -45.73 7.24 21.98
O5D NAP R . -44.42 9.21 22.72
C5D NAP R . -43.37 8.29 22.92
C4D NAP R . -42.01 8.88 22.57
O4D NAP R . -41.82 9.03 21.18
C3D NAP R . -41.81 10.26 23.16
O3D NAP R . -40.47 10.34 23.60
C2D NAP R . -42.03 11.22 22.01
O2D NAP R . -41.28 12.39 22.26
C1D NAP R . -41.43 10.37 20.92
N1N NAP R . -41.80 10.72 19.54
C2N NAP R . -43.10 10.79 19.18
C3N NAP R . -43.44 11.06 17.85
C7N NAP R . -44.85 10.81 17.38
O7N NAP R . -45.24 11.32 16.14
N7N NAP R . -45.75 10.15 18.12
C4N NAP R . -42.40 11.29 16.92
C5N NAP R . -41.07 11.23 17.31
C6N NAP R . -40.80 10.93 18.64
P2B NAP R . -48.47 8.50 31.01
O1X NAP R . -48.49 9.90 31.57
O2X NAP R . -49.48 8.52 29.90
O3X NAP R . -48.70 7.42 32.06
O17 PV4 S . -41.99 14.18 20.32
C6 PV4 S . -43.15 14.11 19.63
C5 PV4 S . -44.35 13.66 20.20
O7 PV4 S . -44.40 13.28 21.50
C8 PV4 S . -44.57 14.26 22.44
C13 PV4 S . -44.39 13.92 23.78
C12 PV4 S . -44.56 14.87 24.78
C11 PV4 S . -44.91 16.18 24.43
C10 PV4 S . -45.06 16.54 23.08
C9 PV4 S . -44.92 15.57 22.09
C4 PV4 S . -45.50 13.56 19.42
C3 PV4 S . -45.45 13.99 18.09
C2 PV4 S . -44.26 14.41 17.52
C1 PV4 S . -43.12 14.48 18.30
C14 PV4 S . -44.16 14.85 16.08
C15 PV4 S . -44.34 16.37 15.98
C16 PV4 S . -44.92 16.75 14.62
N GLU T . 3.15 -5.54 5.60
CA GLU T . 3.41 -4.22 4.99
C GLU T . 4.67 -3.58 5.63
O GLU T . 5.46 -2.98 4.86
CB GLU T . 2.17 -3.32 5.15
CG GLU T . 0.91 -4.08 5.58
CD GLU T . 0.89 -5.51 5.03
OE1 GLU T . 0.65 -5.66 3.81
OE2 GLU T . 1.12 -6.45 5.82
OXT GLU T . 4.86 -3.73 6.86
PA NAP U . 8.06 4.59 -7.90
O1A NAP U . 8.60 5.86 -7.41
O2A NAP U . 6.69 4.25 -7.46
O5B NAP U . 8.30 4.50 -9.48
C5B NAP U . 7.73 3.53 -10.32
C4B NAP U . 7.47 4.26 -11.63
O4B NAP U . 6.90 3.35 -12.56
C3B NAP U . 6.47 5.40 -11.49
O3B NAP U . 7.10 6.59 -11.86
C2B NAP U . 5.37 5.04 -12.47
O2B NAP U . 4.76 6.13 -13.13
C1B NAP U . 6.16 4.15 -13.42
N9A NAP U . 5.26 3.32 -14.21
C8A NAP U . 4.49 2.26 -13.79
N7A NAP U . 3.79 1.82 -14.84
C5A NAP U . 4.10 2.58 -15.92
C6A NAP U . 3.65 2.56 -17.23
N6A NAP U . 2.72 1.69 -17.60
N1A NAP U . 4.15 3.50 -18.11
C2A NAP U . 5.08 4.42 -17.71
N3A NAP U . 5.50 4.44 -16.39
C4A NAP U . 5.00 3.54 -15.52
O3 NAP U . 8.89 3.38 -7.23
PN NAP U . 10.44 3.00 -7.27
O1N NAP U . 10.67 2.14 -6.11
O2N NAP U . 11.20 4.26 -7.53
O5D NAP U . 10.42 2.17 -8.66
C5D NAP U . 11.37 2.37 -9.70
C4D NAP U . 12.08 1.07 -10.11
O4D NAP U . 12.95 0.57 -9.13
C3D NAP U . 11.09 -0.06 -10.37
O3D NAP U . 11.48 -0.78 -11.53
C2D NAP U . 11.19 -0.94 -9.15
O2D NAP U . 10.76 -2.26 -9.37
C1D NAP U . 12.68 -0.80 -8.93
N1N NAP U . 13.13 -1.23 -7.61
C2N NAP U . 12.59 -0.70 -6.46
C3N NAP U . 13.10 -1.09 -5.22
C7N NAP U . 12.68 -0.38 -3.96
O7N NAP U . 13.03 -0.98 -2.77
N7N NAP U . 11.96 0.74 -3.97
C4N NAP U . 14.14 -1.99 -5.14
C5N NAP U . 14.68 -2.53 -6.29
C6N NAP U . 14.15 -2.13 -7.52
P2B NAP U . 3.31 6.73 -12.72
O1X NAP U . 2.16 5.76 -13.03
O2X NAP U . 3.21 6.96 -11.22
O3X NAP U . 3.19 7.94 -13.57
O17 PV4 V . 10.57 -3.79 -7.36
C6 PV4 V . 10.51 -3.36 -6.08
C5 PV4 V . 9.68 -2.29 -5.76
O7 PV4 V . 8.98 -1.65 -6.74
C8 PV4 V . 7.84 -2.22 -7.18
C13 PV4 V . 7.29 -1.69 -8.37
C12 PV4 V . 6.11 -2.24 -8.85
C11 PV4 V . 5.49 -3.29 -8.16
C10 PV4 V . 6.05 -3.82 -7.00
C9 PV4 V . 7.22 -3.27 -6.49
C4 PV4 V . 9.62 -1.85 -4.45
C3 PV4 V . 10.34 -2.51 -3.47
C2 PV4 V . 11.20 -3.56 -3.79
C1 PV4 V . 11.25 -4.01 -5.09
C14 PV4 V . 11.94 -4.29 -2.70
C15 PV4 V . 10.96 -5.39 -2.19
C16 PV4 V . 11.38 -5.87 -0.79
N GLU W . 19.35 -22.89 -39.70
CA GLU W . 18.10 -22.72 -38.93
C GLU W . 17.75 -23.97 -38.07
O GLU W . 18.67 -24.77 -37.77
CB GLU W . 17.00 -22.30 -39.90
CG GLU W . 17.34 -20.96 -40.59
CD GLU W . 18.14 -19.90 -39.77
OE1 GLU W . 19.24 -20.28 -39.30
OE2 GLU W . 17.71 -18.73 -39.70
OXT GLU W . 16.58 -24.08 -37.62
PA NAP X . 8.12 -30.50 -28.85
O1A NAP X . 8.15 -31.96 -29.04
O2A NAP X . 7.67 -29.68 -30.01
O5B NAP X . 7.17 -30.28 -27.58
C5B NAP X . 6.62 -29.01 -27.34
C4B NAP X . 5.23 -29.24 -26.78
O4B NAP X . 4.71 -27.97 -26.42
C3B NAP X . 4.24 -29.88 -27.75
O3B NAP X . 3.72 -31.07 -27.20
C2B NAP X . 3.14 -28.84 -27.83
O2B NAP X . 1.82 -29.34 -28.02
C1B NAP X . 3.31 -28.13 -26.48
N9A NAP X . 2.54 -26.88 -26.43
C8A NAP X . 2.88 -25.72 -27.07
N7A NAP X . 1.90 -24.82 -26.85
C5A NAP X . 0.97 -25.39 -26.07
C6A NAP X . -0.20 -24.89 -25.52
N6A NAP X . -0.56 -23.64 -25.85
N1A NAP X . -1.00 -25.70 -24.73
C2A NAP X . -0.61 -27.00 -24.49
N3A NAP X . 0.57 -27.50 -25.04
C4A NAP X . 1.35 -26.69 -25.80
O3 NAP X . 9.56 -29.93 -28.46
PN NAP X . 10.40 -30.23 -27.13
O1N NAP X . 11.79 -29.86 -27.52
O2N NAP X . 10.01 -31.55 -26.61
O5D NAP X . 9.78 -29.20 -26.06
C5D NAP X . 9.41 -29.60 -24.75
C4D NAP X . 9.98 -28.70 -23.68
O4D NAP X . 11.38 -28.87 -23.69
C3D NAP X . 9.75 -27.22 -23.94
O3D NAP X . 9.45 -26.56 -22.72
C2D NAP X . 11.08 -26.75 -24.53
O2D NAP X . 11.32 -25.40 -24.22
C1D NAP X . 12.02 -27.63 -23.73
N1N NAP X . 13.40 -27.73 -24.20
C2N NAP X . 13.68 -28.22 -25.44
C3N NAP X . 15.01 -28.34 -25.82
C7N NAP X . 15.32 -29.06 -27.12
O7N NAP X . 16.62 -28.93 -27.61
N7N NAP X . 14.42 -29.77 -27.77
C4N NAP X . 16.06 -27.98 -24.96
C5N NAP X . 15.75 -27.49 -23.69
C6N NAP X . 14.41 -27.37 -23.34
P2B NAP X . 1.08 -29.33 -29.46
O1X NAP X . 0.70 -27.95 -29.96
O2X NAP X . 2.05 -29.89 -30.46
O3X NAP X . -0.18 -30.12 -29.26
O17 PV4 Y . 13.21 -24.54 -25.48
C6 PV4 Y . 13.97 -25.09 -26.47
C5 PV4 Y . 13.29 -25.66 -27.55
O7 PV4 Y . 11.93 -25.64 -27.50
C8 PV4 Y . 11.31 -24.54 -28.01
C13 PV4 Y . 9.91 -24.48 -27.95
C12 PV4 Y . 9.26 -23.39 -28.53
C11 PV4 Y . 9.97 -22.32 -29.10
C10 PV4 Y . 11.35 -22.40 -29.14
C9 PV4 Y . 12.02 -23.48 -28.59
C4 PV4 Y . 14.00 -26.31 -28.57
C3 PV4 Y . 15.39 -26.29 -28.62
C2 PV4 Y . 16.07 -25.72 -27.55
C1 PV4 Y . 15.37 -25.09 -26.49
C14 PV4 Y . 17.57 -25.69 -27.60
C15 PV4 Y . 17.96 -24.62 -28.61
C16 PV4 Y . 19.46 -24.67 -28.89
N GLU Z . 26.19 -21.10 19.72
CA GLU Z . 27.47 -21.16 19.00
C GLU Z . 28.25 -22.38 19.50
O GLU Z . 28.21 -22.64 20.73
CB GLU Z . 28.26 -19.85 19.13
CG GLU Z . 29.43 -19.90 20.12
CD GLU Z . 30.80 -20.01 19.40
OE1 GLU Z . 31.04 -21.08 18.79
OE2 GLU Z . 31.59 -19.03 19.49
OXT GLU Z . 28.78 -23.10 18.62
PA NAP AA . 32.07 -35.81 9.93
O1A NAP AA . 31.20 -36.94 10.31
O2A NAP AA . 32.93 -35.18 10.95
O5B NAP AA . 33.00 -36.11 8.66
C5B NAP AA . 34.23 -35.46 8.42
C4B NAP AA . 35.22 -36.48 7.86
O4B NAP AA . 36.35 -35.84 7.32
C3B NAP AA . 35.73 -37.39 8.98
O3B NAP AA . 35.43 -38.72 8.63
C2B NAP AA . 37.22 -37.15 9.01
O2B NAP AA . 37.96 -38.31 9.27
C1B NAP AA . 37.45 -36.69 7.59
N9A NAP AA . 38.78 -36.10 7.43
C8A NAP AA . 39.25 -34.90 7.90
N7A NAP AA . 40.54 -34.72 7.50
C5A NAP AA . 40.92 -35.82 6.82
C6A NAP AA . 42.15 -36.18 6.25
N6A NAP AA . 43.22 -35.38 6.28
N1A NAP AA . 42.23 -37.39 5.61
C2A NAP AA . 41.10 -38.20 5.54
N3A NAP AA . 39.92 -37.87 6.15
C4A NAP AA . 39.83 -36.68 6.76
O3 NAP AA . 31.07 -34.63 9.52
PN NAP AA . 30.32 -34.34 8.14
O1N NAP AA . 29.39 -33.22 8.37
O2N NAP AA . 29.84 -35.69 7.79
O5D NAP AA . 31.44 -33.92 7.09
C5D NAP AA . 31.45 -34.58 5.84
C4D NAP AA . 31.46 -33.65 4.64
O4D NAP AA . 30.20 -33.01 4.55
C3D NAP AA . 32.47 -32.51 4.77
O3D NAP AA . 32.99 -32.22 3.50
C2D NAP AA . 31.66 -31.30 5.19
O2D NAP AA . 32.37 -30.12 4.84
C1D NAP AA . 30.39 -31.63 4.41
N1N NAP AA . 29.16 -30.97 4.84
C2N NAP AA . 28.76 -31.03 6.15
C3N NAP AA . 27.60 -30.39 6.50
C7N NAP AA . 26.91 -30.63 7.79
O7N NAP AA . 25.88 -29.75 8.04
N7N NAP AA . 27.17 -31.62 8.63
C4N NAP AA . 26.86 -29.66 5.56
C5N NAP AA . 27.28 -29.62 4.24
C6N NAP AA . 28.47 -30.25 3.90
P2B NAP AA . 38.61 -38.59 10.74
O1X NAP AA . 39.73 -37.58 10.98
O2X NAP AA . 37.56 -38.45 11.83
O3X NAP AA . 39.13 -39.99 10.63
O17 PV4 BA . 31.09 -27.98 5.96
C6 PV4 BA . 30.21 -28.05 6.99
C5 PV4 BA . 30.52 -28.87 8.08
O7 PV4 BA . 31.67 -29.62 8.06
C8 PV4 BA . 32.82 -29.03 8.47
C13 PV4 BA . 34.03 -29.66 8.21
C12 PV4 BA . 35.24 -29.04 8.56
C11 PV4 BA . 35.25 -27.79 9.17
C10 PV4 BA . 34.03 -27.14 9.40
C9 PV4 BA . 32.82 -27.76 9.07
C4 PV4 BA . 29.59 -29.00 9.13
C3 PV4 BA . 28.40 -28.28 9.11
C2 PV4 BA . 28.13 -27.45 8.04
C1 PV4 BA . 29.03 -27.33 6.96
C14 PV4 BA . 26.86 -26.59 8.04
C15 PV4 BA . 27.16 -25.31 8.81
C16 PV4 BA . 25.89 -24.52 9.09
PA NAP CA . 51.30 -9.22 -14.62
O1A NAP CA . 51.54 -7.85 -15.12
O2A NAP CA . 52.34 -10.21 -14.94
O5B NAP CA . 51.05 -9.08 -13.04
C5B NAP CA . 51.10 -10.16 -12.13
C4B NAP CA . 51.70 -9.53 -10.89
O4B NAP CA . 51.63 -10.43 -9.81
C3B NAP CA . 53.18 -9.19 -11.11
O3B NAP CA . 53.49 -7.83 -10.83
C2B NAP CA . 53.86 -10.05 -10.09
O2B NAP CA . 54.94 -9.42 -9.47
C1B NAP CA . 52.77 -10.17 -9.05
N9A NAP CA . 53.13 -11.24 -8.13
C8A NAP CA . 53.12 -12.59 -8.37
N7A NAP CA . 53.50 -13.22 -7.23
C5A NAP CA . 53.71 -12.30 -6.27
C6A NAP CA . 54.11 -12.38 -4.94
N6A NAP CA . 54.37 -13.56 -4.37
N1A NAP CA . 54.27 -11.23 -4.22
C2A NAP CA . 54.00 -10.02 -4.80
N3A NAP CA . 53.60 -9.92 -6.11
C4A NAP CA . 53.48 -11.05 -6.83
O3 NAP CA . 49.90 -9.79 -15.22
PN NAP CA . 48.37 -9.34 -15.09
O1N NAP CA . 47.60 -10.05 -16.14
O2N NAP CA . 48.35 -7.87 -14.92
O5D NAP CA . 47.89 -9.99 -13.69
C5D NAP CA . 47.37 -9.17 -12.68
C4D NAP CA . 46.06 -9.76 -12.13
O4D NAP CA . 45.04 -9.75 -13.10
C3D NAP CA . 46.22 -11.22 -11.68
O3D NAP CA . 45.56 -11.42 -10.46
C2D NAP CA . 45.55 -12.02 -12.79
O2D NAP CA . 45.02 -13.21 -12.28
C1D NAP CA . 44.44 -11.03 -13.16
N1N NAP CA . 43.83 -11.20 -14.48
C2N NAP CA . 44.56 -11.05 -15.62
C3N NAP CA . 43.89 -11.13 -16.85
C7N NAP CA . 44.60 -10.94 -18.16
O7N NAP CA . 43.86 -11.35 -19.29
N7N NAP CA . 45.81 -10.38 -18.29
C4N NAP CA . 42.51 -11.28 -16.88
C5N NAP CA . 41.78 -11.38 -15.71
C6N NAP CA . 42.47 -11.35 -14.51
P2B NAP CA . 56.47 -9.73 -9.88
O1X NAP CA . 56.82 -11.08 -9.28
O2X NAP CA . 56.67 -9.86 -11.38
O3X NAP CA . 57.21 -8.57 -9.24
O17 PV4 DA . 44.36 -14.80 -14.32
C6 PV4 DA . 44.69 -14.54 -15.61
C5 PV4 DA . 45.94 -14.03 -15.99
O7 PV4 DA . 46.88 -13.79 -15.03
C8 PV4 DA . 47.57 -14.89 -14.57
C13 PV4 DA . 48.32 -14.77 -13.40
C12 PV4 DA . 49.03 -15.86 -12.90
C11 PV4 DA . 48.98 -17.09 -13.55
C10 PV4 DA . 48.22 -17.21 -14.71
C9 PV4 DA . 47.53 -16.11 -15.23
C4 PV4 DA . 46.19 -13.74 -17.32
C3 PV4 DA . 45.26 -14.01 -18.32
C2 PV4 DA . 44.02 -14.51 -17.94
C1 PV4 DA . 43.75 -14.78 -16.61
C14 PV4 DA . 42.95 -14.86 -18.94
C15 PV4 DA . 43.05 -16.36 -19.17
C16 PV4 DA . 42.94 -16.69 -20.66
#